data_1NOX
# 
_entry.id   1NOX 
# 
_audit_conform.dict_name       mmcif_pdbx.dic 
_audit_conform.dict_version    5.389 
_audit_conform.dict_location   http://mmcif.pdb.org/dictionaries/ascii/mmcif_pdbx.dic 
# 
loop_
_database_2.database_id 
_database_2.database_code 
_database_2.pdbx_database_accession 
_database_2.pdbx_DOI 
PDB   1NOX         pdb_00001nox 10.2210/pdb1nox/pdb 
WWPDB D_1000175357 ?            ?                   
# 
loop_
_pdbx_audit_revision_history.ordinal 
_pdbx_audit_revision_history.data_content_type 
_pdbx_audit_revision_history.major_revision 
_pdbx_audit_revision_history.minor_revision 
_pdbx_audit_revision_history.revision_date 
1 'Structure model' 1 0 1997-03-12 
2 'Structure model' 1 1 2008-03-24 
3 'Structure model' 1 2 2011-07-13 
4 'Structure model' 1 3 2024-02-14 
5 'Structure model' 1 4 2024-04-03 
# 
_pdbx_audit_revision_details.ordinal             1 
_pdbx_audit_revision_details.revision_ordinal    1 
_pdbx_audit_revision_details.data_content_type   'Structure model' 
_pdbx_audit_revision_details.provider            repository 
_pdbx_audit_revision_details.type                'Initial release' 
_pdbx_audit_revision_details.description         ? 
_pdbx_audit_revision_details.details             ? 
# 
loop_
_pdbx_audit_revision_group.ordinal 
_pdbx_audit_revision_group.revision_ordinal 
_pdbx_audit_revision_group.data_content_type 
_pdbx_audit_revision_group.group 
1 2 'Structure model' 'Version format compliance' 
2 3 'Structure model' 'Derived calculations'      
3 3 'Structure model' 'Source and taxonomy'       
4 3 'Structure model' 'Version format compliance' 
5 4 'Structure model' 'Data collection'           
6 4 'Structure model' 'Database references'       
7 4 'Structure model' 'Derived calculations'      
8 4 'Structure model' Other                       
9 5 'Structure model' 'Refinement description'    
# 
loop_
_pdbx_audit_revision_category.ordinal 
_pdbx_audit_revision_category.revision_ordinal 
_pdbx_audit_revision_category.data_content_type 
_pdbx_audit_revision_category.category 
1 4 'Structure model' chem_comp_atom                
2 4 'Structure model' chem_comp_bond                
3 4 'Structure model' database_2                    
4 4 'Structure model' pdbx_database_status          
5 4 'Structure model' struct_site                   
6 5 'Structure model' pdbx_initial_refinement_model 
# 
loop_
_pdbx_audit_revision_item.ordinal 
_pdbx_audit_revision_item.revision_ordinal 
_pdbx_audit_revision_item.data_content_type 
_pdbx_audit_revision_item.item 
1 4 'Structure model' '_database_2.pdbx_DOI'                
2 4 'Structure model' '_database_2.pdbx_database_accession' 
3 4 'Structure model' '_pdbx_database_status.process_site'  
4 4 'Structure model' '_struct_site.pdbx_auth_asym_id'      
5 4 'Structure model' '_struct_site.pdbx_auth_comp_id'      
6 4 'Structure model' '_struct_site.pdbx_auth_seq_id'       
# 
_pdbx_database_status.status_code                     REL 
_pdbx_database_status.entry_id                        1NOX 
_pdbx_database_status.recvd_initial_deposition_date   1996-11-20 
_pdbx_database_status.deposit_site                    ? 
_pdbx_database_status.process_site                    BNL 
_pdbx_database_status.status_code_sf                  REL 
_pdbx_database_status.status_code_mr                  ? 
_pdbx_database_status.SG_entry                        ? 
_pdbx_database_status.pdb_format_compatible           Y 
_pdbx_database_status.status_code_cs                  ? 
_pdbx_database_status.status_code_nmr_data            ? 
_pdbx_database_status.methods_development_category    ? 
# 
loop_
_audit_author.name 
_audit_author.pdbx_ordinal 
'Hecht, H.J.'  1 
'Erdmann, H.'  2 
'Park, H.J.'   3 
'Sprinzl, M.'  4 
'Schmid, R.D.' 5 
# 
_citation.id                        primary 
_citation.title                     'Crystal structure of NADH oxidase from Thermus thermophilus.' 
_citation.journal_abbrev            Nat.Struct.Biol. 
_citation.journal_volume            2 
_citation.page_first                1109 
_citation.page_last                 1114 
_citation.year                      1995 
_citation.journal_id_ASTM           NSBIEW 
_citation.country                   US 
_citation.journal_id_ISSN           1072-8368 
_citation.journal_id_CSD            2024 
_citation.book_publisher            ? 
_citation.pdbx_database_id_PubMed   8846223 
_citation.pdbx_database_id_DOI      10.1038/nsb1295-1109 
# 
loop_
_citation_author.citation_id 
_citation_author.name 
_citation_author.ordinal 
_citation_author.identifier_ORCID 
primary 'Hecht, H.J.'  1 ? 
primary 'Erdmann, H.'  2 ? 
primary 'Park, H.J.'   3 ? 
primary 'Sprinzl, M.'  4 ? 
primary 'Schmid, R.D.' 5 ? 
# 
loop_
_entity.id 
_entity.type 
_entity.src_method 
_entity.pdbx_description 
_entity.formula_weight 
_entity.pdbx_number_of_molecules 
_entity.pdbx_ec 
_entity.pdbx_mutation 
_entity.pdbx_fragment 
_entity.details 
1 polymer     man 'NADH OXIDASE'          22780.455 1  1.6.99.3 ? ? ? 
2 non-polymer syn 'FLAVIN MONONUCLEOTIDE' 456.344   1  ?        ? ? ? 
3 water       nat water                   18.015    93 ?        ? ? ? 
# 
_entity_poly.entity_id                      1 
_entity_poly.type                           'polypeptide(L)' 
_entity_poly.nstd_linkage                   no 
_entity_poly.nstd_monomer                   no 
_entity_poly.pdbx_seq_one_letter_code       
;MEATLPVLDAKTAALKRRSIRRYRKDPVPEGLLREILEAALRAPSAWNLQPWRIVVVRDPATKRALREAAFGQAHVEEAP
VVLVLYADLEDALAHLDEVIHPGVQGERREAQKQAIQRAFAAMGQEARKAWASGQSYILLGYLLLLLEAYGLGSVPMLGF
DPERVRAILGLPSRAAIPALVALGYPAEEGYPSHRLPLERVVLWR
;
_entity_poly.pdbx_seq_one_letter_code_can   
;MEATLPVLDAKTAALKRRSIRRYRKDPVPEGLLREILEAALRAPSAWNLQPWRIVVVRDPATKRALREAAFGQAHVEEAP
VVLVLYADLEDALAHLDEVIHPGVQGERREAQKQAIQRAFAAMGQEARKAWASGQSYILLGYLLLLLEAYGLGSVPMLGF
DPERVRAILGLPSRAAIPALVALGYPAEEGYPSHRLPLERVVLWR
;
_entity_poly.pdbx_strand_id                 A 
_entity_poly.pdbx_target_identifier         ? 
# 
loop_
_pdbx_entity_nonpoly.entity_id 
_pdbx_entity_nonpoly.name 
_pdbx_entity_nonpoly.comp_id 
2 'FLAVIN MONONUCLEOTIDE' FMN 
3 water                   HOH 
# 
loop_
_entity_poly_seq.entity_id 
_entity_poly_seq.num 
_entity_poly_seq.mon_id 
_entity_poly_seq.hetero 
1 1   MET n 
1 2   GLU n 
1 3   ALA n 
1 4   THR n 
1 5   LEU n 
1 6   PRO n 
1 7   VAL n 
1 8   LEU n 
1 9   ASP n 
1 10  ALA n 
1 11  LYS n 
1 12  THR n 
1 13  ALA n 
1 14  ALA n 
1 15  LEU n 
1 16  LYS n 
1 17  ARG n 
1 18  ARG n 
1 19  SER n 
1 20  ILE n 
1 21  ARG n 
1 22  ARG n 
1 23  TYR n 
1 24  ARG n 
1 25  LYS n 
1 26  ASP n 
1 27  PRO n 
1 28  VAL n 
1 29  PRO n 
1 30  GLU n 
1 31  GLY n 
1 32  LEU n 
1 33  LEU n 
1 34  ARG n 
1 35  GLU n 
1 36  ILE n 
1 37  LEU n 
1 38  GLU n 
1 39  ALA n 
1 40  ALA n 
1 41  LEU n 
1 42  ARG n 
1 43  ALA n 
1 44  PRO n 
1 45  SER n 
1 46  ALA n 
1 47  TRP n 
1 48  ASN n 
1 49  LEU n 
1 50  GLN n 
1 51  PRO n 
1 52  TRP n 
1 53  ARG n 
1 54  ILE n 
1 55  VAL n 
1 56  VAL n 
1 57  VAL n 
1 58  ARG n 
1 59  ASP n 
1 60  PRO n 
1 61  ALA n 
1 62  THR n 
1 63  LYS n 
1 64  ARG n 
1 65  ALA n 
1 66  LEU n 
1 67  ARG n 
1 68  GLU n 
1 69  ALA n 
1 70  ALA n 
1 71  PHE n 
1 72  GLY n 
1 73  GLN n 
1 74  ALA n 
1 75  HIS n 
1 76  VAL n 
1 77  GLU n 
1 78  GLU n 
1 79  ALA n 
1 80  PRO n 
1 81  VAL n 
1 82  VAL n 
1 83  LEU n 
1 84  VAL n 
1 85  LEU n 
1 86  TYR n 
1 87  ALA n 
1 88  ASP n 
1 89  LEU n 
1 90  GLU n 
1 91  ASP n 
1 92  ALA n 
1 93  LEU n 
1 94  ALA n 
1 95  HIS n 
1 96  LEU n 
1 97  ASP n 
1 98  GLU n 
1 99  VAL n 
1 100 ILE n 
1 101 HIS n 
1 102 PRO n 
1 103 GLY n 
1 104 VAL n 
1 105 GLN n 
1 106 GLY n 
1 107 GLU n 
1 108 ARG n 
1 109 ARG n 
1 110 GLU n 
1 111 ALA n 
1 112 GLN n 
1 113 LYS n 
1 114 GLN n 
1 115 ALA n 
1 116 ILE n 
1 117 GLN n 
1 118 ARG n 
1 119 ALA n 
1 120 PHE n 
1 121 ALA n 
1 122 ALA n 
1 123 MET n 
1 124 GLY n 
1 125 GLN n 
1 126 GLU n 
1 127 ALA n 
1 128 ARG n 
1 129 LYS n 
1 130 ALA n 
1 131 TRP n 
1 132 ALA n 
1 133 SER n 
1 134 GLY n 
1 135 GLN n 
1 136 SER n 
1 137 TYR n 
1 138 ILE n 
1 139 LEU n 
1 140 LEU n 
1 141 GLY n 
1 142 TYR n 
1 143 LEU n 
1 144 LEU n 
1 145 LEU n 
1 146 LEU n 
1 147 LEU n 
1 148 GLU n 
1 149 ALA n 
1 150 TYR n 
1 151 GLY n 
1 152 LEU n 
1 153 GLY n 
1 154 SER n 
1 155 VAL n 
1 156 PRO n 
1 157 MET n 
1 158 LEU n 
1 159 GLY n 
1 160 PHE n 
1 161 ASP n 
1 162 PRO n 
1 163 GLU n 
1 164 ARG n 
1 165 VAL n 
1 166 ARG n 
1 167 ALA n 
1 168 ILE n 
1 169 LEU n 
1 170 GLY n 
1 171 LEU n 
1 172 PRO n 
1 173 SER n 
1 174 ARG n 
1 175 ALA n 
1 176 ALA n 
1 177 ILE n 
1 178 PRO n 
1 179 ALA n 
1 180 LEU n 
1 181 VAL n 
1 182 ALA n 
1 183 LEU n 
1 184 GLY n 
1 185 TYR n 
1 186 PRO n 
1 187 ALA n 
1 188 GLU n 
1 189 GLU n 
1 190 GLY n 
1 191 TYR n 
1 192 PRO n 
1 193 SER n 
1 194 HIS n 
1 195 ARG n 
1 196 LEU n 
1 197 PRO n 
1 198 LEU n 
1 199 GLU n 
1 200 ARG n 
1 201 VAL n 
1 202 VAL n 
1 203 LEU n 
1 204 TRP n 
1 205 ARG n 
# 
_entity_src_gen.entity_id                          1 
_entity_src_gen.pdbx_src_id                        1 
_entity_src_gen.pdbx_alt_source_flag               sample 
_entity_src_gen.pdbx_seq_type                      ? 
_entity_src_gen.pdbx_beg_seq_num                   ? 
_entity_src_gen.pdbx_end_seq_num                   ? 
_entity_src_gen.gene_src_common_name               ? 
_entity_src_gen.gene_src_genus                     Thermus 
_entity_src_gen.pdbx_gene_src_gene                 ? 
_entity_src_gen.gene_src_species                   'Thermus thermophilus' 
_entity_src_gen.gene_src_strain                    HB8 
_entity_src_gen.gene_src_tissue                    ? 
_entity_src_gen.gene_src_tissue_fraction           ? 
_entity_src_gen.gene_src_details                   ? 
_entity_src_gen.pdbx_gene_src_fragment             ? 
_entity_src_gen.pdbx_gene_src_scientific_name      'Thermus thermophilus' 
_entity_src_gen.pdbx_gene_src_ncbi_taxonomy_id     300852 
_entity_src_gen.pdbx_gene_src_variant              ? 
_entity_src_gen.pdbx_gene_src_cell_line            ? 
_entity_src_gen.pdbx_gene_src_atcc                 27634 
_entity_src_gen.pdbx_gene_src_organ                ? 
_entity_src_gen.pdbx_gene_src_organelle            ? 
_entity_src_gen.pdbx_gene_src_cell                 ? 
_entity_src_gen.pdbx_gene_src_cellular_location    ? 
_entity_src_gen.host_org_common_name               ? 
_entity_src_gen.pdbx_host_org_scientific_name      'Escherichia coli' 
_entity_src_gen.pdbx_host_org_ncbi_taxonomy_id     562 
_entity_src_gen.host_org_genus                     Escherichia 
_entity_src_gen.pdbx_host_org_gene                 ? 
_entity_src_gen.pdbx_host_org_organ                ? 
_entity_src_gen.host_org_species                   ? 
_entity_src_gen.pdbx_host_org_tissue               ? 
_entity_src_gen.pdbx_host_org_tissue_fraction      ? 
_entity_src_gen.pdbx_host_org_strain               JM109 
_entity_src_gen.pdbx_host_org_variant              ? 
_entity_src_gen.pdbx_host_org_cell_line            ? 
_entity_src_gen.pdbx_host_org_atcc                 ? 
_entity_src_gen.pdbx_host_org_culture_collection   ? 
_entity_src_gen.pdbx_host_org_cell                 ? 
_entity_src_gen.pdbx_host_org_organelle            ? 
_entity_src_gen.pdbx_host_org_cellular_location    ? 
_entity_src_gen.pdbx_host_org_vector_type          ? 
_entity_src_gen.pdbx_host_org_vector               PKK223-3 
_entity_src_gen.host_org_details                   ? 
_entity_src_gen.expression_system_id               ? 
_entity_src_gen.plasmid_name                       PTNADOX 
_entity_src_gen.plasmid_details                    ? 
_entity_src_gen.pdbx_description                   ? 
# 
loop_
_chem_comp.id 
_chem_comp.type 
_chem_comp.mon_nstd_flag 
_chem_comp.name 
_chem_comp.pdbx_synonyms 
_chem_comp.formula 
_chem_comp.formula_weight 
ALA 'L-peptide linking' y ALANINE                 ?                          'C3 H7 N O2'      89.093  
ARG 'L-peptide linking' y ARGININE                ?                          'C6 H15 N4 O2 1'  175.209 
ASN 'L-peptide linking' y ASPARAGINE              ?                          'C4 H8 N2 O3'     132.118 
ASP 'L-peptide linking' y 'ASPARTIC ACID'         ?                          'C4 H7 N O4'      133.103 
FMN non-polymer         . 'FLAVIN MONONUCLEOTIDE' 'RIBOFLAVIN MONOPHOSPHATE' 'C17 H21 N4 O9 P' 456.344 
GLN 'L-peptide linking' y GLUTAMINE               ?                          'C5 H10 N2 O3'    146.144 
GLU 'L-peptide linking' y 'GLUTAMIC ACID'         ?                          'C5 H9 N O4'      147.129 
GLY 'peptide linking'   y GLYCINE                 ?                          'C2 H5 N O2'      75.067  
HIS 'L-peptide linking' y HISTIDINE               ?                          'C6 H10 N3 O2 1'  156.162 
HOH non-polymer         . WATER                   ?                          'H2 O'            18.015  
ILE 'L-peptide linking' y ISOLEUCINE              ?                          'C6 H13 N O2'     131.173 
LEU 'L-peptide linking' y LEUCINE                 ?                          'C6 H13 N O2'     131.173 
LYS 'L-peptide linking' y LYSINE                  ?                          'C6 H15 N2 O2 1'  147.195 
MET 'L-peptide linking' y METHIONINE              ?                          'C5 H11 N O2 S'   149.211 
PHE 'L-peptide linking' y PHENYLALANINE           ?                          'C9 H11 N O2'     165.189 
PRO 'L-peptide linking' y PROLINE                 ?                          'C5 H9 N O2'      115.130 
SER 'L-peptide linking' y SERINE                  ?                          'C3 H7 N O3'      105.093 
THR 'L-peptide linking' y THREONINE               ?                          'C4 H9 N O3'      119.119 
TRP 'L-peptide linking' y TRYPTOPHAN              ?                          'C11 H12 N2 O2'   204.225 
TYR 'L-peptide linking' y TYROSINE                ?                          'C9 H11 N O3'     181.189 
VAL 'L-peptide linking' y VALINE                  ?                          'C5 H11 N O2'     117.146 
# 
loop_
_pdbx_poly_seq_scheme.asym_id 
_pdbx_poly_seq_scheme.entity_id 
_pdbx_poly_seq_scheme.seq_id 
_pdbx_poly_seq_scheme.mon_id 
_pdbx_poly_seq_scheme.ndb_seq_num 
_pdbx_poly_seq_scheme.pdb_seq_num 
_pdbx_poly_seq_scheme.auth_seq_num 
_pdbx_poly_seq_scheme.pdb_mon_id 
_pdbx_poly_seq_scheme.auth_mon_id 
_pdbx_poly_seq_scheme.pdb_strand_id 
_pdbx_poly_seq_scheme.pdb_ins_code 
_pdbx_poly_seq_scheme.hetero 
A 1 1   MET 1   1   ?   ?   ?   A . n 
A 1 2   GLU 2   2   ?   ?   ?   A . n 
A 1 3   ALA 3   3   ?   ?   ?   A . n 
A 1 4   THR 4   4   ?   ?   ?   A . n 
A 1 5   LEU 5   5   ?   ?   ?   A . n 
A 1 6   PRO 6   6   6   PRO PRO A . n 
A 1 7   VAL 7   7   7   VAL VAL A . n 
A 1 8   LEU 8   8   8   LEU LEU A . n 
A 1 9   ASP 9   9   9   ASP ASP A . n 
A 1 10  ALA 10  10  10  ALA ALA A . n 
A 1 11  LYS 11  11  11  LYS LYS A . n 
A 1 12  THR 12  12  12  THR THR A . n 
A 1 13  ALA 13  13  13  ALA ALA A . n 
A 1 14  ALA 14  14  14  ALA ALA A . n 
A 1 15  LEU 15  15  15  LEU LEU A . n 
A 1 16  LYS 16  16  16  LYS LYS A . n 
A 1 17  ARG 17  17  17  ARG ARG A . n 
A 1 18  ARG 18  18  18  ARG ARG A . n 
A 1 19  SER 19  19  19  SER SER A . n 
A 1 20  ILE 20  20  20  ILE ILE A . n 
A 1 21  ARG 21  21  21  ARG ARG A . n 
A 1 22  ARG 22  22  22  ARG ARG A . n 
A 1 23  TYR 23  23  23  TYR TYR A . n 
A 1 24  ARG 24  24  24  ARG ARG A . n 
A 1 25  LYS 25  25  25  LYS LYS A . n 
A 1 26  ASP 26  26  26  ASP ASP A . n 
A 1 27  PRO 27  27  27  PRO PRO A . n 
A 1 28  VAL 28  28  28  VAL VAL A . n 
A 1 29  PRO 29  29  29  PRO PRO A . n 
A 1 30  GLU 30  30  30  GLU GLU A . n 
A 1 31  GLY 31  31  31  GLY GLY A . n 
A 1 32  LEU 32  32  32  LEU LEU A . n 
A 1 33  LEU 33  33  33  LEU LEU A . n 
A 1 34  ARG 34  34  34  ARG ARG A . n 
A 1 35  GLU 35  35  35  GLU GLU A . n 
A 1 36  ILE 36  36  36  ILE ILE A . n 
A 1 37  LEU 37  37  37  LEU LEU A . n 
A 1 38  GLU 38  38  38  GLU GLU A . n 
A 1 39  ALA 39  39  39  ALA ALA A . n 
A 1 40  ALA 40  40  40  ALA ALA A . n 
A 1 41  LEU 41  41  41  LEU LEU A . n 
A 1 42  ARG 42  42  42  ARG ARG A . n 
A 1 43  ALA 43  43  43  ALA ALA A . n 
A 1 44  PRO 44  44  44  PRO PRO A . n 
A 1 45  SER 45  45  45  SER SER A . n 
A 1 46  ALA 46  46  46  ALA ALA A . n 
A 1 47  TRP 47  47  47  TRP TRP A . n 
A 1 48  ASN 48  48  48  ASN ASN A . n 
A 1 49  LEU 49  49  49  LEU LEU A . n 
A 1 50  GLN 50  50  50  GLN GLN A . n 
A 1 51  PRO 51  51  51  PRO PRO A . n 
A 1 52  TRP 52  52  52  TRP TRP A . n 
A 1 53  ARG 53  53  53  ARG ARG A . n 
A 1 54  ILE 54  54  54  ILE ILE A . n 
A 1 55  VAL 55  55  55  VAL VAL A . n 
A 1 56  VAL 56  56  56  VAL VAL A . n 
A 1 57  VAL 57  57  57  VAL VAL A . n 
A 1 58  ARG 58  58  58  ARG ARG A . n 
A 1 59  ASP 59  59  59  ASP ASP A . n 
A 1 60  PRO 60  60  60  PRO PRO A . n 
A 1 61  ALA 61  61  61  ALA ALA A . n 
A 1 62  THR 62  62  62  THR THR A . n 
A 1 63  LYS 63  63  63  LYS LYS A . n 
A 1 64  ARG 64  64  64  ARG ARG A . n 
A 1 65  ALA 65  65  65  ALA ALA A . n 
A 1 66  LEU 66  66  66  LEU LEU A . n 
A 1 67  ARG 67  67  67  ARG ARG A . n 
A 1 68  GLU 68  68  68  GLU GLU A . n 
A 1 69  ALA 69  69  69  ALA ALA A . n 
A 1 70  ALA 70  70  70  ALA ALA A . n 
A 1 71  PHE 71  71  71  PHE PHE A . n 
A 1 72  GLY 72  72  72  GLY GLY A . n 
A 1 73  GLN 73  73  73  GLN GLN A . n 
A 1 74  ALA 74  74  74  ALA ALA A . n 
A 1 75  HIS 75  75  75  HIS HIS A . n 
A 1 76  VAL 76  76  76  VAL VAL A . n 
A 1 77  GLU 77  77  77  GLU GLU A . n 
A 1 78  GLU 78  78  78  GLU GLU A . n 
A 1 79  ALA 79  79  79  ALA ALA A . n 
A 1 80  PRO 80  80  80  PRO PRO A . n 
A 1 81  VAL 81  81  81  VAL VAL A . n 
A 1 82  VAL 82  82  82  VAL VAL A . n 
A 1 83  LEU 83  83  83  LEU LEU A . n 
A 1 84  VAL 84  84  84  VAL VAL A . n 
A 1 85  LEU 85  85  85  LEU LEU A . n 
A 1 86  TYR 86  86  86  TYR TYR A . n 
A 1 87  ALA 87  87  87  ALA ALA A . n 
A 1 88  ASP 88  88  88  ASP ASP A . n 
A 1 89  LEU 89  89  89  LEU LEU A . n 
A 1 90  GLU 90  90  90  GLU GLU A . n 
A 1 91  ASP 91  91  91  ASP ASP A . n 
A 1 92  ALA 92  92  92  ALA ALA A . n 
A 1 93  LEU 93  93  93  LEU LEU A . n 
A 1 94  ALA 94  94  94  ALA ALA A . n 
A 1 95  HIS 95  95  95  HIS HIS A . n 
A 1 96  LEU 96  96  96  LEU LEU A . n 
A 1 97  ASP 97  97  97  ASP ASP A . n 
A 1 98  GLU 98  98  98  GLU GLU A . n 
A 1 99  VAL 99  99  99  VAL VAL A . n 
A 1 100 ILE 100 100 100 ILE ILE A . n 
A 1 101 HIS 101 101 101 HIS HIS A . n 
A 1 102 PRO 102 102 102 PRO PRO A . n 
A 1 103 GLY 103 103 103 GLY GLY A . n 
A 1 104 VAL 104 104 104 VAL VAL A . n 
A 1 105 GLN 105 105 105 GLN GLN A . n 
A 1 106 GLY 106 106 106 GLY GLY A . n 
A 1 107 GLU 107 107 107 GLU GLU A . n 
A 1 108 ARG 108 108 108 ARG ARG A . n 
A 1 109 ARG 109 109 109 ARG ARG A . n 
A 1 110 GLU 110 110 110 GLU GLU A . n 
A 1 111 ALA 111 111 111 ALA ALA A . n 
A 1 112 GLN 112 112 112 GLN GLN A . n 
A 1 113 LYS 113 113 113 LYS LYS A . n 
A 1 114 GLN 114 114 114 GLN GLN A . n 
A 1 115 ALA 115 115 115 ALA ALA A . n 
A 1 116 ILE 116 116 116 ILE ILE A . n 
A 1 117 GLN 117 117 117 GLN GLN A . n 
A 1 118 ARG 118 118 118 ARG ARG A . n 
A 1 119 ALA 119 119 119 ALA ALA A . n 
A 1 120 PHE 120 120 120 PHE PHE A . n 
A 1 121 ALA 121 121 121 ALA ALA A . n 
A 1 122 ALA 122 122 122 ALA ALA A . n 
A 1 123 MET 123 123 123 MET MET A . n 
A 1 124 GLY 124 124 124 GLY GLY A . n 
A 1 125 GLN 125 125 125 GLN GLN A . n 
A 1 126 GLU 126 126 126 GLU GLU A . n 
A 1 127 ALA 127 127 127 ALA ALA A . n 
A 1 128 ARG 128 128 128 ARG ARG A . n 
A 1 129 LYS 129 129 129 LYS LYS A . n 
A 1 130 ALA 130 130 130 ALA ALA A . n 
A 1 131 TRP 131 131 131 TRP TRP A . n 
A 1 132 ALA 132 132 132 ALA ALA A . n 
A 1 133 SER 133 133 133 SER SER A . n 
A 1 134 GLY 134 134 134 GLY GLY A . n 
A 1 135 GLN 135 135 135 GLN GLN A . n 
A 1 136 SER 136 136 136 SER SER A . n 
A 1 137 TYR 137 137 137 TYR TYR A . n 
A 1 138 ILE 138 138 138 ILE ILE A . n 
A 1 139 LEU 139 139 139 LEU LEU A . n 
A 1 140 LEU 140 140 140 LEU LEU A . n 
A 1 141 GLY 141 141 141 GLY GLY A . n 
A 1 142 TYR 142 142 142 TYR TYR A . n 
A 1 143 LEU 143 143 143 LEU LEU A . n 
A 1 144 LEU 144 144 144 LEU LEU A . n 
A 1 145 LEU 145 145 145 LEU LEU A . n 
A 1 146 LEU 146 146 146 LEU LEU A . n 
A 1 147 LEU 147 147 147 LEU LEU A . n 
A 1 148 GLU 148 148 148 GLU GLU A . n 
A 1 149 ALA 149 149 149 ALA ALA A . n 
A 1 150 TYR 150 150 150 TYR TYR A . n 
A 1 151 GLY 151 151 151 GLY GLY A . n 
A 1 152 LEU 152 152 152 LEU LEU A . n 
A 1 153 GLY 153 153 153 GLY GLY A . n 
A 1 154 SER 154 154 154 SER SER A . n 
A 1 155 VAL 155 155 155 VAL VAL A . n 
A 1 156 PRO 156 156 156 PRO PRO A . n 
A 1 157 MET 157 157 157 MET MET A . n 
A 1 158 LEU 158 158 158 LEU LEU A . n 
A 1 159 GLY 159 159 159 GLY GLY A . n 
A 1 160 PHE 160 160 160 PHE PHE A . n 
A 1 161 ASP 161 161 161 ASP ASP A . n 
A 1 162 PRO 162 162 162 PRO PRO A . n 
A 1 163 GLU 163 163 163 GLU GLU A . n 
A 1 164 ARG 164 164 164 ARG ARG A . n 
A 1 165 VAL 165 165 165 VAL VAL A . n 
A 1 166 ARG 166 166 166 ARG ARG A . n 
A 1 167 ALA 167 167 167 ALA ALA A . n 
A 1 168 ILE 168 168 168 ILE ILE A . n 
A 1 169 LEU 169 169 169 LEU LEU A . n 
A 1 170 GLY 170 170 170 GLY GLY A . n 
A 1 171 LEU 171 171 171 LEU LEU A . n 
A 1 172 PRO 172 172 172 PRO PRO A . n 
A 1 173 SER 173 173 173 SER SER A . n 
A 1 174 ARG 174 174 174 ARG ARG A . n 
A 1 175 ALA 175 175 175 ALA ALA A . n 
A 1 176 ALA 176 176 176 ALA ALA A . n 
A 1 177 ILE 177 177 177 ILE ILE A . n 
A 1 178 PRO 178 178 178 PRO PRO A . n 
A 1 179 ALA 179 179 179 ALA ALA A . n 
A 1 180 LEU 180 180 180 LEU LEU A . n 
A 1 181 VAL 181 181 181 VAL VAL A . n 
A 1 182 ALA 182 182 182 ALA ALA A . n 
A 1 183 LEU 183 183 183 LEU LEU A . n 
A 1 184 GLY 184 184 184 GLY GLY A . n 
A 1 185 TYR 185 185 185 TYR TYR A . n 
A 1 186 PRO 186 186 186 PRO PRO A . n 
A 1 187 ALA 187 187 187 ALA ALA A . n 
A 1 188 GLU 188 188 188 GLU GLU A . n 
A 1 189 GLU 189 189 189 GLU GLU A . n 
A 1 190 GLY 190 190 190 GLY GLY A . n 
A 1 191 TYR 191 191 191 TYR TYR A . n 
A 1 192 PRO 192 192 192 PRO PRO A . n 
A 1 193 SER 193 193 193 SER SER A . n 
A 1 194 HIS 194 194 194 HIS HIS A . n 
A 1 195 ARG 195 195 195 ARG ARG A . n 
A 1 196 LEU 196 196 196 LEU LEU A . n 
A 1 197 PRO 197 197 197 PRO PRO A . n 
A 1 198 LEU 198 198 198 LEU LEU A . n 
A 1 199 GLU 199 199 199 GLU GLU A . n 
A 1 200 ARG 200 200 200 ARG ARG A . n 
A 1 201 VAL 201 201 201 VAL VAL A . n 
A 1 202 VAL 202 202 202 VAL VAL A . n 
A 1 203 LEU 203 203 203 LEU LEU A . n 
A 1 204 TRP 204 204 204 TRP TRP A . n 
A 1 205 ARG 205 205 205 ARG ARG A . n 
# 
loop_
_pdbx_nonpoly_scheme.asym_id 
_pdbx_nonpoly_scheme.entity_id 
_pdbx_nonpoly_scheme.mon_id 
_pdbx_nonpoly_scheme.ndb_seq_num 
_pdbx_nonpoly_scheme.pdb_seq_num 
_pdbx_nonpoly_scheme.auth_seq_num 
_pdbx_nonpoly_scheme.pdb_mon_id 
_pdbx_nonpoly_scheme.auth_mon_id 
_pdbx_nonpoly_scheme.pdb_strand_id 
_pdbx_nonpoly_scheme.pdb_ins_code 
B 2 FMN 1  300 300 FMN FMN A . 
C 3 HOH 1  301 1   HOH HOH A . 
C 3 HOH 2  302 2   HOH HOH A . 
C 3 HOH 3  303 3   HOH HOH A . 
C 3 HOH 4  304 4   HOH HOH A . 
C 3 HOH 5  305 5   HOH HOH A . 
C 3 HOH 6  306 6   HOH HOH A . 
C 3 HOH 7  307 7   HOH HOH A . 
C 3 HOH 8  308 8   HOH HOH A . 
C 3 HOH 9  309 9   HOH HOH A . 
C 3 HOH 10 310 10  HOH HOH A . 
C 3 HOH 11 311 11  HOH HOH A . 
C 3 HOH 12 312 12  HOH HOH A . 
C 3 HOH 13 313 13  HOH HOH A . 
C 3 HOH 14 314 14  HOH HOH A . 
C 3 HOH 15 315 15  HOH HOH A . 
C 3 HOH 16 316 16  HOH HOH A . 
C 3 HOH 17 317 17  HOH HOH A . 
C 3 HOH 18 318 18  HOH HOH A . 
C 3 HOH 19 319 19  HOH HOH A . 
C 3 HOH 20 320 20  HOH HOH A . 
C 3 HOH 21 321 21  HOH HOH A . 
C 3 HOH 22 322 22  HOH HOH A . 
C 3 HOH 23 323 23  HOH HOH A . 
C 3 HOH 24 324 24  HOH HOH A . 
C 3 HOH 25 325 25  HOH HOH A . 
C 3 HOH 26 326 26  HOH HOH A . 
C 3 HOH 27 327 27  HOH HOH A . 
C 3 HOH 28 328 28  HOH HOH A . 
C 3 HOH 29 329 29  HOH HOH A . 
C 3 HOH 30 330 30  HOH HOH A . 
C 3 HOH 31 331 31  HOH HOH A . 
C 3 HOH 32 332 32  HOH HOH A . 
C 3 HOH 33 333 33  HOH HOH A . 
C 3 HOH 34 334 34  HOH HOH A . 
C 3 HOH 35 335 35  HOH HOH A . 
C 3 HOH 36 336 36  HOH HOH A . 
C 3 HOH 37 337 37  HOH HOH A . 
C 3 HOH 38 338 38  HOH HOH A . 
C 3 HOH 39 339 39  HOH HOH A . 
C 3 HOH 40 340 40  HOH HOH A . 
C 3 HOH 41 341 41  HOH HOH A . 
C 3 HOH 42 342 42  HOH HOH A . 
C 3 HOH 43 343 43  HOH HOH A . 
C 3 HOH 44 344 44  HOH HOH A . 
C 3 HOH 45 345 45  HOH HOH A . 
C 3 HOH 46 346 46  HOH HOH A . 
C 3 HOH 47 347 47  HOH HOH A . 
C 3 HOH 48 348 48  HOH HOH A . 
C 3 HOH 49 349 49  HOH HOH A . 
C 3 HOH 50 350 50  HOH HOH A . 
C 3 HOH 51 351 51  HOH HOH A . 
C 3 HOH 52 352 53  HOH HOH A . 
C 3 HOH 53 353 54  HOH HOH A . 
C 3 HOH 54 354 55  HOH HOH A . 
C 3 HOH 55 355 56  HOH HOH A . 
C 3 HOH 56 356 57  HOH HOH A . 
C 3 HOH 57 357 58  HOH HOH A . 
C 3 HOH 58 358 59  HOH HOH A . 
C 3 HOH 59 359 60  HOH HOH A . 
C 3 HOH 60 360 61  HOH HOH A . 
C 3 HOH 61 361 62  HOH HOH A . 
C 3 HOH 62 362 63  HOH HOH A . 
C 3 HOH 63 363 64  HOH HOH A . 
C 3 HOH 64 364 65  HOH HOH A . 
C 3 HOH 65 365 66  HOH HOH A . 
C 3 HOH 66 366 68  HOH HOH A . 
C 3 HOH 67 367 69  HOH HOH A . 
C 3 HOH 68 368 70  HOH HOH A . 
C 3 HOH 69 369 71  HOH HOH A . 
C 3 HOH 70 370 72  HOH HOH A . 
C 3 HOH 71 371 73  HOH HOH A . 
C 3 HOH 72 372 74  HOH HOH A . 
C 3 HOH 73 373 75  HOH HOH A . 
C 3 HOH 74 374 76  HOH HOH A . 
C 3 HOH 75 375 78  HOH HOH A . 
C 3 HOH 76 376 79  HOH HOH A . 
C 3 HOH 77 377 80  HOH HOH A . 
C 3 HOH 78 378 81  HOH HOH A . 
C 3 HOH 79 379 82  HOH HOH A . 
C 3 HOH 80 380 83  HOH HOH A . 
C 3 HOH 81 381 84  HOH HOH A . 
C 3 HOH 82 382 85  HOH HOH A . 
C 3 HOH 83 383 86  HOH HOH A . 
C 3 HOH 84 384 87  HOH HOH A . 
C 3 HOH 85 385 88  HOH HOH A . 
C 3 HOH 86 386 89  HOH HOH A . 
C 3 HOH 87 387 90  HOH HOH A . 
C 3 HOH 88 388 91  HOH HOH A . 
C 3 HOH 89 389 92  HOH HOH A . 
C 3 HOH 90 390 93  HOH HOH A . 
C 3 HOH 91 391 94  HOH HOH A . 
C 3 HOH 92 392 95  HOH HOH A . 
C 3 HOH 93 393 96  HOH HOH A . 
# 
loop_
_software.name 
_software.classification 
_software.version 
_software.citation_id 
_software.pdbx_ordinal 
X-PLOR 'model building' .           ? 1 
REFMAC refinement       .           ? 2 
X-PLOR refinement       .           ? 3 
MOSFLM 'data reduction' .           ? 4 
CCP4   'data scaling'   '(AGROVATA' ? 5 
SCALA  'data scaling'   .           ? 6 
X-PLOR phasing          .           ? 7 
# 
_cell.entry_id           1NOX 
_cell.length_a           62.530 
_cell.length_b           60.600 
_cell.length_c           56.660 
_cell.angle_alpha        90.00 
_cell.angle_beta         90.00 
_cell.angle_gamma        90.00 
_cell.Z_PDB              4 
_cell.pdbx_unique_axis   ? 
# 
_symmetry.entry_id                         1NOX 
_symmetry.space_group_name_H-M             'P 21 21 2' 
_symmetry.pdbx_full_space_group_name_H-M   ? 
_symmetry.cell_setting                     ? 
_symmetry.Int_Tables_number                18 
# 
_exptl.entry_id          1NOX 
_exptl.method            'X-RAY DIFFRACTION' 
_exptl.crystals_number   1 
# 
_exptl_crystal.id                    1 
_exptl_crystal.density_meas          ? 
_exptl_crystal.density_Matthews      2.4 
_exptl_crystal.density_percent_sol   47. 
_exptl_crystal.description           ? 
# 
_exptl_crystal_grow.crystal_id      1 
_exptl_crystal_grow.method          ? 
_exptl_crystal_grow.temp            ? 
_exptl_crystal_grow.temp_details    ? 
_exptl_crystal_grow.pH              6.0 
_exptl_crystal_grow.pdbx_pH_range   ? 
_exptl_crystal_grow.pdbx_details    '0.05 M MES-TRIS BUFFER PH 6.0, 26 % PEG 4000, 0.3 M NACL, 50 MM FMN' 
# 
_diffrn.id                     1 
_diffrn.ambient_temp           283 
_diffrn.ambient_temp_details   ? 
_diffrn.crystal_id             1 
# 
_diffrn_detector.diffrn_id              1 
_diffrn_detector.detector               'IMAGE PLATE' 
_diffrn_detector.type                   MARRESEARCH 
_diffrn_detector.pdbx_collection_date   1993-11 
_diffrn_detector.details                MIRRORS 
# 
_diffrn_radiation.diffrn_id                        1 
_diffrn_radiation.wavelength_id                    1 
_diffrn_radiation.pdbx_monochromatic_or_laue_m_l   M 
_diffrn_radiation.monochromator                    'SI(111)' 
_diffrn_radiation.pdbx_diffrn_protocol             ? 
_diffrn_radiation.pdbx_scattering_type             x-ray 
# 
_diffrn_radiation_wavelength.id           1 
_diffrn_radiation_wavelength.wavelength   1.0 
_diffrn_radiation_wavelength.wt           1.0 
# 
_diffrn_source.diffrn_id                   1 
_diffrn_source.source                      SYNCHROTRON 
_diffrn_source.type                        'MPG/DESY, HAMBURG BEAMLINE BW6' 
_diffrn_source.pdbx_synchrotron_site       'MPG/DESY, HAMBURG' 
_diffrn_source.pdbx_synchrotron_beamline   BW6 
_diffrn_source.pdbx_wavelength             1.0 
_diffrn_source.pdbx_wavelength_list        ? 
# 
_reflns.entry_id                     1NOX 
_reflns.observed_criterion_sigma_I   0. 
_reflns.observed_criterion_sigma_F   ? 
_reflns.d_resolution_low             ? 
_reflns.d_resolution_high            1.59 
_reflns.number_obs                   28064 
_reflns.number_all                   ? 
_reflns.percent_possible_obs         96.2 
_reflns.pdbx_Rmerge_I_obs            0.0710000 
_reflns.pdbx_Rsym_value              0.0690000 
_reflns.pdbx_netI_over_sigmaI        6.2 
_reflns.B_iso_Wilson_estimate        18.2 
_reflns.pdbx_redundancy              3.9 
_reflns.pdbx_ordinal                 1 
_reflns.pdbx_diffrn_id               1 
# 
_reflns_shell.d_res_high             1.59 
_reflns_shell.d_res_low              1.68 
_reflns_shell.percent_possible_all   95.3 
_reflns_shell.Rmerge_I_obs           0.0710000 
_reflns_shell.pdbx_Rsym_value        0.0710000 
_reflns_shell.meanI_over_sigI_obs    3.2 
_reflns_shell.pdbx_redundancy        3.8 
_reflns_shell.pdbx_ordinal           1 
_reflns_shell.pdbx_diffrn_id         1 
# 
_refine.entry_id                                 1NOX 
_refine.ls_number_reflns_obs                     28064 
_refine.ls_number_reflns_all                     ? 
_refine.pdbx_ls_sigma_I                          ? 
_refine.pdbx_ls_sigma_F                          0. 
_refine.pdbx_data_cutoff_high_absF               ? 
_refine.pdbx_data_cutoff_low_absF                ? 
_refine.pdbx_data_cutoff_high_rms_absF           ? 
_refine.ls_d_res_low                             21.0 
_refine.ls_d_res_high                            1.59 
_refine.ls_percent_reflns_obs                    96.2 
_refine.ls_R_factor_obs                          0.1896 
_refine.ls_R_factor_all                          ? 
_refine.ls_R_factor_R_work                       0.1823 
_refine.ls_R_factor_R_free                       0.20432 
_refine.ls_R_factor_R_free_error                 ? 
_refine.ls_R_factor_R_free_error_details         ? 
_refine.ls_percent_reflns_R_free                 5.0 
_refine.ls_number_reflns_R_free                  28064 
_refine.ls_number_parameters                     ? 
_refine.ls_number_restraints                     ? 
_refine.occupancy_min                            ? 
_refine.occupancy_max                            ? 
_refine.correlation_coeff_Fo_to_Fc               ? 
_refine.correlation_coeff_Fo_to_Fc_free          ? 
_refine.B_iso_mean                               23.3 
_refine.aniso_B[1][1]                            ? 
_refine.aniso_B[2][2]                            ? 
_refine.aniso_B[3][3]                            ? 
_refine.aniso_B[1][2]                            ? 
_refine.aniso_B[1][3]                            ? 
_refine.aniso_B[2][3]                            ? 
_refine.solvent_model_details                    ? 
_refine.solvent_model_param_ksol                 ? 
_refine.solvent_model_param_bsol                 ? 
_refine.pdbx_solvent_vdw_probe_radii             ? 
_refine.pdbx_solvent_ion_probe_radii             ? 
_refine.pdbx_solvent_shrinkage_radii             ? 
_refine.pdbx_ls_cross_valid_method               ? 
_refine.details                                  'FREE-R-VALUE INTRODUCED LATE IN REFINEMENT.' 
_refine.pdbx_starting_model                      'MODEL FROM ISOMORPHOUS REPLACEMENT' 
_refine.pdbx_method_to_determine_struct          'ISOMORPHOUS AND MOLECULAR REPLACEMENT' 
_refine.pdbx_isotropic_thermal_model             ? 
_refine.pdbx_stereochemistry_target_values       ? 
_refine.pdbx_stereochem_target_val_spec_case     ? 
_refine.pdbx_R_Free_selection_details            ? 
_refine.pdbx_overall_ESU_R                       ? 
_refine.pdbx_overall_ESU_R_Free                  ? 
_refine.overall_SU_ML                            ? 
_refine.overall_SU_B                             ? 
_refine.pdbx_refine_id                           'X-RAY DIFFRACTION' 
_refine.pdbx_diffrn_id                           1 
_refine.pdbx_TLS_residual_ADP_flag               ? 
_refine.pdbx_overall_phase_error                 ? 
_refine.overall_SU_R_Cruickshank_DPI             ? 
_refine.pdbx_overall_SU_R_free_Cruickshank_DPI   ? 
_refine.pdbx_overall_SU_R_Blow_DPI               ? 
_refine.pdbx_overall_SU_R_free_Blow_DPI          ? 
# 
_refine_analyze.entry_id                        1NOX 
_refine_analyze.Luzzati_coordinate_error_obs    ? 
_refine_analyze.Luzzati_sigma_a_obs             0.03 
_refine_analyze.Luzzati_d_res_low_obs           7. 
_refine_analyze.Luzzati_coordinate_error_free   ? 
_refine_analyze.Luzzati_sigma_a_free            ? 
_refine_analyze.Luzzati_d_res_low_free          ? 
_refine_analyze.number_disordered_residues      ? 
_refine_analyze.occupancy_sum_hydrogen          ? 
_refine_analyze.occupancy_sum_non_hydrogen      ? 
_refine_analyze.pdbx_refine_id                  'X-RAY DIFFRACTION' 
# 
_refine_hist.pdbx_refine_id                   'X-RAY DIFFRACTION' 
_refine_hist.cycle_id                         LAST 
_refine_hist.pdbx_number_atoms_protein        1571 
_refine_hist.pdbx_number_atoms_nucleic_acid   0 
_refine_hist.pdbx_number_atoms_ligand         31 
_refine_hist.number_atoms_solvent             93 
_refine_hist.number_atoms_total               1695 
_refine_hist.d_res_high                       1.59 
_refine_hist.d_res_low                        21.0 
# 
loop_
_refine_ls_restr.type 
_refine_ls_restr.dev_ideal 
_refine_ls_restr.dev_ideal_target 
_refine_ls_restr.weight 
_refine_ls_restr.number 
_refine_ls_restr.pdbx_refine_id 
_refine_ls_restr.pdbx_restraint_function 
p_bond_d            0.016  0.020 ? ? 'X-RAY DIFFRACTION' ? 
p_angle_d           0.031  0.040 ? ? 'X-RAY DIFFRACTION' ? 
p_angle_deg         ?      ?     ? ? 'X-RAY DIFFRACTION' ? 
p_planar_d          0.033  0.050 ? ? 'X-RAY DIFFRACTION' ? 
p_hb_or_metal_coord ?      ?     ? ? 'X-RAY DIFFRACTION' ? 
p_mcbond_it         1.651  2.000 ? ? 'X-RAY DIFFRACTION' ? 
p_mcangle_it        2.423  3.000 ? ? 'X-RAY DIFFRACTION' ? 
p_scbond_it         2.503  2.000 ? ? 'X-RAY DIFFRACTION' ? 
p_scangle_it        4.017  3.000 ? ? 'X-RAY DIFFRACTION' ? 
p_plane_restr       0.0245 0.03  ? ? 'X-RAY DIFFRACTION' ? 
p_chiral_restr      0.134  0.150 ? ? 'X-RAY DIFFRACTION' ? 
p_singtor_nbd       0.173  0.300 ? ? 'X-RAY DIFFRACTION' ? 
p_multtor_nbd       0.274  0.300 ? ? 'X-RAY DIFFRACTION' ? 
p_xhyhbond_nbd      ?      ?     ? ? 'X-RAY DIFFRACTION' ? 
p_xyhbond_nbd       ?      ?     ? ? 'X-RAY DIFFRACTION' ? 
p_planar_tor        4.1    7.0   ? ? 'X-RAY DIFFRACTION' ? 
p_staggered_tor     16.0   15.0  ? ? 'X-RAY DIFFRACTION' ? 
p_orthonormal_tor   ?      ?     ? ? 'X-RAY DIFFRACTION' ? 
p_transverse_tor    29.7   20.0  ? ? 'X-RAY DIFFRACTION' ? 
p_special_tor       ?      ?     ? ? 'X-RAY DIFFRACTION' ? 
# 
_struct.entry_id                  1NOX 
_struct.title                     'NADH OXIDASE FROM THERMUS THERMOPHILUS' 
_struct.pdbx_model_details        ? 
_struct.pdbx_CASP_flag            ? 
_struct.pdbx_model_type_details   ? 
# 
_struct_keywords.entry_id        1NOX 
_struct_keywords.pdbx_keywords   FLAVOENZYME 
_struct_keywords.text            'FLAVOENZYME, FLAVOPROTEIN FMN, OXIDOREDUCTASE, THERMOPHILE' 
# 
loop_
_struct_asym.id 
_struct_asym.pdbx_blank_PDB_chainid_flag 
_struct_asym.pdbx_modified 
_struct_asym.entity_id 
_struct_asym.details 
A N N 1 ? 
B N N 2 ? 
C N N 3 ? 
# 
_struct_ref.id                         1 
_struct_ref.db_name                    UNP 
_struct_ref.db_code                    NOX_THET8 
_struct_ref.entity_id                  1 
_struct_ref.pdbx_db_accession          Q60049 
_struct_ref.pdbx_align_begin           1 
_struct_ref.pdbx_seq_one_letter_code   
;MEATLPVLDAKTAALKRRSIRRYRKDPVPEGLLREILEAALRAPSAWNLQPWRIVVVRDPATKRALREAAFGQAHVEEAP
VVLVLYADLEDALAHLDEVIHPGVQGERREAQKQAIQRAFAAMGQEARKAWASGQSYILLGYLLLLLEAYGLGSVPMLGF
DPERVRAILGLPSRAAIPALVALGYPAEEGYPSHRLPLERVVLWR
;
_struct_ref.pdbx_db_isoform            ? 
# 
_struct_ref_seq.align_id                      1 
_struct_ref_seq.ref_id                        1 
_struct_ref_seq.pdbx_PDB_id_code              1NOX 
_struct_ref_seq.pdbx_strand_id                A 
_struct_ref_seq.seq_align_beg                 1 
_struct_ref_seq.pdbx_seq_align_beg_ins_code   ? 
_struct_ref_seq.seq_align_end                 205 
_struct_ref_seq.pdbx_seq_align_end_ins_code   ? 
_struct_ref_seq.pdbx_db_accession             Q60049 
_struct_ref_seq.db_align_beg                  1 
_struct_ref_seq.pdbx_db_align_beg_ins_code    ? 
_struct_ref_seq.db_align_end                  205 
_struct_ref_seq.pdbx_db_align_end_ins_code    ? 
_struct_ref_seq.pdbx_auth_seq_align_beg       1 
_struct_ref_seq.pdbx_auth_seq_align_end       205 
# 
_pdbx_struct_assembly.id                   1 
_pdbx_struct_assembly.details              author_and_software_defined_assembly 
_pdbx_struct_assembly.method_details       PISA,PQS 
_pdbx_struct_assembly.oligomeric_details   dimeric 
_pdbx_struct_assembly.oligomeric_count     2 
# 
loop_
_pdbx_struct_assembly_prop.biol_id 
_pdbx_struct_assembly_prop.type 
_pdbx_struct_assembly_prop.value 
_pdbx_struct_assembly_prop.details 
1 'ABSA (A^2)' 8030  ? 
1 MORE         -39   ? 
1 'SSA (A^2)'  17180 ? 
# 
_pdbx_struct_assembly_gen.assembly_id       1 
_pdbx_struct_assembly_gen.oper_expression   1,2 
_pdbx_struct_assembly_gen.asym_id_list      A,B,C 
# 
loop_
_pdbx_struct_oper_list.id 
_pdbx_struct_oper_list.type 
_pdbx_struct_oper_list.name 
_pdbx_struct_oper_list.symmetry_operation 
_pdbx_struct_oper_list.matrix[1][1] 
_pdbx_struct_oper_list.matrix[1][2] 
_pdbx_struct_oper_list.matrix[1][3] 
_pdbx_struct_oper_list.vector[1] 
_pdbx_struct_oper_list.matrix[2][1] 
_pdbx_struct_oper_list.matrix[2][2] 
_pdbx_struct_oper_list.matrix[2][3] 
_pdbx_struct_oper_list.vector[2] 
_pdbx_struct_oper_list.matrix[3][1] 
_pdbx_struct_oper_list.matrix[3][2] 
_pdbx_struct_oper_list.matrix[3][3] 
_pdbx_struct_oper_list.vector[3] 
1 'identity operation'         1_555 x,y,z     1.0000000000  0.0000000000 0.0000000000 0.0000000000 0.0000000000 1.0000000000 0.0000000000 0.0000000000 0.0000000000 0.0000000000 1.0000000000  0.0000000000   
2 'crystal symmetry operation' 2_565 -x,-y+1,z -0.8503373540 0.4121533469 0.3271941366 3.7775817151 0.4121533469 0.1350219037 0.9010542182 9.3689476360 0.3271941366 0.9010542182 -0.2846845498 -13.5296006422 
# 
_struct_biol.id   1 
# 
loop_
_struct_conf.conf_type_id 
_struct_conf.id 
_struct_conf.pdbx_PDB_helix_id 
_struct_conf.beg_label_comp_id 
_struct_conf.beg_label_asym_id 
_struct_conf.beg_label_seq_id 
_struct_conf.pdbx_beg_PDB_ins_code 
_struct_conf.end_label_comp_id 
_struct_conf.end_label_asym_id 
_struct_conf.end_label_seq_id 
_struct_conf.pdbx_end_PDB_ins_code 
_struct_conf.beg_auth_comp_id 
_struct_conf.beg_auth_asym_id 
_struct_conf.beg_auth_seq_id 
_struct_conf.end_auth_comp_id 
_struct_conf.end_auth_asym_id 
_struct_conf.end_auth_seq_id 
_struct_conf.pdbx_PDB_helix_class 
_struct_conf.details 
_struct_conf.pdbx_PDB_helix_length 
HELX_P HELX_P1  1  ALA A 10  ? LYS A 16  ? ALA A 10  LYS A 16  1 ? 7  
HELX_P HELX_P2  2  GLU A 30  ? ARG A 42  ? GLU A 30  ARG A 42  1 ? 13 
HELX_P HELX_P3  3  ALA A 46  ? ASN A 48  ? ALA A 46  ASN A 48  5 ? 3  
HELX_P HELX_P4  4  PRO A 60  ? ALA A 69  ? PRO A 60  ALA A 69  1 ? 10 
HELX_P HELX_P5  5  ALA A 74  ? GLU A 78  ? ALA A 74  GLU A 78  1 ? 5  
HELX_P HELX_P6  6  LEU A 89  ? GLU A 98  ? LEU A 89  GLU A 98  1 ? 10 
HELX_P HELX_P7  7  GLU A 107 ? ALA A 121 ? GLU A 107 ALA A 121 1 ? 15 
HELX_P HELX_P8  8  GLN A 125 ? ALA A 149 ? GLN A 125 ALA A 149 1 ? 25 
HELX_P HELX_P9  9  PRO A 162 ? LEU A 169 ? PRO A 162 LEU A 169 1 ? 8  
HELX_P HELX_P10 10 LEU A 198 ? VAL A 201 ? LEU A 198 VAL A 201 1 ? 4  
# 
_struct_conf_type.id          HELX_P 
_struct_conf_type.criteria    ? 
_struct_conf_type.reference   ? 
# 
_struct_sheet.id               A 
_struct_sheet.type             ? 
_struct_sheet.number_strands   4 
_struct_sheet.details          ? 
# 
loop_
_struct_sheet_order.sheet_id 
_struct_sheet_order.range_id_1 
_struct_sheet_order.range_id_2 
_struct_sheet_order.offset 
_struct_sheet_order.sense 
A 1 2 ? anti-parallel 
A 2 3 ? anti-parallel 
A 3 4 ? anti-parallel 
# 
loop_
_struct_sheet_range.sheet_id 
_struct_sheet_range.id 
_struct_sheet_range.beg_label_comp_id 
_struct_sheet_range.beg_label_asym_id 
_struct_sheet_range.beg_label_seq_id 
_struct_sheet_range.pdbx_beg_PDB_ins_code 
_struct_sheet_range.end_label_comp_id 
_struct_sheet_range.end_label_asym_id 
_struct_sheet_range.end_label_seq_id 
_struct_sheet_range.pdbx_end_PDB_ins_code 
_struct_sheet_range.beg_auth_comp_id 
_struct_sheet_range.beg_auth_asym_id 
_struct_sheet_range.beg_auth_seq_id 
_struct_sheet_range.end_auth_comp_id 
_struct_sheet_range.end_auth_asym_id 
_struct_sheet_range.end_auth_seq_id 
A 1 TRP A 52  ? VAL A 57  ? TRP A 52  VAL A 57  
A 2 VAL A 81  ? ALA A 87  ? VAL A 81  ALA A 87  
A 3 ALA A 179 ? GLY A 184 ? ALA A 179 GLY A 184 
A 4 GLY A 153 ? MET A 157 ? GLY A 153 MET A 157 
# 
loop_
_pdbx_struct_sheet_hbond.sheet_id 
_pdbx_struct_sheet_hbond.range_id_1 
_pdbx_struct_sheet_hbond.range_id_2 
_pdbx_struct_sheet_hbond.range_1_label_atom_id 
_pdbx_struct_sheet_hbond.range_1_label_comp_id 
_pdbx_struct_sheet_hbond.range_1_label_asym_id 
_pdbx_struct_sheet_hbond.range_1_label_seq_id 
_pdbx_struct_sheet_hbond.range_1_PDB_ins_code 
_pdbx_struct_sheet_hbond.range_1_auth_atom_id 
_pdbx_struct_sheet_hbond.range_1_auth_comp_id 
_pdbx_struct_sheet_hbond.range_1_auth_asym_id 
_pdbx_struct_sheet_hbond.range_1_auth_seq_id 
_pdbx_struct_sheet_hbond.range_2_label_atom_id 
_pdbx_struct_sheet_hbond.range_2_label_comp_id 
_pdbx_struct_sheet_hbond.range_2_label_asym_id 
_pdbx_struct_sheet_hbond.range_2_label_seq_id 
_pdbx_struct_sheet_hbond.range_2_PDB_ins_code 
_pdbx_struct_sheet_hbond.range_2_auth_atom_id 
_pdbx_struct_sheet_hbond.range_2_auth_comp_id 
_pdbx_struct_sheet_hbond.range_2_auth_asym_id 
_pdbx_struct_sheet_hbond.range_2_auth_seq_id 
A 1 2 O ARG A 53  ? O ARG A 53  N TYR A 86  ? N TYR A 86  
A 2 3 O VAL A 81  ? O VAL A 81  N LEU A 183 ? N LEU A 183 
A 3 4 O LEU A 180 ? O LEU A 180 N MET A 157 ? N MET A 157 
# 
loop_
_struct_site.id 
_struct_site.pdbx_evidence_code 
_struct_site.pdbx_auth_asym_id 
_struct_site.pdbx_auth_comp_id 
_struct_site.pdbx_auth_seq_id 
_struct_site.pdbx_auth_ins_code 
_struct_site.pdbx_num_residues 
_struct_site.details 
COF Unknown  ? ?   ?   ? 1  COFACTOR                             
AC1 Software A FMN 300 ? 21 'BINDING SITE FOR RESIDUE FMN A 300' 
# 
loop_
_struct_site_gen.id 
_struct_site_gen.site_id 
_struct_site_gen.pdbx_num_res 
_struct_site_gen.label_comp_id 
_struct_site_gen.label_asym_id 
_struct_site_gen.label_seq_id 
_struct_site_gen.pdbx_auth_ins_code 
_struct_site_gen.auth_comp_id 
_struct_site_gen.auth_asym_id 
_struct_site_gen.auth_seq_id 
_struct_site_gen.label_atom_id 
_struct_site_gen.label_alt_id 
_struct_site_gen.symmetry 
_struct_site_gen.details 
1  COF 1  FMN B .   ? FMN A 300 . ? 1_555 ? 
2  AC1 21 ARG A 17  ? ARG A 17  . ? 1_555 ? 
3  AC1 21 ARG A 18  ? ARG A 18  . ? 1_555 ? 
4  AC1 21 SER A 19  ? SER A 19  . ? 1_555 ? 
5  AC1 21 ARG A 21  ? ARG A 21  . ? 1_555 ? 
6  AC1 21 PRO A 44  ? PRO A 44  . ? 2_565 ? 
7  AC1 21 SER A 45  ? SER A 45  . ? 2_565 ? 
8  AC1 21 ALA A 46  ? ALA A 46  . ? 2_565 ? 
9  AC1 21 ASN A 48  ? ASN A 48  . ? 2_565 ? 
10 AC1 21 GLN A 73  ? GLN A 73  . ? 1_555 ? 
11 AC1 21 GLN A 135 ? GLN A 135 . ? 2_565 ? 
12 AC1 21 PRO A 156 ? PRO A 156 . ? 1_555 ? 
13 AC1 21 MET A 157 ? MET A 157 . ? 1_555 ? 
14 AC1 21 LEU A 158 ? LEU A 158 . ? 1_555 ? 
15 AC1 21 GLY A 159 ? GLY A 159 . ? 1_555 ? 
16 AC1 21 SER A 193 ? SER A 193 . ? 1_555 ? 
17 AC1 21 ARG A 195 ? ARG A 195 . ? 1_555 ? 
18 AC1 21 HOH C .   ? HOH A 302 . ? 1_555 ? 
19 AC1 21 HOH C .   ? HOH A 303 . ? 1_555 ? 
20 AC1 21 HOH C .   ? HOH A 311 . ? 1_555 ? 
21 AC1 21 HOH C .   ? HOH A 353 . ? 1_555 ? 
22 AC1 21 HOH C .   ? HOH A 373 . ? 1_555 ? 
# 
loop_
_pdbx_validate_rmsd_angle.id 
_pdbx_validate_rmsd_angle.PDB_model_num 
_pdbx_validate_rmsd_angle.auth_atom_id_1 
_pdbx_validate_rmsd_angle.auth_asym_id_1 
_pdbx_validate_rmsd_angle.auth_comp_id_1 
_pdbx_validate_rmsd_angle.auth_seq_id_1 
_pdbx_validate_rmsd_angle.PDB_ins_code_1 
_pdbx_validate_rmsd_angle.label_alt_id_1 
_pdbx_validate_rmsd_angle.auth_atom_id_2 
_pdbx_validate_rmsd_angle.auth_asym_id_2 
_pdbx_validate_rmsd_angle.auth_comp_id_2 
_pdbx_validate_rmsd_angle.auth_seq_id_2 
_pdbx_validate_rmsd_angle.PDB_ins_code_2 
_pdbx_validate_rmsd_angle.label_alt_id_2 
_pdbx_validate_rmsd_angle.auth_atom_id_3 
_pdbx_validate_rmsd_angle.auth_asym_id_3 
_pdbx_validate_rmsd_angle.auth_comp_id_3 
_pdbx_validate_rmsd_angle.auth_seq_id_3 
_pdbx_validate_rmsd_angle.PDB_ins_code_3 
_pdbx_validate_rmsd_angle.label_alt_id_3 
_pdbx_validate_rmsd_angle.angle_value 
_pdbx_validate_rmsd_angle.angle_target_value 
_pdbx_validate_rmsd_angle.angle_deviation 
_pdbx_validate_rmsd_angle.angle_standard_deviation 
_pdbx_validate_rmsd_angle.linker_flag 
1  1 NE A ARG 17  ? ? CZ A ARG 17  ? ? NH1 A ARG 17  ? ? 123.65 120.30 3.35  0.50 N 
2  1 NE A ARG 18  ? ? CZ A ARG 18  ? ? NH2 A ARG 18  ? ? 116.69 120.30 -3.61 0.50 N 
3  1 NE A ARG 21  ? ? CZ A ARG 21  ? ? NH1 A ARG 21  ? ? 124.51 120.30 4.21  0.50 N 
4  1 NE A ARG 22  ? ? CZ A ARG 22  ? ? NH1 A ARG 22  ? ? 124.13 120.30 3.83  0.50 N 
5  1 CB A TYR 23  ? ? CG A TYR 23  ? ? CD2 A TYR 23  ? ? 113.29 121.00 -7.71 0.60 N 
6  1 NE A ARG 67  ? ? CZ A ARG 67  ? ? NH2 A ARG 67  ? ? 116.11 120.30 -4.19 0.50 N 
7  1 CB A TYR 150 ? ? CG A TYR 150 ? ? CD1 A TYR 150 ? ? 125.31 121.00 4.31  0.60 N 
8  1 CD A ARG 166 ? ? NE A ARG 166 ? ? CZ  A ARG 166 ? ? 132.21 123.60 8.61  1.40 N 
9  1 NE A ARG 195 ? ? CZ A ARG 195 ? ? NH1 A ARG 195 ? ? 127.99 120.30 7.69  0.50 N 
10 1 NE A ARG 195 ? ? CZ A ARG 195 ? ? NH2 A ARG 195 ? ? 114.98 120.30 -5.32 0.50 N 
11 1 CA A LEU 203 ? ? CB A LEU 203 ? ? CG  A LEU 203 ? ? 136.05 115.30 20.75 2.30 N 
12 1 NE A ARG 205 ? ? CZ A ARG 205 ? ? NH1 A ARG 205 ? ? 123.60 120.30 3.30  0.50 N 
# 
loop_
_pdbx_validate_torsion.id 
_pdbx_validate_torsion.PDB_model_num 
_pdbx_validate_torsion.auth_comp_id 
_pdbx_validate_torsion.auth_asym_id 
_pdbx_validate_torsion.auth_seq_id 
_pdbx_validate_torsion.PDB_ins_code 
_pdbx_validate_torsion.label_alt_id 
_pdbx_validate_torsion.phi 
_pdbx_validate_torsion.psi 
1 1 TRP A 47 ? ? 59.58  18.83 
2 1 ALA A 70 ? ? -98.89 34.11 
# 
loop_
_pdbx_unobs_or_zero_occ_residues.id 
_pdbx_unobs_or_zero_occ_residues.PDB_model_num 
_pdbx_unobs_or_zero_occ_residues.polymer_flag 
_pdbx_unobs_or_zero_occ_residues.occupancy_flag 
_pdbx_unobs_or_zero_occ_residues.auth_asym_id 
_pdbx_unobs_or_zero_occ_residues.auth_comp_id 
_pdbx_unobs_or_zero_occ_residues.auth_seq_id 
_pdbx_unobs_or_zero_occ_residues.PDB_ins_code 
_pdbx_unobs_or_zero_occ_residues.label_asym_id 
_pdbx_unobs_or_zero_occ_residues.label_comp_id 
_pdbx_unobs_or_zero_occ_residues.label_seq_id 
1 1 Y 1 A MET 1 ? A MET 1 
2 1 Y 1 A GLU 2 ? A GLU 2 
3 1 Y 1 A ALA 3 ? A ALA 3 
4 1 Y 1 A THR 4 ? A THR 4 
5 1 Y 1 A LEU 5 ? A LEU 5 
# 
loop_
_chem_comp_atom.comp_id 
_chem_comp_atom.atom_id 
_chem_comp_atom.type_symbol 
_chem_comp_atom.pdbx_aromatic_flag 
_chem_comp_atom.pdbx_stereo_config 
_chem_comp_atom.pdbx_ordinal 
ALA N      N N N 1   
ALA CA     C N S 2   
ALA C      C N N 3   
ALA O      O N N 4   
ALA CB     C N N 5   
ALA OXT    O N N 6   
ALA H      H N N 7   
ALA H2     H N N 8   
ALA HA     H N N 9   
ALA HB1    H N N 10  
ALA HB2    H N N 11  
ALA HB3    H N N 12  
ALA HXT    H N N 13  
ARG N      N N N 14  
ARG CA     C N S 15  
ARG C      C N N 16  
ARG O      O N N 17  
ARG CB     C N N 18  
ARG CG     C N N 19  
ARG CD     C N N 20  
ARG NE     N N N 21  
ARG CZ     C N N 22  
ARG NH1    N N N 23  
ARG NH2    N N N 24  
ARG OXT    O N N 25  
ARG H      H N N 26  
ARG H2     H N N 27  
ARG HA     H N N 28  
ARG HB2    H N N 29  
ARG HB3    H N N 30  
ARG HG2    H N N 31  
ARG HG3    H N N 32  
ARG HD2    H N N 33  
ARG HD3    H N N 34  
ARG HE     H N N 35  
ARG HH11   H N N 36  
ARG HH12   H N N 37  
ARG HH21   H N N 38  
ARG HH22   H N N 39  
ARG HXT    H N N 40  
ASN N      N N N 41  
ASN CA     C N S 42  
ASN C      C N N 43  
ASN O      O N N 44  
ASN CB     C N N 45  
ASN CG     C N N 46  
ASN OD1    O N N 47  
ASN ND2    N N N 48  
ASN OXT    O N N 49  
ASN H      H N N 50  
ASN H2     H N N 51  
ASN HA     H N N 52  
ASN HB2    H N N 53  
ASN HB3    H N N 54  
ASN HD21   H N N 55  
ASN HD22   H N N 56  
ASN HXT    H N N 57  
ASP N      N N N 58  
ASP CA     C N S 59  
ASP C      C N N 60  
ASP O      O N N 61  
ASP CB     C N N 62  
ASP CG     C N N 63  
ASP OD1    O N N 64  
ASP OD2    O N N 65  
ASP OXT    O N N 66  
ASP H      H N N 67  
ASP H2     H N N 68  
ASP HA     H N N 69  
ASP HB2    H N N 70  
ASP HB3    H N N 71  
ASP HD2    H N N 72  
ASP HXT    H N N 73  
FMN N1     N N N 74  
FMN C2     C N N 75  
FMN O2     O N N 76  
FMN N3     N N N 77  
FMN C4     C N N 78  
FMN O4     O N N 79  
FMN C4A    C N N 80  
FMN N5     N N N 81  
FMN C5A    C Y N 82  
FMN C6     C Y N 83  
FMN C7     C Y N 84  
FMN C7M    C N N 85  
FMN C8     C Y N 86  
FMN C8M    C N N 87  
FMN C9     C Y N 88  
FMN C9A    C Y N 89  
FMN N10    N N N 90  
FMN C10    C N N 91  
FMN "C1'"  C N N 92  
FMN "C2'"  C N S 93  
FMN "O2'"  O N N 94  
FMN "C3'"  C N S 95  
FMN "O3'"  O N N 96  
FMN "C4'"  C N R 97  
FMN "O4'"  O N N 98  
FMN "C5'"  C N N 99  
FMN "O5'"  O N N 100 
FMN P      P N N 101 
FMN O1P    O N N 102 
FMN O2P    O N N 103 
FMN O3P    O N N 104 
FMN HN3    H N N 105 
FMN H6     H N N 106 
FMN HM71   H N N 107 
FMN HM72   H N N 108 
FMN HM73   H N N 109 
FMN HM81   H N N 110 
FMN HM82   H N N 111 
FMN HM83   H N N 112 
FMN H9     H N N 113 
FMN "H1'1" H N N 114 
FMN "H1'2" H N N 115 
FMN "H2'"  H N N 116 
FMN "HO2'" H N N 117 
FMN "H3'"  H N N 118 
FMN "HO3'" H N N 119 
FMN "H4'"  H N N 120 
FMN "HO4'" H N N 121 
FMN "H5'1" H N N 122 
FMN "H5'2" H N N 123 
FMN HOP2   H N N 124 
FMN HOP3   H N N 125 
GLN N      N N N 126 
GLN CA     C N S 127 
GLN C      C N N 128 
GLN O      O N N 129 
GLN CB     C N N 130 
GLN CG     C N N 131 
GLN CD     C N N 132 
GLN OE1    O N N 133 
GLN NE2    N N N 134 
GLN OXT    O N N 135 
GLN H      H N N 136 
GLN H2     H N N 137 
GLN HA     H N N 138 
GLN HB2    H N N 139 
GLN HB3    H N N 140 
GLN HG2    H N N 141 
GLN HG3    H N N 142 
GLN HE21   H N N 143 
GLN HE22   H N N 144 
GLN HXT    H N N 145 
GLU N      N N N 146 
GLU CA     C N S 147 
GLU C      C N N 148 
GLU O      O N N 149 
GLU CB     C N N 150 
GLU CG     C N N 151 
GLU CD     C N N 152 
GLU OE1    O N N 153 
GLU OE2    O N N 154 
GLU OXT    O N N 155 
GLU H      H N N 156 
GLU H2     H N N 157 
GLU HA     H N N 158 
GLU HB2    H N N 159 
GLU HB3    H N N 160 
GLU HG2    H N N 161 
GLU HG3    H N N 162 
GLU HE2    H N N 163 
GLU HXT    H N N 164 
GLY N      N N N 165 
GLY CA     C N N 166 
GLY C      C N N 167 
GLY O      O N N 168 
GLY OXT    O N N 169 
GLY H      H N N 170 
GLY H2     H N N 171 
GLY HA2    H N N 172 
GLY HA3    H N N 173 
GLY HXT    H N N 174 
HIS N      N N N 175 
HIS CA     C N S 176 
HIS C      C N N 177 
HIS O      O N N 178 
HIS CB     C N N 179 
HIS CG     C Y N 180 
HIS ND1    N Y N 181 
HIS CD2    C Y N 182 
HIS CE1    C Y N 183 
HIS NE2    N Y N 184 
HIS OXT    O N N 185 
HIS H      H N N 186 
HIS H2     H N N 187 
HIS HA     H N N 188 
HIS HB2    H N N 189 
HIS HB3    H N N 190 
HIS HD1    H N N 191 
HIS HD2    H N N 192 
HIS HE1    H N N 193 
HIS HE2    H N N 194 
HIS HXT    H N N 195 
HOH O      O N N 196 
HOH H1     H N N 197 
HOH H2     H N N 198 
ILE N      N N N 199 
ILE CA     C N S 200 
ILE C      C N N 201 
ILE O      O N N 202 
ILE CB     C N S 203 
ILE CG1    C N N 204 
ILE CG2    C N N 205 
ILE CD1    C N N 206 
ILE OXT    O N N 207 
ILE H      H N N 208 
ILE H2     H N N 209 
ILE HA     H N N 210 
ILE HB     H N N 211 
ILE HG12   H N N 212 
ILE HG13   H N N 213 
ILE HG21   H N N 214 
ILE HG22   H N N 215 
ILE HG23   H N N 216 
ILE HD11   H N N 217 
ILE HD12   H N N 218 
ILE HD13   H N N 219 
ILE HXT    H N N 220 
LEU N      N N N 221 
LEU CA     C N S 222 
LEU C      C N N 223 
LEU O      O N N 224 
LEU CB     C N N 225 
LEU CG     C N N 226 
LEU CD1    C N N 227 
LEU CD2    C N N 228 
LEU OXT    O N N 229 
LEU H      H N N 230 
LEU H2     H N N 231 
LEU HA     H N N 232 
LEU HB2    H N N 233 
LEU HB3    H N N 234 
LEU HG     H N N 235 
LEU HD11   H N N 236 
LEU HD12   H N N 237 
LEU HD13   H N N 238 
LEU HD21   H N N 239 
LEU HD22   H N N 240 
LEU HD23   H N N 241 
LEU HXT    H N N 242 
LYS N      N N N 243 
LYS CA     C N S 244 
LYS C      C N N 245 
LYS O      O N N 246 
LYS CB     C N N 247 
LYS CG     C N N 248 
LYS CD     C N N 249 
LYS CE     C N N 250 
LYS NZ     N N N 251 
LYS OXT    O N N 252 
LYS H      H N N 253 
LYS H2     H N N 254 
LYS HA     H N N 255 
LYS HB2    H N N 256 
LYS HB3    H N N 257 
LYS HG2    H N N 258 
LYS HG3    H N N 259 
LYS HD2    H N N 260 
LYS HD3    H N N 261 
LYS HE2    H N N 262 
LYS HE3    H N N 263 
LYS HZ1    H N N 264 
LYS HZ2    H N N 265 
LYS HZ3    H N N 266 
LYS HXT    H N N 267 
MET N      N N N 268 
MET CA     C N S 269 
MET C      C N N 270 
MET O      O N N 271 
MET CB     C N N 272 
MET CG     C N N 273 
MET SD     S N N 274 
MET CE     C N N 275 
MET OXT    O N N 276 
MET H      H N N 277 
MET H2     H N N 278 
MET HA     H N N 279 
MET HB2    H N N 280 
MET HB3    H N N 281 
MET HG2    H N N 282 
MET HG3    H N N 283 
MET HE1    H N N 284 
MET HE2    H N N 285 
MET HE3    H N N 286 
MET HXT    H N N 287 
PHE N      N N N 288 
PHE CA     C N S 289 
PHE C      C N N 290 
PHE O      O N N 291 
PHE CB     C N N 292 
PHE CG     C Y N 293 
PHE CD1    C Y N 294 
PHE CD2    C Y N 295 
PHE CE1    C Y N 296 
PHE CE2    C Y N 297 
PHE CZ     C Y N 298 
PHE OXT    O N N 299 
PHE H      H N N 300 
PHE H2     H N N 301 
PHE HA     H N N 302 
PHE HB2    H N N 303 
PHE HB3    H N N 304 
PHE HD1    H N N 305 
PHE HD2    H N N 306 
PHE HE1    H N N 307 
PHE HE2    H N N 308 
PHE HZ     H N N 309 
PHE HXT    H N N 310 
PRO N      N N N 311 
PRO CA     C N S 312 
PRO C      C N N 313 
PRO O      O N N 314 
PRO CB     C N N 315 
PRO CG     C N N 316 
PRO CD     C N N 317 
PRO OXT    O N N 318 
PRO H      H N N 319 
PRO HA     H N N 320 
PRO HB2    H N N 321 
PRO HB3    H N N 322 
PRO HG2    H N N 323 
PRO HG3    H N N 324 
PRO HD2    H N N 325 
PRO HD3    H N N 326 
PRO HXT    H N N 327 
SER N      N N N 328 
SER CA     C N S 329 
SER C      C N N 330 
SER O      O N N 331 
SER CB     C N N 332 
SER OG     O N N 333 
SER OXT    O N N 334 
SER H      H N N 335 
SER H2     H N N 336 
SER HA     H N N 337 
SER HB2    H N N 338 
SER HB3    H N N 339 
SER HG     H N N 340 
SER HXT    H N N 341 
THR N      N N N 342 
THR CA     C N S 343 
THR C      C N N 344 
THR O      O N N 345 
THR CB     C N R 346 
THR OG1    O N N 347 
THR CG2    C N N 348 
THR OXT    O N N 349 
THR H      H N N 350 
THR H2     H N N 351 
THR HA     H N N 352 
THR HB     H N N 353 
THR HG1    H N N 354 
THR HG21   H N N 355 
THR HG22   H N N 356 
THR HG23   H N N 357 
THR HXT    H N N 358 
TRP N      N N N 359 
TRP CA     C N S 360 
TRP C      C N N 361 
TRP O      O N N 362 
TRP CB     C N N 363 
TRP CG     C Y N 364 
TRP CD1    C Y N 365 
TRP CD2    C Y N 366 
TRP NE1    N Y N 367 
TRP CE2    C Y N 368 
TRP CE3    C Y N 369 
TRP CZ2    C Y N 370 
TRP CZ3    C Y N 371 
TRP CH2    C Y N 372 
TRP OXT    O N N 373 
TRP H      H N N 374 
TRP H2     H N N 375 
TRP HA     H N N 376 
TRP HB2    H N N 377 
TRP HB3    H N N 378 
TRP HD1    H N N 379 
TRP HE1    H N N 380 
TRP HE3    H N N 381 
TRP HZ2    H N N 382 
TRP HZ3    H N N 383 
TRP HH2    H N N 384 
TRP HXT    H N N 385 
TYR N      N N N 386 
TYR CA     C N S 387 
TYR C      C N N 388 
TYR O      O N N 389 
TYR CB     C N N 390 
TYR CG     C Y N 391 
TYR CD1    C Y N 392 
TYR CD2    C Y N 393 
TYR CE1    C Y N 394 
TYR CE2    C Y N 395 
TYR CZ     C Y N 396 
TYR OH     O N N 397 
TYR OXT    O N N 398 
TYR H      H N N 399 
TYR H2     H N N 400 
TYR HA     H N N 401 
TYR HB2    H N N 402 
TYR HB3    H N N 403 
TYR HD1    H N N 404 
TYR HD2    H N N 405 
TYR HE1    H N N 406 
TYR HE2    H N N 407 
TYR HH     H N N 408 
TYR HXT    H N N 409 
VAL N      N N N 410 
VAL CA     C N S 411 
VAL C      C N N 412 
VAL O      O N N 413 
VAL CB     C N N 414 
VAL CG1    C N N 415 
VAL CG2    C N N 416 
VAL OXT    O N N 417 
VAL H      H N N 418 
VAL H2     H N N 419 
VAL HA     H N N 420 
VAL HB     H N N 421 
VAL HG11   H N N 422 
VAL HG12   H N N 423 
VAL HG13   H N N 424 
VAL HG21   H N N 425 
VAL HG22   H N N 426 
VAL HG23   H N N 427 
VAL HXT    H N N 428 
# 
loop_
_chem_comp_bond.comp_id 
_chem_comp_bond.atom_id_1 
_chem_comp_bond.atom_id_2 
_chem_comp_bond.value_order 
_chem_comp_bond.pdbx_aromatic_flag 
_chem_comp_bond.pdbx_stereo_config 
_chem_comp_bond.pdbx_ordinal 
ALA N     CA     sing N N 1   
ALA N     H      sing N N 2   
ALA N     H2     sing N N 3   
ALA CA    C      sing N N 4   
ALA CA    CB     sing N N 5   
ALA CA    HA     sing N N 6   
ALA C     O      doub N N 7   
ALA C     OXT    sing N N 8   
ALA CB    HB1    sing N N 9   
ALA CB    HB2    sing N N 10  
ALA CB    HB3    sing N N 11  
ALA OXT   HXT    sing N N 12  
ARG N     CA     sing N N 13  
ARG N     H      sing N N 14  
ARG N     H2     sing N N 15  
ARG CA    C      sing N N 16  
ARG CA    CB     sing N N 17  
ARG CA    HA     sing N N 18  
ARG C     O      doub N N 19  
ARG C     OXT    sing N N 20  
ARG CB    CG     sing N N 21  
ARG CB    HB2    sing N N 22  
ARG CB    HB3    sing N N 23  
ARG CG    CD     sing N N 24  
ARG CG    HG2    sing N N 25  
ARG CG    HG3    sing N N 26  
ARG CD    NE     sing N N 27  
ARG CD    HD2    sing N N 28  
ARG CD    HD3    sing N N 29  
ARG NE    CZ     sing N N 30  
ARG NE    HE     sing N N 31  
ARG CZ    NH1    sing N N 32  
ARG CZ    NH2    doub N N 33  
ARG NH1   HH11   sing N N 34  
ARG NH1   HH12   sing N N 35  
ARG NH2   HH21   sing N N 36  
ARG NH2   HH22   sing N N 37  
ARG OXT   HXT    sing N N 38  
ASN N     CA     sing N N 39  
ASN N     H      sing N N 40  
ASN N     H2     sing N N 41  
ASN CA    C      sing N N 42  
ASN CA    CB     sing N N 43  
ASN CA    HA     sing N N 44  
ASN C     O      doub N N 45  
ASN C     OXT    sing N N 46  
ASN CB    CG     sing N N 47  
ASN CB    HB2    sing N N 48  
ASN CB    HB3    sing N N 49  
ASN CG    OD1    doub N N 50  
ASN CG    ND2    sing N N 51  
ASN ND2   HD21   sing N N 52  
ASN ND2   HD22   sing N N 53  
ASN OXT   HXT    sing N N 54  
ASP N     CA     sing N N 55  
ASP N     H      sing N N 56  
ASP N     H2     sing N N 57  
ASP CA    C      sing N N 58  
ASP CA    CB     sing N N 59  
ASP CA    HA     sing N N 60  
ASP C     O      doub N N 61  
ASP C     OXT    sing N N 62  
ASP CB    CG     sing N N 63  
ASP CB    HB2    sing N N 64  
ASP CB    HB3    sing N N 65  
ASP CG    OD1    doub N N 66  
ASP CG    OD2    sing N N 67  
ASP OD2   HD2    sing N N 68  
ASP OXT   HXT    sing N N 69  
FMN N1    C2     sing N N 70  
FMN N1    C10    doub N N 71  
FMN C2    O2     doub N N 72  
FMN C2    N3     sing N N 73  
FMN N3    C4     sing N N 74  
FMN N3    HN3    sing N N 75  
FMN C4    O4     doub N N 76  
FMN C4    C4A    sing N N 77  
FMN C4A   N5     doub N N 78  
FMN C4A   C10    sing N N 79  
FMN N5    C5A    sing N N 80  
FMN C5A   C6     doub Y N 81  
FMN C5A   C9A    sing Y N 82  
FMN C6    C7     sing Y N 83  
FMN C6    H6     sing N N 84  
FMN C7    C7M    sing N N 85  
FMN C7    C8     doub Y N 86  
FMN C7M   HM71   sing N N 87  
FMN C7M   HM72   sing N N 88  
FMN C7M   HM73   sing N N 89  
FMN C8    C8M    sing N N 90  
FMN C8    C9     sing Y N 91  
FMN C8M   HM81   sing N N 92  
FMN C8M   HM82   sing N N 93  
FMN C8M   HM83   sing N N 94  
FMN C9    C9A    doub Y N 95  
FMN C9    H9     sing N N 96  
FMN C9A   N10    sing N N 97  
FMN N10   C10    sing N N 98  
FMN N10   "C1'"  sing N N 99  
FMN "C1'" "C2'"  sing N N 100 
FMN "C1'" "H1'1" sing N N 101 
FMN "C1'" "H1'2" sing N N 102 
FMN "C2'" "O2'"  sing N N 103 
FMN "C2'" "C3'"  sing N N 104 
FMN "C2'" "H2'"  sing N N 105 
FMN "O2'" "HO2'" sing N N 106 
FMN "C3'" "O3'"  sing N N 107 
FMN "C3'" "C4'"  sing N N 108 
FMN "C3'" "H3'"  sing N N 109 
FMN "O3'" "HO3'" sing N N 110 
FMN "C4'" "O4'"  sing N N 111 
FMN "C4'" "C5'"  sing N N 112 
FMN "C4'" "H4'"  sing N N 113 
FMN "O4'" "HO4'" sing N N 114 
FMN "C5'" "O5'"  sing N N 115 
FMN "C5'" "H5'1" sing N N 116 
FMN "C5'" "H5'2" sing N N 117 
FMN "O5'" P      sing N N 118 
FMN P     O1P    doub N N 119 
FMN P     O2P    sing N N 120 
FMN P     O3P    sing N N 121 
FMN O2P   HOP2   sing N N 122 
FMN O3P   HOP3   sing N N 123 
GLN N     CA     sing N N 124 
GLN N     H      sing N N 125 
GLN N     H2     sing N N 126 
GLN CA    C      sing N N 127 
GLN CA    CB     sing N N 128 
GLN CA    HA     sing N N 129 
GLN C     O      doub N N 130 
GLN C     OXT    sing N N 131 
GLN CB    CG     sing N N 132 
GLN CB    HB2    sing N N 133 
GLN CB    HB3    sing N N 134 
GLN CG    CD     sing N N 135 
GLN CG    HG2    sing N N 136 
GLN CG    HG3    sing N N 137 
GLN CD    OE1    doub N N 138 
GLN CD    NE2    sing N N 139 
GLN NE2   HE21   sing N N 140 
GLN NE2   HE22   sing N N 141 
GLN OXT   HXT    sing N N 142 
GLU N     CA     sing N N 143 
GLU N     H      sing N N 144 
GLU N     H2     sing N N 145 
GLU CA    C      sing N N 146 
GLU CA    CB     sing N N 147 
GLU CA    HA     sing N N 148 
GLU C     O      doub N N 149 
GLU C     OXT    sing N N 150 
GLU CB    CG     sing N N 151 
GLU CB    HB2    sing N N 152 
GLU CB    HB3    sing N N 153 
GLU CG    CD     sing N N 154 
GLU CG    HG2    sing N N 155 
GLU CG    HG3    sing N N 156 
GLU CD    OE1    doub N N 157 
GLU CD    OE2    sing N N 158 
GLU OE2   HE2    sing N N 159 
GLU OXT   HXT    sing N N 160 
GLY N     CA     sing N N 161 
GLY N     H      sing N N 162 
GLY N     H2     sing N N 163 
GLY CA    C      sing N N 164 
GLY CA    HA2    sing N N 165 
GLY CA    HA3    sing N N 166 
GLY C     O      doub N N 167 
GLY C     OXT    sing N N 168 
GLY OXT   HXT    sing N N 169 
HIS N     CA     sing N N 170 
HIS N     H      sing N N 171 
HIS N     H2     sing N N 172 
HIS CA    C      sing N N 173 
HIS CA    CB     sing N N 174 
HIS CA    HA     sing N N 175 
HIS C     O      doub N N 176 
HIS C     OXT    sing N N 177 
HIS CB    CG     sing N N 178 
HIS CB    HB2    sing N N 179 
HIS CB    HB3    sing N N 180 
HIS CG    ND1    sing Y N 181 
HIS CG    CD2    doub Y N 182 
HIS ND1   CE1    doub Y N 183 
HIS ND1   HD1    sing N N 184 
HIS CD2   NE2    sing Y N 185 
HIS CD2   HD2    sing N N 186 
HIS CE1   NE2    sing Y N 187 
HIS CE1   HE1    sing N N 188 
HIS NE2   HE2    sing N N 189 
HIS OXT   HXT    sing N N 190 
HOH O     H1     sing N N 191 
HOH O     H2     sing N N 192 
ILE N     CA     sing N N 193 
ILE N     H      sing N N 194 
ILE N     H2     sing N N 195 
ILE CA    C      sing N N 196 
ILE CA    CB     sing N N 197 
ILE CA    HA     sing N N 198 
ILE C     O      doub N N 199 
ILE C     OXT    sing N N 200 
ILE CB    CG1    sing N N 201 
ILE CB    CG2    sing N N 202 
ILE CB    HB     sing N N 203 
ILE CG1   CD1    sing N N 204 
ILE CG1   HG12   sing N N 205 
ILE CG1   HG13   sing N N 206 
ILE CG2   HG21   sing N N 207 
ILE CG2   HG22   sing N N 208 
ILE CG2   HG23   sing N N 209 
ILE CD1   HD11   sing N N 210 
ILE CD1   HD12   sing N N 211 
ILE CD1   HD13   sing N N 212 
ILE OXT   HXT    sing N N 213 
LEU N     CA     sing N N 214 
LEU N     H      sing N N 215 
LEU N     H2     sing N N 216 
LEU CA    C      sing N N 217 
LEU CA    CB     sing N N 218 
LEU CA    HA     sing N N 219 
LEU C     O      doub N N 220 
LEU C     OXT    sing N N 221 
LEU CB    CG     sing N N 222 
LEU CB    HB2    sing N N 223 
LEU CB    HB3    sing N N 224 
LEU CG    CD1    sing N N 225 
LEU CG    CD2    sing N N 226 
LEU CG    HG     sing N N 227 
LEU CD1   HD11   sing N N 228 
LEU CD1   HD12   sing N N 229 
LEU CD1   HD13   sing N N 230 
LEU CD2   HD21   sing N N 231 
LEU CD2   HD22   sing N N 232 
LEU CD2   HD23   sing N N 233 
LEU OXT   HXT    sing N N 234 
LYS N     CA     sing N N 235 
LYS N     H      sing N N 236 
LYS N     H2     sing N N 237 
LYS CA    C      sing N N 238 
LYS CA    CB     sing N N 239 
LYS CA    HA     sing N N 240 
LYS C     O      doub N N 241 
LYS C     OXT    sing N N 242 
LYS CB    CG     sing N N 243 
LYS CB    HB2    sing N N 244 
LYS CB    HB3    sing N N 245 
LYS CG    CD     sing N N 246 
LYS CG    HG2    sing N N 247 
LYS CG    HG3    sing N N 248 
LYS CD    CE     sing N N 249 
LYS CD    HD2    sing N N 250 
LYS CD    HD3    sing N N 251 
LYS CE    NZ     sing N N 252 
LYS CE    HE2    sing N N 253 
LYS CE    HE3    sing N N 254 
LYS NZ    HZ1    sing N N 255 
LYS NZ    HZ2    sing N N 256 
LYS NZ    HZ3    sing N N 257 
LYS OXT   HXT    sing N N 258 
MET N     CA     sing N N 259 
MET N     H      sing N N 260 
MET N     H2     sing N N 261 
MET CA    C      sing N N 262 
MET CA    CB     sing N N 263 
MET CA    HA     sing N N 264 
MET C     O      doub N N 265 
MET C     OXT    sing N N 266 
MET CB    CG     sing N N 267 
MET CB    HB2    sing N N 268 
MET CB    HB3    sing N N 269 
MET CG    SD     sing N N 270 
MET CG    HG2    sing N N 271 
MET CG    HG3    sing N N 272 
MET SD    CE     sing N N 273 
MET CE    HE1    sing N N 274 
MET CE    HE2    sing N N 275 
MET CE    HE3    sing N N 276 
MET OXT   HXT    sing N N 277 
PHE N     CA     sing N N 278 
PHE N     H      sing N N 279 
PHE N     H2     sing N N 280 
PHE CA    C      sing N N 281 
PHE CA    CB     sing N N 282 
PHE CA    HA     sing N N 283 
PHE C     O      doub N N 284 
PHE C     OXT    sing N N 285 
PHE CB    CG     sing N N 286 
PHE CB    HB2    sing N N 287 
PHE CB    HB3    sing N N 288 
PHE CG    CD1    doub Y N 289 
PHE CG    CD2    sing Y N 290 
PHE CD1   CE1    sing Y N 291 
PHE CD1   HD1    sing N N 292 
PHE CD2   CE2    doub Y N 293 
PHE CD2   HD2    sing N N 294 
PHE CE1   CZ     doub Y N 295 
PHE CE1   HE1    sing N N 296 
PHE CE2   CZ     sing Y N 297 
PHE CE2   HE2    sing N N 298 
PHE CZ    HZ     sing N N 299 
PHE OXT   HXT    sing N N 300 
PRO N     CA     sing N N 301 
PRO N     CD     sing N N 302 
PRO N     H      sing N N 303 
PRO CA    C      sing N N 304 
PRO CA    CB     sing N N 305 
PRO CA    HA     sing N N 306 
PRO C     O      doub N N 307 
PRO C     OXT    sing N N 308 
PRO CB    CG     sing N N 309 
PRO CB    HB2    sing N N 310 
PRO CB    HB3    sing N N 311 
PRO CG    CD     sing N N 312 
PRO CG    HG2    sing N N 313 
PRO CG    HG3    sing N N 314 
PRO CD    HD2    sing N N 315 
PRO CD    HD3    sing N N 316 
PRO OXT   HXT    sing N N 317 
SER N     CA     sing N N 318 
SER N     H      sing N N 319 
SER N     H2     sing N N 320 
SER CA    C      sing N N 321 
SER CA    CB     sing N N 322 
SER CA    HA     sing N N 323 
SER C     O      doub N N 324 
SER C     OXT    sing N N 325 
SER CB    OG     sing N N 326 
SER CB    HB2    sing N N 327 
SER CB    HB3    sing N N 328 
SER OG    HG     sing N N 329 
SER OXT   HXT    sing N N 330 
THR N     CA     sing N N 331 
THR N     H      sing N N 332 
THR N     H2     sing N N 333 
THR CA    C      sing N N 334 
THR CA    CB     sing N N 335 
THR CA    HA     sing N N 336 
THR C     O      doub N N 337 
THR C     OXT    sing N N 338 
THR CB    OG1    sing N N 339 
THR CB    CG2    sing N N 340 
THR CB    HB     sing N N 341 
THR OG1   HG1    sing N N 342 
THR CG2   HG21   sing N N 343 
THR CG2   HG22   sing N N 344 
THR CG2   HG23   sing N N 345 
THR OXT   HXT    sing N N 346 
TRP N     CA     sing N N 347 
TRP N     H      sing N N 348 
TRP N     H2     sing N N 349 
TRP CA    C      sing N N 350 
TRP CA    CB     sing N N 351 
TRP CA    HA     sing N N 352 
TRP C     O      doub N N 353 
TRP C     OXT    sing N N 354 
TRP CB    CG     sing N N 355 
TRP CB    HB2    sing N N 356 
TRP CB    HB3    sing N N 357 
TRP CG    CD1    doub Y N 358 
TRP CG    CD2    sing Y N 359 
TRP CD1   NE1    sing Y N 360 
TRP CD1   HD1    sing N N 361 
TRP CD2   CE2    doub Y N 362 
TRP CD2   CE3    sing Y N 363 
TRP NE1   CE2    sing Y N 364 
TRP NE1   HE1    sing N N 365 
TRP CE2   CZ2    sing Y N 366 
TRP CE3   CZ3    doub Y N 367 
TRP CE3   HE3    sing N N 368 
TRP CZ2   CH2    doub Y N 369 
TRP CZ2   HZ2    sing N N 370 
TRP CZ3   CH2    sing Y N 371 
TRP CZ3   HZ3    sing N N 372 
TRP CH2   HH2    sing N N 373 
TRP OXT   HXT    sing N N 374 
TYR N     CA     sing N N 375 
TYR N     H      sing N N 376 
TYR N     H2     sing N N 377 
TYR CA    C      sing N N 378 
TYR CA    CB     sing N N 379 
TYR CA    HA     sing N N 380 
TYR C     O      doub N N 381 
TYR C     OXT    sing N N 382 
TYR CB    CG     sing N N 383 
TYR CB    HB2    sing N N 384 
TYR CB    HB3    sing N N 385 
TYR CG    CD1    doub Y N 386 
TYR CG    CD2    sing Y N 387 
TYR CD1   CE1    sing Y N 388 
TYR CD1   HD1    sing N N 389 
TYR CD2   CE2    doub Y N 390 
TYR CD2   HD2    sing N N 391 
TYR CE1   CZ     doub Y N 392 
TYR CE1   HE1    sing N N 393 
TYR CE2   CZ     sing Y N 394 
TYR CE2   HE2    sing N N 395 
TYR CZ    OH     sing N N 396 
TYR OH    HH     sing N N 397 
TYR OXT   HXT    sing N N 398 
VAL N     CA     sing N N 399 
VAL N     H      sing N N 400 
VAL N     H2     sing N N 401 
VAL CA    C      sing N N 402 
VAL CA    CB     sing N N 403 
VAL CA    HA     sing N N 404 
VAL C     O      doub N N 405 
VAL C     OXT    sing N N 406 
VAL CB    CG1    sing N N 407 
VAL CB    CG2    sing N N 408 
VAL CB    HB     sing N N 409 
VAL CG1   HG11   sing N N 410 
VAL CG1   HG12   sing N N 411 
VAL CG1   HG13   sing N N 412 
VAL CG2   HG21   sing N N 413 
VAL CG2   HG22   sing N N 414 
VAL CG2   HG23   sing N N 415 
VAL OXT   HXT    sing N N 416 
# 
_pdbx_initial_refinement_model.accession_code   ? 
_pdbx_initial_refinement_model.id               1 
_pdbx_initial_refinement_model.entity_id_list   ? 
_pdbx_initial_refinement_model.type             'experimental model' 
_pdbx_initial_refinement_model.source_name      Other 
_pdbx_initial_refinement_model.details          'MODEL FROM ISOMORPHOUS REPLACEMENT' 
# 
_atom_sites.entry_id                    1NOX 
_atom_sites.fract_transf_matrix[1][1]   -0.01530970 
_atom_sites.fract_transf_matrix[1][2]   0.00244711 
_atom_sites.fract_transf_matrix[1][3]   0.00392032 
_atom_sites.fract_transf_matrix[2][1]   0.00153734 
_atom_sites.fract_transf_matrix[2][2]   -0.01055449 
_atom_sites.fract_transf_matrix[2][3]   0.01259187 
_atom_sites.fract_transf_matrix[3][1]   0.00482794 
_atom_sites.fract_transf_matrix[3][2]   0.01329558 
_atom_sites.fract_transf_matrix[3][3]   0.01055489 
_atom_sites.fract_transf_vector[1]      0.043974 
_atom_sites.fract_transf_vector[2]      0.631731 
_atom_sites.fract_transf_vector[3]      0.726315 
# 
loop_
_atom_type.symbol 
C 
N 
O 
P 
S 
# 
loop_
_atom_site.group_PDB 
_atom_site.id 
_atom_site.type_symbol 
_atom_site.label_atom_id 
_atom_site.label_alt_id 
_atom_site.label_comp_id 
_atom_site.label_asym_id 
_atom_site.label_entity_id 
_atom_site.label_seq_id 
_atom_site.pdbx_PDB_ins_code 
_atom_site.Cartn_x 
_atom_site.Cartn_y 
_atom_site.Cartn_z 
_atom_site.occupancy 
_atom_site.B_iso_or_equiv 
_atom_site.pdbx_formal_charge 
_atom_site.auth_seq_id 
_atom_site.auth_comp_id 
_atom_site.auth_asym_id 
_atom_site.auth_atom_id 
_atom_site.pdbx_PDB_model_num 
ATOM   1    N N     . PRO A 1 6   ? -7.656  -17.537 -14.065 1.00 41.27 ? 6   PRO A N     1 
ATOM   2    C CA    . PRO A 1 6   ? -7.745  -16.690 -15.280 1.00 39.46 ? 6   PRO A CA    1 
ATOM   3    C C     . PRO A 1 6   ? -7.477  -15.215 -15.027 1.00 36.36 ? 6   PRO A C     1 
ATOM   4    O O     . PRO A 1 6   ? -8.315  -14.392 -15.408 1.00 39.65 ? 6   PRO A O     1 
ATOM   5    C CB    . PRO A 1 6   ? -9.178  -16.933 -15.744 1.00 40.83 ? 6   PRO A CB    1 
ATOM   6    C CG    . PRO A 1 6   ? -9.952  -17.191 -14.498 1.00 41.70 ? 6   PRO A CG    1 
ATOM   7    C CD    . PRO A 1 6   ? -8.995  -17.679 -13.455 1.00 41.79 ? 6   PRO A CD    1 
ATOM   8    N N     . VAL A 1 7   ? -6.314  -14.881 -14.485 1.00 29.77 ? 7   VAL A N     1 
ATOM   9    C CA    . VAL A 1 7   ? -5.968  -13.481 -14.186 1.00 22.44 ? 7   VAL A CA    1 
ATOM   10   C C     . VAL A 1 7   ? -6.143  -12.605 -15.412 1.00 19.94 ? 7   VAL A C     1 
ATOM   11   O O     . VAL A 1 7   ? -5.639  -12.958 -16.487 1.00 22.01 ? 7   VAL A O     1 
ATOM   12   C CB    . VAL A 1 7   ? -4.530  -13.420 -13.663 1.00 21.80 ? 7   VAL A CB    1 
ATOM   13   C CG1   . VAL A 1 7   ? -4.078  -12.022 -13.246 1.00 20.21 ? 7   VAL A CG1   1 
ATOM   14   C CG2   . VAL A 1 7   ? -4.422  -14.331 -12.412 1.00 24.09 ? 7   VAL A CG2   1 
ATOM   15   N N     . LEU A 1 8   ? -6.815  -11.479 -15.282 1.00 15.98 ? 8   LEU A N     1 
ATOM   16   C CA    . LEU A 1 8   ? -7.085  -10.596 -16.403 1.00 17.64 ? 8   LEU A CA    1 
ATOM   17   C C     . LEU A 1 8   ? -5.822  -9.942  -16.945 1.00 16.46 ? 8   LEU A C     1 
ATOM   18   O O     . LEU A 1 8   ? -4.847  -9.695  -16.201 1.00 15.47 ? 8   LEU A O     1 
ATOM   19   C CB    . LEU A 1 8   ? -8.001  -9.421  -15.976 1.00 20.00 ? 8   LEU A CB    1 
ATOM   20   C CG    . LEU A 1 8   ? -9.393  -9.763  -15.439 1.00 24.26 ? 8   LEU A CG    1 
ATOM   21   C CD1   . LEU A 1 8   ? -10.169 -8.472  -15.173 1.00 25.81 ? 8   LEU A CD1   1 
ATOM   22   C CD2   . LEU A 1 8   ? -10.160 -10.628 -16.426 1.00 27.06 ? 8   LEU A CD2   1 
ATOM   23   N N     . ASP A 1 9   ? -5.914  -9.567  -18.232 1.00 16.12 ? 9   ASP A N     1 
ATOM   24   C CA    . ASP A 1 9   ? -4.832  -8.779  -18.832 1.00 15.39 ? 9   ASP A CA    1 
ATOM   25   C C     . ASP A 1 9   ? -4.818  -7.411  -18.142 1.00 14.38 ? 9   ASP A C     1 
ATOM   26   O O     . ASP A 1 9   ? -5.857  -6.929  -17.632 1.00 14.71 ? 9   ASP A O     1 
ATOM   27   C CB    . ASP A 1 9   ? -5.031  -8.674  -20.350 1.00 17.58 ? 9   ASP A CB    1 
ATOM   28   C CG    . ASP A 1 9   ? -6.172  -7.773  -20.753 1.00 20.31 ? 9   ASP A CG    1 
ATOM   29   O OD1   . ASP A 1 9   ? -5.884  -6.570  -20.880 1.00 19.67 ? 9   ASP A OD1   1 
ATOM   30   O OD2   . ASP A 1 9   ? -7.288  -8.290  -20.873 1.00 24.14 ? 9   ASP A OD2   1 
ATOM   31   N N     . ALA A 1 10  ? -3.640  -6.768  -18.137 1.00 12.56 ? 10  ALA A N     1 
ATOM   32   C CA    . ALA A 1 10  ? -3.512  -5.520  -17.367 1.00 12.93 ? 10  ALA A CA    1 
ATOM   33   C C     . ALA A 1 10  ? -4.348  -4.377  -17.942 1.00 12.72 ? 10  ALA A C     1 
ATOM   34   O O     . ALA A 1 10  ? -4.804  -3.528  -17.153 1.00 12.91 ? 10  ALA A O     1 
ATOM   35   C CB    . ALA A 1 10  ? -2.043  -5.099  -17.355 1.00 15.88 ? 10  ALA A CB    1 
ATOM   36   N N     . LYS A 1 11  ? -4.546  -4.299  -19.281 1.00 13.75 ? 11  LYS A N     1 
ATOM   37   C CA    . LYS A 1 11  ? -5.380  -3.197  -19.804 1.00 13.81 ? 11  LYS A CA    1 
ATOM   38   C C     . LYS A 1 11  ? -6.831  -3.348  -19.374 1.00 11.98 ? 11  LYS A C     1 
ATOM   39   O O     . LYS A 1 11  ? -7.429  -2.380  -18.882 1.00 13.03 ? 11  LYS A O     1 
ATOM   40   C CB    . LYS A 1 11  ? -5.279  -3.256  -21.376 1.00 15.82 ? 11  LYS A CB    1 
ATOM   41   C CG    . LYS A 1 11  ? -6.195  -2.201  -22.041 1.00 19.33 ? 11  LYS A CG    1 
ATOM   42   C CD    . LYS A 1 11  ? -6.447  -2.612  -23.511 1.00 23.43 ? 11  LYS A CD    1 
ATOM   43   C CE    . LYS A 1 11  ? -7.237  -1.502  -24.196 1.00 28.17 ? 11  LYS A CE    1 
ATOM   44   N NZ    . LYS A 1 11  ? -7.308  -1.723  -25.675 1.00 30.92 ? 11  LYS A NZ    1 
ATOM   45   N N     . THR A 1 12  ? -7.425  -4.553  -19.468 1.00 12.48 ? 12  THR A N     1 
ATOM   46   C CA    . THR A 1 12  ? -8.820  -4.737  -19.050 1.00 12.43 ? 12  THR A CA    1 
ATOM   47   C C     . THR A 1 12  ? -8.995  -4.427  -17.550 1.00 12.69 ? 12  THR A C     1 
ATOM   48   O O     . THR A 1 12  ? -9.941  -3.771  -17.121 1.00 13.49 ? 12  THR A O     1 
ATOM   49   C CB    . THR A 1 12  ? -9.273  -6.192  -19.320 1.00 16.04 ? 12  THR A CB    1 
ATOM   50   O OG1   . THR A 1 12  ? -9.171  -6.404  -20.745 1.00 19.54 ? 12  THR A OG1   1 
ATOM   51   C CG2   . THR A 1 12  ? -10.717 -6.403  -18.890 1.00 19.73 ? 12  THR A CG2   1 
ATOM   52   N N     . ALA A 1 13  ? -7.993  -4.841  -16.761 1.00 11.34 ? 13  ALA A N     1 
ATOM   53   C CA    . ALA A 1 13  ? -8.075  -4.532  -15.325 1.00 11.14 ? 13  ALA A CA    1 
ATOM   54   C C     . ALA A 1 13  ? -8.114  -3.055  -15.019 1.00 11.46 ? 13  ALA A C     1 
ATOM   55   O O     . ALA A 1 13  ? -8.910  -2.584  -14.205 1.00 11.70 ? 13  ALA A O     1 
ATOM   56   C CB    . ALA A 1 13  ? -6.915  -5.195  -14.548 1.00 12.76 ? 13  ALA A CB    1 
ATOM   57   N N     . ALA A 1 14  ? -7.232  -2.285  -15.681 1.00 10.58 ? 14  ALA A N     1 
ATOM   58   C CA    . ALA A 1 14  ? -7.215  -0.845  -15.431 1.00 11.01 ? 14  ALA A CA    1 
ATOM   59   C C     . ALA A 1 14  ? -8.501  -0.194  -15.933 1.00 11.53 ? 14  ALA A C     1 
ATOM   60   O O     . ALA A 1 14  ? -9.003  0.709   -15.279 1.00 11.65 ? 14  ALA A O     1 
ATOM   61   C CB    . ALA A 1 14  ? -6.036  -0.185  -16.141 1.00 11.24 ? 14  ALA A CB    1 
ATOM   62   N N     . LEU A 1 15  ? -8.964  -0.615  -17.119 1.00 10.83 ? 15  LEU A N     1 
ATOM   63   C CA    . LEU A 1 15  ? -10.189 0.052   -17.606 1.00 12.03 ? 15  LEU A CA    1 
ATOM   64   C C     . LEU A 1 15  ? -11.452 -0.310  -16.868 1.00 13.17 ? 15  LEU A C     1 
ATOM   65   O O     . LEU A 1 15  ? -12.379 0.549   -16.828 1.00 18.63 ? 15  LEU A O     1 
ATOM   66   C CB    . LEU A 1 15  ? -10.413 -0.317  -19.114 1.00 12.76 ? 15  LEU A CB    1 
ATOM   67   C CG    . LEU A 1 15  ? -9.307  0.210   -20.026 1.00 15.81 ? 15  LEU A CG    1 
ATOM   68   C CD1   . LEU A 1 15  ? -9.542  -0.332  -21.460 1.00 16.83 ? 15  LEU A CD1   1 
ATOM   69   C CD2   . LEU A 1 15  ? -9.268  1.735   -20.062 1.00 17.07 ? 15  LEU A CD2   1 
ATOM   70   N N     . LYS A 1 16  ? -11.571 -1.497  -16.276 1.00 13.72 ? 16  LYS A N     1 
ATOM   71   C CA    . LYS A 1 16  ? -12.830 -1.899  -15.635 1.00 15.03 ? 16  LYS A CA    1 
ATOM   72   C C     . LYS A 1 16  ? -12.908 -1.592  -14.144 1.00 14.09 ? 16  LYS A C     1 
ATOM   73   O O     . LYS A 1 16  ? -14.021 -1.594  -13.599 1.00 16.16 ? 16  LYS A O     1 
ATOM   74   C CB    . LYS A 1 16  ? -12.901 -3.446  -15.759 1.00 19.97 ? 16  LYS A CB    1 
ATOM   75   C CG    . LYS A 1 16  ? -14.169 -4.102  -15.258 1.00 27.56 ? 16  LYS A CG    1 
ATOM   76   C CD    . LYS A 1 16  ? -14.062 -5.642  -15.283 1.00 32.35 ? 16  LYS A CD    1 
ATOM   77   C CE    . LYS A 1 16  ? -15.500 -6.179  -15.197 1.00 35.43 ? 16  LYS A CE    1 
ATOM   78   N NZ    . LYS A 1 16  ? -15.474 -7.678  -15.160 1.00 39.12 ? 16  LYS A NZ    1 
ATOM   79   N N     . ARG A 1 17  ? -11.779 -1.309  -13.480 1.00 11.39 ? 17  ARG A N     1 
ATOM   80   C CA    . ARG A 1 17  ? -11.857 -1.141  -12.020 1.00 10.47 ? 17  ARG A CA    1 
ATOM   81   C C     . ARG A 1 17  ? -12.735 0.018   -11.577 1.00 11.92 ? 17  ARG A C     1 
ATOM   82   O O     . ARG A 1 17  ? -12.606 1.159   -12.059 1.00 12.57 ? 17  ARG A O     1 
ATOM   83   C CB    . ARG A 1 17  ? -10.445 -0.852  -11.437 1.00 9.01  ? 17  ARG A CB    1 
ATOM   84   C CG    . ARG A 1 17  ? -10.457 -0.863  -9.876  1.00 8.77  ? 17  ARG A CG    1 
ATOM   85   C CD    . ARG A 1 17  ? -9.073  -0.481  -9.310  1.00 9.19  ? 17  ARG A CD    1 
ATOM   86   N NE    . ARG A 1 17  ? -9.311  -0.378  -7.826  1.00 9.10  ? 17  ARG A NE    1 
ATOM   87   C CZ    . ARG A 1 17  ? -9.957  0.614   -7.236  1.00 8.29  ? 17  ARG A CZ    1 
ATOM   88   N NH1   . ARG A 1 17  ? -10.281 1.770   -7.857  1.00 9.52  ? 17  ARG A NH1   1 
ATOM   89   N NH2   . ARG A 1 17  ? -10.257 0.523   -5.915  1.00 9.69  ? 17  ARG A NH2   1 
ATOM   90   N N     . ARG A 1 18  ? -13.571 -0.248  -10.568 1.00 10.93 ? 18  ARG A N     1 
ATOM   91   C CA    . ARG A 1 18  ? -14.265 0.752   -9.794  1.00 9.83  ? 18  ARG A CA    1 
ATOM   92   C C     . ARG A 1 18  ? -14.030 0.389   -8.300  1.00 9.94  ? 18  ARG A C     1 
ATOM   93   O O     . ARG A 1 18  ? -13.911 -0.828  -8.024  1.00 13.09 ? 18  ARG A O     1 
ATOM   94   C CB    . ARG A 1 18  ? -15.799 0.827   -10.020 1.00 12.44 ? 18  ARG A CB    1 
ATOM   95   C CG    . ARG A 1 18  ? -16.132 0.917   -11.529 1.00 16.25 ? 18  ARG A CG    1 
ATOM   96   C CD    . ARG A 1 18  ? -17.689 0.916   -11.643 1.00 17.42 ? 18  ARG A CD    1 
ATOM   97   N NE    . ARG A 1 18  ? -17.976 1.139   -13.079 1.00 21.23 ? 18  ARG A NE    1 
ATOM   98   C CZ    . ARG A 1 18  ? -19.235 1.213   -13.518 1.00 24.04 ? 18  ARG A CZ    1 
ATOM   99   N NH1   . ARG A 1 18  ? -20.266 1.102   -12.708 1.00 25.62 ? 18  ARG A NH1   1 
ATOM   100  N NH2   . ARG A 1 18  ? -19.401 1.405   -14.818 1.00 25.81 ? 18  ARG A NH2   1 
ATOM   101  N N     . SER A 1 19  ? -14.044 1.343   -7.381  1.00 10.06 ? 19  SER A N     1 
ATOM   102  C CA    . SER A 1 19  ? -13.950 0.992   -5.939  1.00 10.76 ? 19  SER A CA    1 
ATOM   103  C C     . SER A 1 19  ? -15.254 0.329   -5.485  1.00 11.98 ? 19  SER A C     1 
ATOM   104  O O     . SER A 1 19  ? -16.365 0.711   -5.939  1.00 12.99 ? 19  SER A O     1 
ATOM   105  C CB    . SER A 1 19  ? -13.669 2.243   -5.116  1.00 10.25 ? 19  SER A CB    1 
ATOM   106  O OG    . SER A 1 19  ? -12.316 2.674   -5.262  1.00 10.54 ? 19  SER A OG    1 
ATOM   107  N N     . ILE A 1 20  ? -15.061 -0.676  -4.618  1.00 11.21 ? 20  ILE A N     1 
ATOM   108  C CA    . ILE A 1 20  ? -16.198 -1.490  -4.107  1.00 11.29 ? 20  ILE A CA    1 
ATOM   109  C C     . ILE A 1 20  ? -16.274 -1.298  -2.596  1.00 12.57 ? 20  ILE A C     1 
ATOM   110  O O     . ILE A 1 20  ? -15.232 -1.431  -1.922  1.00 11.74 ? 20  ILE A O     1 
ATOM   111  C CB    . ILE A 1 20  ? -15.921 -2.960  -4.475  1.00 11.85 ? 20  ILE A CB    1 
ATOM   112  C CG1   . ILE A 1 20  ? -15.915 -3.217  -5.978  1.00 14.87 ? 20  ILE A CG1   1 
ATOM   113  C CG2   . ILE A 1 20  ? -16.975 -3.875  -3.813  1.00 13.75 ? 20  ILE A CG2   1 
ATOM   114  C CD1   . ILE A 1 20  ? -17.176 -2.766  -6.689  1.00 14.25 ? 20  ILE A CD1   1 
ATOM   115  N N     . ARG A 1 21  ? -17.497 -1.081  -2.075  1.00 12.76 ? 21  ARG A N     1 
ATOM   116  C CA    . ARG A 1 21  ? -17.672 -0.787  -0.654  1.00 13.23 ? 21  ARG A CA    1 
ATOM   117  C C     . ARG A 1 21  ? -18.681 -1.724  -0.005  1.00 14.64 ? 21  ARG A C     1 
ATOM   118  O O     . ARG A 1 21  ? -19.049 -1.529  1.159   1.00 17.74 ? 21  ARG A O     1 
ATOM   119  C CB    . ARG A 1 21  ? -18.091 0.698   -0.450  1.00 12.78 ? 21  ARG A CB    1 
ATOM   120  C CG    . ARG A 1 21  ? -16.906 1.644   -0.787  1.00 13.56 ? 21  ARG A CG    1 
ATOM   121  C CD    . ARG A 1 21  ? -17.427 3.093   -0.820  1.00 13.24 ? 21  ARG A CD    1 
ATOM   122  N NE    . ARG A 1 21  ? -16.349 4.053   -1.179  1.00 13.93 ? 21  ARG A NE    1 
ATOM   123  C CZ    . ARG A 1 21  ? -16.134 4.379   -2.464  1.00 13.55 ? 21  ARG A CZ    1 
ATOM   124  N NH1   . ARG A 1 21  ? -16.846 3.909   -3.495  1.00 14.62 ? 21  ARG A NH1   1 
ATOM   125  N NH2   . ARG A 1 21  ? -15.137 5.228   -2.772  1.00 13.84 ? 21  ARG A NH2   1 
ATOM   126  N N     . ARG A 1 22  ? -19.159 -2.716  -0.731  1.00 15.03 ? 22  ARG A N     1 
ATOM   127  C CA    . ARG A 1 22  ? -20.072 -3.741  -0.218  1.00 16.37 ? 22  ARG A CA    1 
ATOM   128  C C     . ARG A 1 22  ? -19.527 -5.104  -0.639  1.00 14.32 ? 22  ARG A C     1 
ATOM   129  O O     . ARG A 1 22  ? -19.185 -5.290  -1.804  1.00 15.17 ? 22  ARG A O     1 
ATOM   130  C CB    . ARG A 1 22  ? -21.486 -3.573  -0.801  1.00 18.67 ? 22  ARG A CB    1 
ATOM   131  C CG    . ARG A 1 22  ? -22.240 -2.314  -0.389  1.00 28.21 ? 22  ARG A CG    1 
ATOM   132  C CD    . ARG A 1 22  ? -23.713 -2.570  -0.086  1.00 35.36 ? 22  ARG A CD    1 
ATOM   133  N NE    . ARG A 1 22  ? -24.661 -2.111  -1.086  1.00 40.71 ? 22  ARG A NE    1 
ATOM   134  C CZ    . ARG A 1 22  ? -25.985 -2.285  -1.048  1.00 43.99 ? 22  ARG A CZ    1 
ATOM   135  N NH1   . ARG A 1 22  ? -26.630 -2.895  -0.056  1.00 45.45 ? 22  ARG A NH1   1 
ATOM   136  N NH2   . ARG A 1 22  ? -26.751 -1.833  -2.046  1.00 45.77 ? 22  ARG A NH2   1 
ATOM   137  N N     . TYR A 1 23  ? -19.406 -6.064  0.330   1.00 13.45 ? 23  TYR A N     1 
ATOM   138  C CA    . TYR A 1 23  ? -18.749 -7.318  0.025   1.00 13.49 ? 23  TYR A CA    1 
ATOM   139  C C     . TYR A 1 23  ? -19.562 -8.569  0.450   1.00 14.20 ? 23  TYR A C     1 
ATOM   140  O O     . TYR A 1 23  ? -20.415 -8.399  1.343   1.00 16.95 ? 23  TYR A O     1 
ATOM   141  C CB    . TYR A 1 23  ? -17.402 -7.443  0.808   1.00 15.36 ? 23  TYR A CB    1 
ATOM   142  C CG    . TYR A 1 23  ? -16.518 -6.191  0.621   1.00 15.68 ? 23  TYR A CG    1 
ATOM   143  C CD1   . TYR A 1 23  ? -15.684 -6.012  -0.454  1.00 18.76 ? 23  TYR A CD1   1 
ATOM   144  C CD2   . TYR A 1 23  ? -16.681 -5.255  1.621   1.00 20.25 ? 23  TYR A CD2   1 
ATOM   145  C CE1   . TYR A 1 23  ? -14.992 -4.761  -0.536  1.00 18.83 ? 23  TYR A CE1   1 
ATOM   146  C CE2   . TYR A 1 23  ? -16.017 -4.057  1.559   1.00 22.39 ? 23  TYR A CE2   1 
ATOM   147  C CZ    . TYR A 1 23  ? -15.217 -3.841  0.455   1.00 16.90 ? 23  TYR A CZ    1 
ATOM   148  O OH    . TYR A 1 23  ? -14.582 -2.585  0.580   1.00 24.26 ? 23  TYR A OH    1 
ATOM   149  N N     . ARG A 1 24  ? -19.259 -9.638  -0.234  1.00 14.76 ? 24  ARG A N     1 
ATOM   150  C CA    . ARG A 1 24  ? -19.890 -10.915 0.193   1.00 14.76 ? 24  ARG A CA    1 
ATOM   151  C C     . ARG A 1 24  ? -19.266 -11.309 1.525   1.00 15.19 ? 24  ARG A C     1 
ATOM   152  O O     . ARG A 1 24  ? -18.240 -10.851 1.969   1.00 15.48 ? 24  ARG A O     1 
ATOM   153  C CB    . ARG A 1 24  ? -19.618 -11.995 -0.827  1.00 14.74 ? 24  ARG A CB    1 
ATOM   154  C CG    . ARG A 1 24  ? -20.177 -11.637 -2.207  1.00 19.84 ? 24  ARG A CG    1 
ATOM   155  C CD    . ARG A 1 24  ? -20.353 -12.739 -3.202  1.00 24.88 ? 24  ARG A CD    1 
ATOM   156  N NE    . ARG A 1 24  ? -19.402 -13.816 -3.101  1.00 30.50 ? 24  ARG A NE    1 
ATOM   157  C CZ    . ARG A 1 24  ? -18.630 -14.362 -4.025  1.00 35.25 ? 24  ARG A CZ    1 
ATOM   158  N NH1   . ARG A 1 24  ? -18.675 -13.889 -5.262  1.00 37.30 ? 24  ARG A NH1   1 
ATOM   159  N NH2   . ARG A 1 24  ? -17.790 -15.359 -3.727  1.00 37.07 ? 24  ARG A NH2   1 
ATOM   160  N N     . LYS A 1 25  ? -19.955 -12.288 2.183   1.00 15.21 ? 25  LYS A N     1 
ATOM   161  C CA    . LYS A 1 25  ? -19.415 -12.757 3.475   1.00 17.35 ? 25  LYS A CA    1 
ATOM   162  C C     . LYS A 1 25  ? -18.382 -13.861 3.311   1.00 18.07 ? 25  LYS A C     1 
ATOM   163  O O     . LYS A 1 25  ? -17.885 -14.357 4.342   1.00 21.53 ? 25  LYS A O     1 
ATOM   164  C CB    . LYS A 1 25  ? -20.609 -13.316 4.291   1.00 19.01 ? 25  LYS A CB    1 
ATOM   165  C CG    . LYS A 1 25  ? -21.624 -12.256 4.630   1.00 21.03 ? 25  LYS A CG    1 
ATOM   166  C CD    . LYS A 1 25  ? -21.073 -11.260 5.650   1.00 24.68 ? 25  LYS A CD    1 
ATOM   167  C CE    . LYS A 1 25  ? -22.257 -10.445 6.160   1.00 27.38 ? 25  LYS A CE    1 
ATOM   168  N NZ    . LYS A 1 25  ? -22.238 -9.056  5.625   1.00 29.84 ? 25  LYS A NZ    1 
ATOM   169  N N     . ASP A 1 26  ? -18.030 -14.278 2.139   1.00 14.89 ? 26  ASP A N     1 
ATOM   170  C CA    . ASP A 1 26  ? -17.005 -15.314 1.933   1.00 16.28 ? 26  ASP A CA    1 
ATOM   171  C C     . ASP A 1 26  ? -15.604 -14.854 2.296   1.00 16.44 ? 26  ASP A C     1 
ATOM   172  O O     . ASP A 1 26  ? -15.194 -13.719 2.003   1.00 16.47 ? 26  ASP A O     1 
ATOM   173  C CB    . ASP A 1 26  ? -16.940 -15.659 0.430   1.00 16.70 ? 26  ASP A CB    1 
ATOM   174  C CG    . ASP A 1 26  ? -18.306 -16.186 0.045   1.00 21.44 ? 26  ASP A CG    1 
ATOM   175  O OD1   . ASP A 1 26  ? -18.568 -17.362 0.353   1.00 19.61 ? 26  ASP A OD1   1 
ATOM   176  O OD2   . ASP A 1 26  ? -19.111 -15.408 -0.488  1.00 24.66 ? 26  ASP A OD2   1 
ATOM   177  N N     . PRO A 1 27  ? -14.833 -15.672 2.979   1.00 17.01 ? 27  PRO A N     1 
ATOM   178  C CA    . PRO A 1 27  ? -13.482 -15.343 3.371   1.00 17.27 ? 27  PRO A CA    1 
ATOM   179  C C     . PRO A 1 27  ? -12.574 -15.331 2.154   1.00 16.88 ? 27  PRO A C     1 
ATOM   180  O O     . PRO A 1 27  ? -12.800 -16.021 1.146   1.00 18.39 ? 27  PRO A O     1 
ATOM   181  C CB    . PRO A 1 27  ? -13.090 -16.515 4.300   1.00 19.57 ? 27  PRO A CB    1 
ATOM   182  C CG    . PRO A 1 27  ? -13.937 -17.638 3.810   1.00 20.94 ? 27  PRO A CG    1 
ATOM   183  C CD    . PRO A 1 27  ? -15.283 -17.049 3.429   1.00 19.32 ? 27  PRO A CD    1 
ATOM   184  N N     . VAL A 1 28  ? -11.470 -14.582 2.284   1.00 15.98 ? 28  VAL A N     1 
ATOM   185  C CA    . VAL A 1 28  ? -10.445 -14.605 1.220   1.00 16.25 ? 28  VAL A CA    1 
ATOM   186  C C     . VAL A 1 28  ? -9.358  -15.592 1.687   1.00 16.36 ? 28  VAL A C     1 
ATOM   187  O O     . VAL A 1 28  ? -8.726  -15.355 2.702   1.00 18.71 ? 28  VAL A O     1 
ATOM   188  C CB    . VAL A 1 28  ? -9.888  -13.180 1.011   1.00 17.20 ? 28  VAL A CB    1 
ATOM   189  C CG1   . VAL A 1 28  ? -8.800  -13.232 -0.053  1.00 18.91 ? 28  VAL A CG1   1 
ATOM   190  C CG2   . VAL A 1 28  ? -11.013 -12.215 0.607   1.00 17.67 ? 28  VAL A CG2   1 
ATOM   191  N N     . PRO A 1 29  ? -9.118  -16.652 0.945   1.00 18.64 ? 29  PRO A N     1 
ATOM   192  C CA    . PRO A 1 29  ? -8.139  -17.661 1.353   1.00 18.98 ? 29  PRO A CA    1 
ATOM   193  C C     . PRO A 1 29  ? -6.747  -17.078 1.521   1.00 21.29 ? 29  PRO A C     1 
ATOM   194  O O     . PRO A 1 29  ? -6.360  -16.243 0.687   1.00 19.70 ? 29  PRO A O     1 
ATOM   195  C CB    . PRO A 1 29  ? -8.225  -18.727 0.278   1.00 19.04 ? 29  PRO A CB    1 
ATOM   196  C CG    . PRO A 1 29  ? -9.510  -18.503 -0.448  1.00 21.59 ? 29  PRO A CG    1 
ATOM   197  C CD    . PRO A 1 29  ? -9.786  -17.011 -0.320  1.00 18.73 ? 29  PRO A CD    1 
ATOM   198  N N     . GLU A 1 30  ? -6.012  -17.485 2.563   1.00 22.06 ? 30  GLU A N     1 
ATOM   199  C CA    . GLU A 1 30  ? -4.688  -16.919 2.810   1.00 22.80 ? 30  GLU A CA    1 
ATOM   200  C C     . GLU A 1 30  ? -3.759  -17.246 1.657   1.00 20.53 ? 30  GLU A C     1 
ATOM   201  O O     . GLU A 1 30  ? -2.933  -16.365 1.324   1.00 19.40 ? 30  GLU A O     1 
ATOM   202  C CB    . GLU A 1 30  ? -4.107  -17.417 4.141   1.00 26.28 ? 30  GLU A CB    1 
ATOM   203  C CG    . GLU A 1 30  ? -2.811  -16.711 4.513   1.00 33.82 ? 30  GLU A CG    1 
ATOM   204  C CD    . GLU A 1 30  ? -2.316  -17.076 5.906   1.00 38.15 ? 30  GLU A CD    1 
ATOM   205  O OE1   . GLU A 1 30  ? -2.880  -16.534 6.890   1.00 40.06 ? 30  GLU A OE1   1 
ATOM   206  O OE2   . GLU A 1 30  ? -1.386  -17.916 5.988   1.00 41.12 ? 30  GLU A OE2   1 
ATOM   207  N N     . GLY A 1 31  ? -3.831  -18.400 1.033   1.00 19.54 ? 31  GLY A N     1 
ATOM   208  C CA    . GLY A 1 31  ? -2.971  -18.737 -0.105  1.00 20.53 ? 31  GLY A CA    1 
ATOM   209  C C     . GLY A 1 31  ? -3.132  -17.775 -1.300  1.00 19.77 ? 31  GLY A C     1 
ATOM   210  O O     . GLY A 1 31  ? -2.140  -17.435 -1.971  1.00 19.10 ? 31  GLY A O     1 
ATOM   211  N N     . LEU A 1 32  ? -4.352  -17.345 -1.565  1.00 17.93 ? 32  LEU A N     1 
ATOM   212  C CA    . LEU A 1 32  ? -4.647  -16.410 -2.646  1.00 17.67 ? 32  LEU A CA    1 
ATOM   213  C C     . LEU A 1 32  ? -4.086  -15.047 -2.257  1.00 16.78 ? 32  LEU A C     1 
ATOM   214  O O     . LEU A 1 32  ? -3.414  -14.405 -3.111  1.00 15.01 ? 32  LEU A O     1 
ATOM   215  C CB    . LEU A 1 32  ? -6.187  -16.287 -2.829  1.00 19.58 ? 32  LEU A CB    1 
ATOM   216  C CG    . LEU A 1 32  ? -6.602  -15.306 -3.914  1.00 21.94 ? 32  LEU A CG    1 
ATOM   217  C CD1   . LEU A 1 32  ? -5.959  -15.644 -5.262  1.00 23.80 ? 32  LEU A CD1   1 
ATOM   218  C CD2   . LEU A 1 32  ? -8.118  -15.273 -4.064  1.00 23.13 ? 32  LEU A CD2   1 
ATOM   219  N N     . LEU A 1 33  ? -4.302  -14.575 -1.048  1.00 15.97 ? 33  LEU A N     1 
ATOM   220  C CA    . LEU A 1 33  ? -3.748  -13.288 -0.633  1.00 16.56 ? 33  LEU A CA    1 
ATOM   221  C C     . LEU A 1 33  ? -2.230  -13.276 -0.757  1.00 16.42 ? 33  LEU A C     1 
ATOM   222  O O     . LEU A 1 33  ? -1.596  -12.284 -1.133  1.00 15.14 ? 33  LEU A O     1 
ATOM   223  C CB    . LEU A 1 33  ? -4.163  -12.883 0.789   1.00 21.20 ? 33  LEU A CB    1 
ATOM   224  C CG    . LEU A 1 33  ? -4.060  -11.387 1.102   1.00 25.82 ? 33  LEU A CG    1 
ATOM   225  C CD1   . LEU A 1 33  ? -4.841  -10.557 0.075   1.00 26.88 ? 33  LEU A CD1   1 
ATOM   226  C CD2   . LEU A 1 33  ? -4.626  -11.095 2.504   1.00 28.24 ? 33  LEU A CD2   1 
ATOM   227  N N     . ARG A 1 34  ? -1.575  -14.385 -0.319  1.00 14.93 ? 34  ARG A N     1 
ATOM   228  C CA    . ARG A 1 34  ? -0.117  -14.424 -0.394  1.00 16.05 ? 34  ARG A CA    1 
ATOM   229  C C     . ARG A 1 34  ? 0.351   -14.364 -1.853  1.00 15.71 ? 34  ARG A C     1 
ATOM   230  O O     . ARG A 1 34  ? 1.332   -13.603 -2.062  1.00 15.21 ? 34  ARG A O     1 
ATOM   231  C CB    . ARG A 1 34  ? 0.384   -15.755 0.244   1.00 19.72 ? 34  ARG A CB    1 
ATOM   232  C CG    . ARG A 1 34  ? 1.899   -15.867 0.173   1.00 27.06 ? 34  ARG A CG    1 
ATOM   233  C CD    . ARG A 1 34  ? 2.416   -17.256 0.577   1.00 32.46 ? 34  ARG A CD    1 
ATOM   234  N NE    . ARG A 1 34  ? 3.839   -17.381 0.206   1.00 36.18 ? 34  ARG A NE    1 
ATOM   235  C CZ    . ARG A 1 34  ? 4.836   -17.042 1.017   1.00 38.66 ? 34  ARG A CZ    1 
ATOM   236  N NH1   . ARG A 1 34  ? 4.567   -16.596 2.238   1.00 41.30 ? 34  ARG A NH1   1 
ATOM   237  N NH2   . ARG A 1 34  ? 6.122   -17.152 0.676   1.00 40.30 ? 34  ARG A NH2   1 
ATOM   238  N N     . GLU A 1 35  ? -0.320  -15.004 -2.800  1.00 13.12 ? 35  GLU A N     1 
ATOM   239  C CA    . GLU A 1 35  ? 0.128   -14.912 -4.205  1.00 14.97 ? 35  GLU A CA    1 
ATOM   240  C C     . GLU A 1 35  ? 0.007   -13.468 -4.693  1.00 15.49 ? 35  GLU A C     1 
ATOM   241  O O     . GLU A 1 35  ? 0.913   -12.977 -5.409  1.00 14.61 ? 35  GLU A O     1 
ATOM   242  C CB    . GLU A 1 35  ? -0.734  -15.847 -5.054  1.00 17.87 ? 35  GLU A CB    1 
ATOM   243  C CG    . GLU A 1 35  ? -0.455  -15.832 -6.533  1.00 23.83 ? 35  GLU A CG    1 
ATOM   244  C CD    . GLU A 1 35  ? -1.249  -16.831 -7.336  1.00 26.09 ? 35  GLU A CD    1 
ATOM   245  O OE1   . GLU A 1 35  ? -1.607  -17.914 -6.798  1.00 30.48 ? 35  GLU A OE1   1 
ATOM   246  O OE2   . GLU A 1 35  ? -1.506  -16.583 -8.529  1.00 26.27 ? 35  GLU A OE2   1 
ATOM   247  N N     . ILE A 1 36  ? -1.100  -12.823 -4.347  1.00 12.52 ? 36  ILE A N     1 
ATOM   248  C CA    . ILE A 1 36  ? -1.246  -11.409 -4.792  1.00 12.28 ? 36  ILE A CA    1 
ATOM   249  C C     . ILE A 1 36  ? -0.196  -10.512 -4.175  1.00 12.56 ? 36  ILE A C     1 
ATOM   250  O O     . ILE A 1 36  ? 0.401   -9.644  -4.879  1.00 12.28 ? 36  ILE A O     1 
ATOM   251  C CB    . ILE A 1 36  ? -2.657  -10.927 -4.399  1.00 11.20 ? 36  ILE A CB    1 
ATOM   252  C CG1   . ILE A 1 36  ? -3.654  -11.709 -5.269  1.00 12.90 ? 36  ILE A CG1   1 
ATOM   253  C CG2   . ILE A 1 36  ? -2.794  -9.410  -4.662  1.00 15.10 ? 36  ILE A CG2   1 
ATOM   254  C CD1   . ILE A 1 36  ? -5.106  -11.455 -4.823  1.00 14.75 ? 36  ILE A CD1   1 
ATOM   255  N N     . LEU A 1 37  ? 0.016   -10.629 -2.840  1.00 11.49 ? 37  LEU A N     1 
ATOM   256  C CA    . LEU A 1 37  ? 1.036   -9.771  -2.237  1.00 11.36 ? 37  LEU A CA    1 
ATOM   257  C C     . LEU A 1 37  ? 2.447   -10.045 -2.756  1.00 11.63 ? 37  LEU A C     1 
ATOM   258  O O     . LEU A 1 37  ? 3.248   -9.090  -2.922  1.00 12.71 ? 37  LEU A O     1 
ATOM   259  C CB    . LEU A 1 37  ? 0.988   -9.926  -0.687  1.00 14.73 ? 37  LEU A CB    1 
ATOM   260  C CG    . LEU A 1 37  ? -0.308  -9.384  -0.096  1.00 15.93 ? 37  LEU A CG    1 
ATOM   261  C CD1   . LEU A 1 37  ? -0.318  -9.742  1.409   1.00 19.18 ? 37  LEU A CD1   1 
ATOM   262  C CD2   . LEU A 1 37  ? -0.408  -7.868  -0.203  1.00 20.32 ? 37  LEU A CD2   1 
ATOM   263  N N     . GLU A 1 38  ? 2.793   -11.302 -3.061  1.00 11.43 ? 38  GLU A N     1 
ATOM   264  C CA    . GLU A 1 38  ? 4.136   -11.581 -3.591  1.00 13.09 ? 38  GLU A CA    1 
ATOM   265  C C     . GLU A 1 38  ? 4.347   -10.889 -4.953  1.00 12.89 ? 38  GLU A C     1 
ATOM   266  O O     . GLU A 1 38  ? 5.458   -10.384 -5.181  1.00 14.48 ? 38  GLU A O     1 
ATOM   267  C CB    . GLU A 1 38  ? 4.181   -13.122 -3.763  1.00 17.89 ? 38  GLU A CB    1 
ATOM   268  C CG    . GLU A 1 38  ? 5.532   -13.576 -4.258  1.00 22.65 ? 38  GLU A CG    1 
ATOM   269  C CD    . GLU A 1 38  ? 5.538   -15.119 -4.154  1.00 26.22 ? 38  GLU A CD    1 
ATOM   270  O OE1   . GLU A 1 38  ? 4.626   -15.714 -4.740  1.00 28.33 ? 38  GLU A OE1   1 
ATOM   271  O OE2   . GLU A 1 38  ? 6.415   -15.598 -3.434  1.00 27.13 ? 38  GLU A OE2   1 
ATOM   272  N N     . ALA A 1 39  ? 3.293   -10.799 -5.762  1.00 11.61 ? 39  ALA A N     1 
ATOM   273  C CA    . ALA A 1 39  ? 3.449   -10.135 -7.049  1.00 11.26 ? 39  ALA A CA    1 
ATOM   274  C C     . ALA A 1 39  ? 3.502   -8.628  -6.840  1.00 11.57 ? 39  ALA A C     1 
ATOM   275  O O     . ALA A 1 39  ? 4.305   -7.935  -7.480  1.00 11.42 ? 39  ALA A O     1 
ATOM   276  C CB    . ALA A 1 39  ? 2.259   -10.487 -7.951  1.00 11.41 ? 39  ALA A CB    1 
ATOM   277  N N     . ALA A 1 40  ? 2.685   -8.076  -5.939  1.00 10.16 ? 40  ALA A N     1 
ATOM   278  C CA    . ALA A 1 40  ? 2.711   -6.622  -5.727  1.00 10.77 ? 40  ALA A CA    1 
ATOM   279  C C     . ALA A 1 40  ? 3.998   -6.141  -5.150  1.00 11.63 ? 40  ALA A C     1 
ATOM   280  O O     . ALA A 1 40  ? 4.453   -5.013  -5.482  1.00 12.39 ? 40  ALA A O     1 
ATOM   281  C CB    . ALA A 1 40  ? 1.570   -6.258  -4.729  1.00 14.74 ? 40  ALA A CB    1 
ATOM   282  N N     . LEU A 1 41  ? 4.669   -6.922  -4.273  1.00 11.33 ? 41  LEU A N     1 
ATOM   283  C CA    . LEU A 1 41  ? 5.938   -6.562  -3.676  1.00 11.61 ? 41  LEU A CA    1 
ATOM   284  C C     . LEU A 1 41  ? 7.105   -6.557  -4.661  1.00 10.85 ? 41  LEU A C     1 
ATOM   285  O O     . LEU A 1 41  ? 8.179   -6.126  -4.291  1.00 12.57 ? 41  LEU A O     1 
ATOM   286  C CB    . LEU A 1 41  ? 6.188   -7.540  -2.483  1.00 14.58 ? 41  LEU A CB    1 
ATOM   287  C CG    . LEU A 1 41  ? 5.254   -7.163  -1.304  1.00 16.68 ? 41  LEU A CG    1 
ATOM   288  C CD1   . LEU A 1 41  ? 5.199   -8.279  -0.271  1.00 19.65 ? 41  LEU A CD1   1 
ATOM   289  C CD2   . LEU A 1 41  ? 5.682   -5.864  -0.654  1.00 18.42 ? 41  LEU A CD2   1 
ATOM   290  N N     . ARG A 1 42  ? 6.887   -6.977  -5.933  1.00 8.54  ? 42  ARG A N     1 
ATOM   291  C CA    . ARG A 1 42  ? 7.910   -6.762  -6.970  1.00 9.80  ? 42  ARG A CA    1 
ATOM   292  C C     . ARG A 1 42  ? 7.818   -5.312  -7.484  1.00 8.70  ? 42  ARG A C     1 
ATOM   293  O O     . ARG A 1 42  ? 8.667   -5.018  -8.348  1.00 10.16 ? 42  ARG A O     1 
ATOM   294  C CB    . ARG A 1 42  ? 7.688   -7.687  -8.161  1.00 11.80 ? 42  ARG A CB    1 
ATOM   295  C CG    . ARG A 1 42  ? 7.888   -9.162  -7.802  1.00 15.83 ? 42  ARG A CG    1 
ATOM   296  C CD    . ARG A 1 42  ? 9.295   -9.647  -7.526  1.00 17.92 ? 42  ARG A CD    1 
ATOM   297  N NE    . ARG A 1 42  ? 10.377  -9.122  -8.370  1.00 18.92 ? 42  ARG A NE    1 
ATOM   298  C CZ    . ARG A 1 42  ? 11.703  -9.298  -8.128  1.00 19.11 ? 42  ARG A CZ    1 
ATOM   299  N NH1   . ARG A 1 42  ? 12.049  -10.000 -7.046  1.00 15.56 ? 42  ARG A NH1   1 
ATOM   300  N NH2   . ARG A 1 42  ? 12.637  -8.716  -8.857  1.00 21.43 ? 42  ARG A NH2   1 
ATOM   301  N N     . ALA A 1 43  ? 7.018   -4.430  -6.952  1.00 8.65  ? 43  ALA A N     1 
ATOM   302  C CA    . ALA A 1 43  ? 7.056   -3.014  -7.451  1.00 8.61  ? 43  ALA A CA    1 
ATOM   303  C C     . ALA A 1 43  ? 8.442   -2.443  -7.216  1.00 9.74  ? 43  ALA A C     1 
ATOM   304  O O     . ALA A 1 43  ? 9.170   -2.728  -6.241  1.00 9.02  ? 43  ALA A O     1 
ATOM   305  C CB    . ALA A 1 43  ? 6.066   -2.191  -6.620  1.00 11.08 ? 43  ALA A CB    1 
ATOM   306  N N     . PRO A 1 44  ? 8.869   -1.530  -8.106  1.00 8.53  ? 44  PRO A N     1 
ATOM   307  C CA    . PRO A 1 44  ? 10.103  -0.821  -8.004  1.00 8.96  ? 44  PRO A CA    1 
ATOM   308  C C     . PRO A 1 44  ? 9.993   0.382   -7.074  1.00 8.87  ? 44  PRO A C     1 
ATOM   309  O O     . PRO A 1 44  ? 8.917   0.896   -6.809  1.00 10.12 ? 44  PRO A O     1 
ATOM   310  C CB    . PRO A 1 44  ? 10.366  -0.348  -9.446  1.00 9.88  ? 44  PRO A CB    1 
ATOM   311  C CG    . PRO A 1 44  ? 8.976   -0.101  -9.957  1.00 10.32 ? 44  PRO A CG    1 
ATOM   312  C CD    . PRO A 1 44  ? 8.091   -1.206  -9.334  1.00 9.57  ? 44  PRO A CD    1 
ATOM   313  N N     . SER A 1 45  ? 11.151  0.789   -6.544  1.00 8.75  ? 45  SER A N     1 
ATOM   314  C CA    . SER A 1 45  ? 11.261  1.976   -5.676  1.00 8.27  ? 45  SER A CA    1 
ATOM   315  C C     . SER A 1 45  ? 12.647  2.588   -5.854  1.00 10.14 ? 45  SER A C     1 
ATOM   316  O O     . SER A 1 45  ? 13.569  1.872   -6.259  1.00 10.97 ? 45  SER A O     1 
ATOM   317  C CB    . SER A 1 45  ? 11.021  1.609   -4.188  1.00 10.36 ? 45  SER A CB    1 
ATOM   318  O OG    . SER A 1 45  ? 11.911  0.556   -3.766  1.00 11.39 ? 45  SER A OG    1 
ATOM   319  N N     . ALA A 1 46  ? 12.746  3.904   -5.562  1.00 10.57 ? 46  ALA A N     1 
ATOM   320  C CA    . ALA A 1 46  ? 14.063  4.547   -5.695  1.00 12.00 ? 46  ALA A CA    1 
ATOM   321  C C     . ALA A 1 46  ? 15.116  3.868   -4.814  1.00 12.07 ? 46  ALA A C     1 
ATOM   322  O O     . ALA A 1 46  ? 14.830  3.556   -3.642  1.00 11.98 ? 46  ALA A O     1 
ATOM   323  C CB    . ALA A 1 46  ? 13.908  6.011   -5.256  1.00 13.48 ? 46  ALA A CB    1 
ATOM   324  N N     . TRP A 1 47  ? 16.250  3.555   -5.415  1.00 11.88 ? 47  TRP A N     1 
ATOM   325  C CA    . TRP A 1 47  ? 17.370  2.845   -4.764  1.00 14.62 ? 47  TRP A CA    1 
ATOM   326  C C     . TRP A 1 47  ? 16.969  1.479   -4.245  1.00 14.21 ? 47  TRP A C     1 
ATOM   327  O O     . TRP A 1 47  ? 17.691  0.851   -3.407  1.00 14.39 ? 47  TRP A O     1 
ATOM   328  C CB    . TRP A 1 47  ? 17.920  3.669   -3.577  1.00 20.15 ? 47  TRP A CB    1 
ATOM   329  C CG    . TRP A 1 47  ? 18.789  4.842   -3.893  1.00 24.79 ? 47  TRP A CG    1 
ATOM   330  C CD1   . TRP A 1 47  ? 19.733  4.926   -4.870  1.00 27.86 ? 47  TRP A CD1   1 
ATOM   331  C CD2   . TRP A 1 47  ? 18.858  6.081   -3.165  1.00 29.08 ? 47  TRP A CD2   1 
ATOM   332  N NE1   . TRP A 1 47  ? 20.370  6.151   -4.811  1.00 30.64 ? 47  TRP A NE1   1 
ATOM   333  C CE2   . TRP A 1 47  ? 19.838  6.867   -3.778  1.00 29.42 ? 47  TRP A CE2   1 
ATOM   334  C CE3   . TRP A 1 47  ? 18.166  6.594   -2.067  1.00 31.24 ? 47  TRP A CE3   1 
ATOM   335  C CZ2   . TRP A 1 47  ? 20.152  8.163   -3.336  1.00 32.60 ? 47  TRP A CZ2   1 
ATOM   336  C CZ3   . TRP A 1 47  ? 18.472  7.877   -1.631  1.00 32.89 ? 47  TRP A CZ3   1 
ATOM   337  C CH2   . TRP A 1 47  ? 19.458  8.641   -2.266  1.00 32.93 ? 47  TRP A CH2   1 
ATOM   338  N N     . ASN A 1 48  ? 15.847  0.859   -4.710  1.00 11.06 ? 48  ASN A N     1 
ATOM   339  C CA    . ASN A 1 48  ? 15.332  -0.402  -4.196  1.00 11.13 ? 48  ASN A CA    1 
ATOM   340  C C     . ASN A 1 48  ? 15.125  -0.358  -2.664  1.00 11.70 ? 48  ASN A C     1 
ATOM   341  O O     . ASN A 1 48  ? 15.119  -1.433  -2.075  1.00 11.94 ? 48  ASN A O     1 
ATOM   342  C CB    . ASN A 1 48  ? 16.228  -1.564  -4.669  1.00 11.13 ? 48  ASN A CB    1 
ATOM   343  C CG    . ASN A 1 48  ? 15.491  -2.877  -4.692  1.00 12.43 ? 48  ASN A CG    1 
ATOM   344  O OD1   . ASN A 1 48  ? 14.296  -3.031  -4.965  1.00 13.34 ? 48  ASN A OD1   1 
ATOM   345  N ND2   . ASN A 1 48  ? 16.220  -3.972  -4.344  1.00 14.87 ? 48  ASN A ND2   1 
ATOM   346  N N     . LEU A 1 49  ? 14.802  0.790   -2.113  1.00 11.19 ? 49  LEU A N     1 
ATOM   347  C CA    . LEU A 1 49  ? 14.719  0.928   -0.646  1.00 10.82 ? 49  LEU A CA    1 
ATOM   348  C C     . LEU A 1 49  ? 13.495  0.234   -0.067  1.00 12.65 ? 49  LEU A C     1 
ATOM   349  O O     . LEU A 1 49  ? 13.561  -0.184  1.101   1.00 14.30 ? 49  LEU A O     1 
ATOM   350  C CB    . LEU A 1 49  ? 14.738  2.401   -0.243  1.00 14.46 ? 49  LEU A CB    1 
ATOM   351  C CG    . LEU A 1 49  ? 16.099  3.113   -0.212  1.00 21.60 ? 49  LEU A CG    1 
ATOM   352  C CD1   . LEU A 1 49  ? 15.924  4.466   0.505   1.00 22.74 ? 49  LEU A CD1   1 
ATOM   353  C CD2   . LEU A 1 49  ? 17.114  2.333   0.610   1.00 24.18 ? 49  LEU A CD2   1 
ATOM   354  N N     . GLN A 1 50  ? 12.383  0.085   -0.835  1.00 11.34 ? 50  GLN A N     1 
ATOM   355  C CA    . GLN A 1 50  ? 11.221  -0.677  -0.321  1.00 11.78 ? 50  GLN A CA    1 
ATOM   356  C C     . GLN A 1 50  ? 10.831  -0.314  1.110   1.00 12.24 ? 50  GLN A C     1 
ATOM   357  O O     . GLN A 1 50  ? 10.756  -1.194  1.970   1.00 13.25 ? 50  GLN A O     1 
ATOM   358  C CB    . GLN A 1 50  ? 11.529  -2.199  -0.349  1.00 13.09 ? 50  GLN A CB    1 
ATOM   359  C CG    . GLN A 1 50  ? 11.893  -2.764  -1.745  1.00 11.39 ? 50  GLN A CG    1 
ATOM   360  C CD    . GLN A 1 50  ? 12.556  -4.139  -1.592  1.00 10.34 ? 50  GLN A CD    1 
ATOM   361  O OE1   . GLN A 1 50  ? 11.878  -5.133  -1.382  1.00 11.71 ? 50  GLN A OE1   1 
ATOM   362  N NE2   . GLN A 1 50  ? 13.874  -4.196  -1.704  1.00 12.40 ? 50  GLN A NE2   1 
ATOM   363  N N     . PRO A 1 51  ? 10.453  0.917   1.373   1.00 10.86 ? 51  PRO A N     1 
ATOM   364  C CA    . PRO A 1 51  ? 10.144  1.336   2.748   1.00 11.64 ? 51  PRO A CA    1 
ATOM   365  C C     . PRO A 1 51  ? 8.753   0.969   3.184   1.00 14.15 ? 51  PRO A C     1 
ATOM   366  O O     . PRO A 1 51  ? 8.363   1.226   4.344   1.00 17.07 ? 51  PRO A O     1 
ATOM   367  C CB    . PRO A 1 51  ? 10.347  2.846   2.686   1.00 13.58 ? 51  PRO A CB    1 
ATOM   368  C CG    . PRO A 1 51  ? 9.899   3.183   1.304   1.00 13.74 ? 51  PRO A CG    1 
ATOM   369  C CD    . PRO A 1 51  ? 10.456  2.068   0.428   1.00 11.73 ? 51  PRO A CD    1 
ATOM   370  N N     . TRP A 1 52  ? 8.006   0.244   2.386   1.00 11.47 ? 52  TRP A N     1 
ATOM   371  C CA    . TRP A 1 52  ? 6.646   -0.171  2.666   1.00 10.35 ? 52  TRP A CA    1 
ATOM   372  C C     . TRP A 1 52  ? 6.571   -1.385  3.556   1.00 11.49 ? 52  TRP A C     1 
ATOM   373  O O     . TRP A 1 52  ? 7.377   -2.319  3.479   1.00 11.83 ? 52  TRP A O     1 
ATOM   374  C CB    . TRP A 1 52  ? 5.974   -0.472  1.307   1.00 12.03 ? 52  TRP A CB    1 
ATOM   375  C CG    . TRP A 1 52  ? 6.746   -1.297  0.315   1.00 10.33 ? 52  TRP A CG    1 
ATOM   376  C CD1   . TRP A 1 52  ? 7.092   -2.630  0.399   1.00 11.60 ? 52  TRP A CD1   1 
ATOM   377  C CD2   . TRP A 1 52  ? 7.181   -0.881  -0.978  1.00 9.57  ? 52  TRP A CD2   1 
ATOM   378  N NE1   . TRP A 1 52  ? 7.734   -3.075  -0.747  1.00 10.91 ? 52  TRP A NE1   1 
ATOM   379  C CE2   . TRP A 1 52  ? 7.782   -1.960  -1.611  1.00 10.48 ? 52  TRP A CE2   1 
ATOM   380  C CE3   . TRP A 1 52  ? 7.124   0.366   -1.620  1.00 9.95  ? 52  TRP A CE3   1 
ATOM   381  C CZ2   . TRP A 1 52  ? 8.294   -1.949  -2.910  1.00 11.36 ? 52  TRP A CZ2   1 
ATOM   382  C CZ3   . TRP A 1 52  ? 7.632   0.425   -2.940  1.00 11.15 ? 52  TRP A CZ3   1 
ATOM   383  C CH2   . TRP A 1 52  ? 8.206   -0.698  -3.537  1.00 11.89 ? 52  TRP A CH2   1 
ATOM   384  N N     . ARG A 1 53  ? 5.521   -1.412  4.406   1.00 10.63 ? 53  ARG A N     1 
ATOM   385  C CA    . ARG A 1 53  ? 5.269   -2.501  5.345   1.00 11.49 ? 53  ARG A CA    1 
ATOM   386  C C     . ARG A 1 53  ? 3.767   -2.719  5.414   1.00 11.18 ? 53  ARG A C     1 
ATOM   387  O O     . ARG A 1 53  ? 2.991   -1.791  5.192   1.00 13.43 ? 53  ARG A O     1 
ATOM   388  C CB    . ARG A 1 53  ? 5.779   -2.258  6.777   1.00 13.84 ? 53  ARG A CB    1 
ATOM   389  C CG    . ARG A 1 53  ? 7.272   -1.921  6.914   1.00 15.47 ? 53  ARG A CG    1 
ATOM   390  C CD    . ARG A 1 53  ? 8.122   -3.149  6.579   1.00 14.38 ? 53  ARG A CD    1 
ATOM   391  N NE    . ARG A 1 53  ? 9.552   -2.824  6.727   1.00 16.70 ? 53  ARG A NE    1 
ATOM   392  C CZ    . ARG A 1 53  ? 10.408  -2.490  5.757   1.00 18.23 ? 53  ARG A CZ    1 
ATOM   393  N NH1   . ARG A 1 53  ? 9.996   -2.420  4.482   1.00 16.36 ? 53  ARG A NH1   1 
ATOM   394  N NH2   . ARG A 1 53  ? 11.691  -2.230  6.008   1.00 18.48 ? 53  ARG A NH2   1 
ATOM   395  N N     . ILE A 1 54  ? 3.296   -3.973  5.563   1.00 11.23 ? 54  ILE A N     1 
ATOM   396  C CA    . ILE A 1 54  ? 1.856   -4.230  5.472   1.00 12.77 ? 54  ILE A CA    1 
ATOM   397  C C     . ILE A 1 54  ? 1.354   -5.029  6.675   1.00 13.90 ? 54  ILE A C     1 
ATOM   398  O O     . ILE A 1 54  ? 1.978   -6.032  7.015   1.00 16.41 ? 54  ILE A O     1 
ATOM   399  C CB    . ILE A 1 54  ? 1.514   -5.046  4.189   1.00 13.56 ? 54  ILE A CB    1 
ATOM   400  C CG1   . ILE A 1 54  ? 1.953   -4.255  2.945   1.00 16.45 ? 54  ILE A CG1   1 
ATOM   401  C CG2   . ILE A 1 54  ? 0.043   -5.470  4.111   1.00 16.71 ? 54  ILE A CG2   1 
ATOM   402  C CD1   . ILE A 1 54  ? 1.961   -5.020  1.635   1.00 17.98 ? 54  ILE A CD1   1 
ATOM   403  N N     . VAL A 1 55  ? 0.223   -4.616  7.224   1.00 12.65 ? 55  VAL A N     1 
ATOM   404  C CA    . VAL A 1 55  ? -0.397  -5.470  8.256   1.00 13.30 ? 55  VAL A CA    1 
ATOM   405  C C     . VAL A 1 55  ? -1.674  -6.009  7.648   1.00 13.74 ? 55  VAL A C     1 
ATOM   406  O O     . VAL A 1 55  ? -2.513  -5.213  7.152   1.00 14.71 ? 55  VAL A O     1 
ATOM   407  C CB    . VAL A 1 55  ? -0.711  -4.696  9.535   1.00 15.50 ? 55  VAL A CB    1 
ATOM   408  C CG1   . VAL A 1 55  ? -1.256  -5.663  10.595  1.00 17.10 ? 55  VAL A CG1   1 
ATOM   409  C CG2   . VAL A 1 55  ? 0.511   -4.023  10.091  1.00 16.32 ? 55  VAL A CG2   1 
ATOM   410  N N     . VAL A 1 56  ? -1.901  -7.309  7.650   1.00 12.73 ? 56  VAL A N     1 
ATOM   411  C CA    . VAL A 1 56  ? -3.120  -7.919  7.124   1.00 13.29 ? 56  VAL A CA    1 
ATOM   412  C C     . VAL A 1 56  ? -4.089  -8.094  8.287   1.00 15.58 ? 56  VAL A C     1 
ATOM   413  O O     . VAL A 1 56  ? -3.770  -8.958  9.145   1.00 16.81 ? 56  VAL A O     1 
ATOM   414  C CB    . VAL A 1 56  ? -2.850  -9.279  6.465   1.00 15.78 ? 56  VAL A CB    1 
ATOM   415  C CG1   . VAL A 1 56  ? -4.108  -9.957  5.937   1.00 16.38 ? 56  VAL A CG1   1 
ATOM   416  C CG2   . VAL A 1 56  ? -1.856  -9.110  5.280   1.00 16.82 ? 56  VAL A CG2   1 
ATOM   417  N N     . VAL A 1 57  ? -5.178  -7.356  8.334   1.00 13.05 ? 57  VAL A N     1 
ATOM   418  C CA    . VAL A 1 57  ? -6.089  -7.471  9.509   1.00 13.75 ? 57  VAL A CA    1 
ATOM   419  C C     . VAL A 1 57  ? -7.318  -8.255  9.166   1.00 15.54 ? 57  VAL A C     1 
ATOM   420  O O     . VAL A 1 57  ? -8.149  -7.877  8.305   1.00 15.42 ? 57  VAL A O     1 
ATOM   421  C CB    . VAL A 1 57  ? -6.441  -6.045  10.022  1.00 16.35 ? 57  VAL A CB    1 
ATOM   422  C CG1   . VAL A 1 57  ? -7.404  -6.119  11.220  1.00 17.53 ? 57  VAL A CG1   1 
ATOM   423  C CG2   . VAL A 1 57  ? -5.210  -5.236  10.386  1.00 18.05 ? 57  VAL A CG2   1 
ATOM   424  N N     . ARG A 1 58  ? -7.548  -9.381  9.896   1.00 16.70 ? 58  ARG A N     1 
ATOM   425  C CA    . ARG A 1 58  ? -8.739  -10.203 9.710   1.00 18.26 ? 58  ARG A CA    1 
ATOM   426  C C     . ARG A 1 58  ? -9.538  -10.303 11.031  1.00 20.00 ? 58  ARG A C     1 
ATOM   427  O O     . ARG A 1 58  ? -10.735 -10.567 10.908  1.00 22.43 ? 58  ARG A O     1 
ATOM   428  C CB    . ARG A 1 58  ? -8.435  -11.610 9.182   1.00 20.82 ? 58  ARG A CB    1 
ATOM   429  C CG    . ARG A 1 58  ? -7.885  -11.561 7.750   1.00 24.49 ? 58  ARG A CG    1 
ATOM   430  C CD    . ARG A 1 58  ? -7.138  -12.802 7.308   1.00 29.35 ? 58  ARG A CD    1 
ATOM   431  N NE    . ARG A 1 58  ? -6.001  -13.025 8.194   1.00 30.45 ? 58  ARG A NE    1 
ATOM   432  C CZ    . ARG A 1 58  ? -5.123  -14.005 8.070   1.00 33.15 ? 58  ARG A CZ    1 
ATOM   433  N NH1   . ARG A 1 58  ? -5.240  -14.842 7.060   1.00 33.66 ? 58  ARG A NH1   1 
ATOM   434  N NH2   . ARG A 1 58  ? -4.139  -14.128 8.954   1.00 35.01 ? 58  ARG A NH2   1 
ATOM   435  N N     . ASP A 1 59  ? -8.890  -10.003 12.119  1.00 19.85 ? 59  ASP A N     1 
ATOM   436  C CA    . ASP A 1 59  ? -9.600  -10.094 13.435  1.00 22.21 ? 59  ASP A CA    1 
ATOM   437  C C     . ASP A 1 59  ? -10.767 -9.142  13.488  1.00 23.55 ? 59  ASP A C     1 
ATOM   438  O O     . ASP A 1 59  ? -10.650 -7.919  13.363  1.00 21.84 ? 59  ASP A O     1 
ATOM   439  C CB    . ASP A 1 59  ? -8.558  -9.715  14.503  1.00 24.94 ? 59  ASP A CB    1 
ATOM   440  C CG    . ASP A 1 59  ? -9.128  -9.748  15.921  1.00 27.13 ? 59  ASP A CG    1 
ATOM   441  O OD1   . ASP A 1 59  ? -9.600  -10.846 16.255  1.00 30.36 ? 59  ASP A OD1   1 
ATOM   442  O OD2   . ASP A 1 59  ? -9.062  -8.726  16.606  1.00 29.03 ? 59  ASP A OD2   1 
ATOM   443  N N     . PRO A 1 60  ? -11.976 -9.619  13.815  1.00 25.66 ? 60  PRO A N     1 
ATOM   444  C CA    . PRO A 1 60  ? -13.158 -8.794  13.931  1.00 25.31 ? 60  PRO A CA    1 
ATOM   445  C C     . PRO A 1 60  ? -13.072 -7.665  14.927  1.00 24.65 ? 60  PRO A C     1 
ATOM   446  O O     . PRO A 1 60  ? -13.533 -6.544  14.667  1.00 23.53 ? 60  PRO A O     1 
ATOM   447  C CB    . PRO A 1 60  ? -14.255 -9.793  14.322  1.00 27.38 ? 60  PRO A CB    1 
ATOM   448  C CG    . PRO A 1 60  ? -13.764 -11.088 13.752  1.00 27.60 ? 60  PRO A CG    1 
ATOM   449  C CD    . PRO A 1 60  ? -12.274 -11.077 13.959  1.00 26.44 ? 60  PRO A CD    1 
ATOM   450  N N     . ALA A 1 61  ? -12.502 -7.870  16.140  1.00 24.69 ? 61  ALA A N     1 
ATOM   451  C CA    . ALA A 1 61  ? -12.427 -6.772  17.105  1.00 24.43 ? 61  ALA A CA    1 
ATOM   452  C C     . ALA A 1 61  ? -11.513 -5.652  16.642  1.00 23.68 ? 61  ALA A C     1 
ATOM   453  O O     . ALA A 1 61  ? -11.764 -4.463  16.880  1.00 24.83 ? 61  ALA A O     1 
ATOM   454  C CB    . ALA A 1 61  ? -11.932 -7.230  18.481  1.00 27.53 ? 61  ALA A CB    1 
ATOM   455  N N     . THR A 1 62  ? -10.409 -6.028  15.985  1.00 21.43 ? 62  THR A N     1 
ATOM   456  C CA    . THR A 1 62  ? -9.475  -5.031  15.478  1.00 20.07 ? 62  THR A CA    1 
ATOM   457  C C     . THR A 1 62  ? -10.126 -4.255  14.303  1.00 18.78 ? 62  THR A C     1 
ATOM   458  O O     . THR A 1 62  ? -9.930  -3.039  14.244  1.00 18.42 ? 62  THR A O     1 
ATOM   459  C CB    . THR A 1 62  ? -8.167  -5.665  15.000  1.00 21.66 ? 62  THR A CB    1 
ATOM   460  O OG1   . THR A 1 62  ? -7.569  -6.438  16.070  1.00 23.62 ? 62  THR A OG1   1 
ATOM   461  C CG2   . THR A 1 62  ? -7.150  -4.570  14.678  1.00 21.86 ? 62  THR A CG2   1 
ATOM   462  N N     . LYS A 1 63  ? -10.866 -4.954  13.467  1.00 18.76 ? 63  LYS A N     1 
ATOM   463  C CA    . LYS A 1 63  ? -11.566 -4.255  12.374  1.00 19.07 ? 63  LYS A CA    1 
ATOM   464  C C     . LYS A 1 63  ? -12.591 -3.260  12.901  1.00 20.79 ? 63  LYS A C     1 
ATOM   465  O O     . LYS A 1 63  ? -12.729 -2.123  12.422  1.00 20.57 ? 63  LYS A O     1 
ATOM   466  C CB    . LYS A 1 63  ? -12.220 -5.184  11.350  1.00 18.92 ? 63  LYS A CB    1 
ATOM   467  C CG    . LYS A 1 63  ? -11.198 -6.030  10.571  1.00 22.16 ? 63  LYS A CG    1 
ATOM   468  C CD    . LYS A 1 63  ? -11.810 -6.774  9.385   1.00 24.23 ? 63  LYS A CD    1 
ATOM   469  C CE    . LYS A 1 63  ? -12.587 -8.003  9.821   1.00 29.07 ? 63  LYS A CE    1 
ATOM   470  N NZ    . LYS A 1 63  ? -13.816 -8.228  9.009   1.00 33.58 ? 63  LYS A NZ    1 
ATOM   471  N N     . ARG A 1 64  ? -13.276 -3.646  13.997  1.00 20.91 ? 64  ARG A N     1 
ATOM   472  C CA    . ARG A 1 64  ? -14.234 -2.710  14.611  1.00 23.09 ? 64  ARG A CA    1 
ATOM   473  C C     . ARG A 1 64  ? -13.568 -1.474  15.164  1.00 21.04 ? 64  ARG A C     1 
ATOM   474  O O     . ARG A 1 64  ? -14.013 -0.333  15.001  1.00 22.06 ? 64  ARG A O     1 
ATOM   475  C CB    . ARG A 1 64  ? -15.014 -3.466  15.722  1.00 27.24 ? 64  ARG A CB    1 
ATOM   476  C CG    . ARG A 1 64  ? -15.952 -2.527  16.480  1.00 34.15 ? 64  ARG A CG    1 
ATOM   477  C CD    . ARG A 1 64  ? -17.134 -3.329  17.035  1.00 38.84 ? 64  ARG A CD    1 
ATOM   478  N NE    . ARG A 1 64  ? -17.921 -2.478  17.920  1.00 44.21 ? 64  ARG A NE    1 
ATOM   479  C CZ    . ARG A 1 64  ? -18.660 -2.910  18.934  1.00 46.40 ? 64  ARG A CZ    1 
ATOM   480  N NH1   . ARG A 1 64  ? -18.743 -4.206  19.216  1.00 47.36 ? 64  ARG A NH1   1 
ATOM   481  N NH2   . ARG A 1 64  ? -19.311 -2.006  19.665  1.00 47.62 ? 64  ARG A NH2   1 
ATOM   482  N N     . ALA A 1 65  ? -12.399 -1.623  15.787  1.00 19.77 ? 65  ALA A N     1 
ATOM   483  C CA    . ALA A 1 65  ? -11.609 -0.515  16.289  1.00 21.00 ? 65  ALA A CA    1 
ATOM   484  C C     . ALA A 1 65  ? -11.116 0.371   15.154  1.00 19.73 ? 65  ALA A C     1 
ATOM   485  O O     . ALA A 1 65  ? -11.126 1.589   15.249  1.00 20.73 ? 65  ALA A O     1 
ATOM   486  C CB    . ALA A 1 65  ? -10.463 -0.977  17.179  1.00 20.88 ? 65  ALA A CB    1 
ATOM   487  N N     . LEU A 1 66  ? -10.674 -0.243  14.030  1.00 19.45 ? 66  LEU A N     1 
ATOM   488  C CA    . LEU A 1 66  ? -10.262 0.559   12.874  1.00 18.50 ? 66  LEU A CA    1 
ATOM   489  C C     . LEU A 1 66  ? -11.436 1.288   12.219  1.00 17.84 ? 66  LEU A C     1 
ATOM   490  O O     . LEU A 1 66  ? -11.232 2.395   11.695  1.00 19.17 ? 66  LEU A O     1 
ATOM   491  C CB    . LEU A 1 66  ? -9.612  -0.434  11.880  1.00 18.23 ? 66  LEU A CB    1 
ATOM   492  C CG    . LEU A 1 66  ? -8.203  -0.915  12.264  1.00 18.82 ? 66  LEU A CG    1 
ATOM   493  C CD1   . LEU A 1 66  ? -7.763  -1.958  11.222  1.00 21.15 ? 66  LEU A CD1   1 
ATOM   494  C CD2   . LEU A 1 66  ? -7.155  0.178   12.369  1.00 20.80 ? 66  LEU A CD2   1 
ATOM   495  N N     . ARG A 1 67  ? -12.637 0.741   12.280  1.00 18.31 ? 67  ARG A N     1 
ATOM   496  C CA    . ARG A 1 67  ? -13.816 1.440   11.724  1.00 19.50 ? 67  ARG A CA    1 
ATOM   497  C C     . ARG A 1 67  ? -14.044 2.758   12.447  1.00 20.80 ? 67  ARG A C     1 
ATOM   498  O O     . ARG A 1 67  ? -14.267 3.828   11.852  1.00 19.32 ? 67  ARG A O     1 
ATOM   499  C CB    . ARG A 1 67  ? -15.045 0.523   11.775  1.00 20.36 ? 67  ARG A CB    1 
ATOM   500  C CG    . ARG A 1 67  ? -16.333 1.276   11.416  1.00 22.14 ? 67  ARG A CG    1 
ATOM   501  C CD    . ARG A 1 67  ? -17.549 0.385   11.505  1.00 25.72 ? 67  ARG A CD    1 
ATOM   502  N NE    . ARG A 1 67  ? -18.733 1.204   11.180  1.00 29.19 ? 67  ARG A NE    1 
ATOM   503  C CZ    . ARG A 1 67  ? -19.932 0.663   10.973  1.00 30.34 ? 67  ARG A CZ    1 
ATOM   504  N NH1   . ARG A 1 67  ? -20.104 -0.642  11.071  1.00 30.68 ? 67  ARG A NH1   1 
ATOM   505  N NH2   . ARG A 1 67  ? -20.910 1.509   10.676  1.00 31.33 ? 67  ARG A NH2   1 
ATOM   506  N N     . GLU A 1 68  ? -13.910 2.743   13.789  1.00 19.97 ? 68  GLU A N     1 
ATOM   507  C CA    . GLU A 1 68  ? -14.011 3.991   14.544  1.00 21.71 ? 68  GLU A CA    1 
ATOM   508  C C     . GLU A 1 68  ? -12.896 4.960   14.196  1.00 21.31 ? 68  GLU A C     1 
ATOM   509  O O     . GLU A 1 68  ? -13.153 6.151   14.043  1.00 22.25 ? 68  GLU A O     1 
ATOM   510  C CB    . GLU A 1 68  ? -14.034 3.742   16.070  1.00 25.53 ? 68  GLU A CB    1 
ATOM   511  C CG    . GLU A 1 68  ? -13.977 5.059   16.852  1.00 31.04 ? 68  GLU A CG    1 
ATOM   512  C CD    . GLU A 1 68  ? -13.890 4.822   18.360  1.00 34.48 ? 68  GLU A CD    1 
ATOM   513  O OE1   . GLU A 1 68  ? -13.927 3.643   18.766  1.00 36.29 ? 68  GLU A OE1   1 
ATOM   514  O OE2   . GLU A 1 68  ? -13.818 5.833   19.095  1.00 37.40 ? 68  GLU A OE2   1 
ATOM   515  N N     . ALA A 1 69  ? -11.654 4.484   13.980  1.00 19.40 ? 69  ALA A N     1 
ATOM   516  C CA    . ALA A 1 69  ? -10.560 5.330   13.593  1.00 19.38 ? 69  ALA A CA    1 
ATOM   517  C C     . ALA A 1 69  ? -10.744 5.928   12.187  1.00 19.18 ? 69  ALA A C     1 
ATOM   518  O O     . ALA A 1 69  ? -10.243 7.003   11.913  1.00 19.85 ? 69  ALA A O     1 
ATOM   519  C CB    . ALA A 1 69  ? -9.263  4.485   13.624  1.00 21.62 ? 69  ALA A CB    1 
ATOM   520  N N     . ALA A 1 70  ? -11.535 5.250   11.365  1.00 19.56 ? 70  ALA A N     1 
ATOM   521  C CA    . ALA A 1 70  ? -11.820 5.716   10.006  1.00 19.69 ? 70  ALA A CA    1 
ATOM   522  C C     . ALA A 1 70  ? -13.161 6.434   9.917   1.00 21.34 ? 70  ALA A C     1 
ATOM   523  O O     . ALA A 1 70  ? -13.913 6.374   8.953   1.00 20.19 ? 70  ALA A O     1 
ATOM   524  C CB    . ALA A 1 70  ? -11.811 4.513   9.032   1.00 19.27 ? 70  ALA A CB    1 
ATOM   525  N N     . PHE A 1 71  ? -13.498 7.136   10.998  1.00 22.87 ? 71  PHE A N     1 
ATOM   526  C CA    . PHE A 1 71  ? -14.696 7.968   11.075  1.00 25.56 ? 71  PHE A CA    1 
ATOM   527  C C     . PHE A 1 71  ? -15.980 7.248   10.783  1.00 24.02 ? 71  PHE A C     1 
ATOM   528  O O     . PHE A 1 71  ? -16.928 7.825   10.256  1.00 26.26 ? 71  PHE A O     1 
ATOM   529  C CB    . PHE A 1 71  ? -14.470 9.204   10.169  1.00 27.86 ? 71  PHE A CB    1 
ATOM   530  C CG    . PHE A 1 71  ? -13.263 10.003  10.582  1.00 31.23 ? 71  PHE A CG    1 
ATOM   531  C CD1   . PHE A 1 71  ? -13.222 10.672  11.793  1.00 32.93 ? 71  PHE A CD1   1 
ATOM   532  C CD2   . PHE A 1 71  ? -12.146 10.078  9.776   1.00 31.91 ? 71  PHE A CD2   1 
ATOM   533  C CE1   . PHE A 1 71  ? -12.109 11.407  12.165  1.00 34.73 ? 71  PHE A CE1   1 
ATOM   534  C CE2   . PHE A 1 71  ? -11.032 10.799  10.144  1.00 33.48 ? 71  PHE A CE2   1 
ATOM   535  C CZ    . PHE A 1 71  ? -10.992 11.451  11.354  1.00 33.57 ? 71  PHE A CZ    1 
ATOM   536  N N     . GLY A 1 72  ? -16.111 5.969   11.109  1.00 22.39 ? 72  GLY A N     1 
ATOM   537  C CA    . GLY A 1 72  ? -17.266 5.166   10.964  1.00 21.18 ? 72  GLY A CA    1 
ATOM   538  C C     . GLY A 1 72  ? -17.552 4.552   9.612   1.00 21.29 ? 72  GLY A C     1 
ATOM   539  O O     . GLY A 1 72  ? -18.597 3.958   9.426   1.00 21.72 ? 72  GLY A O     1 
ATOM   540  N N     . GLN A 1 73  ? -16.544 4.548   8.702   1.00 19.90 ? 73  GLN A N     1 
ATOM   541  C CA    . GLN A 1 73  ? -16.803 3.970   7.373   1.00 20.37 ? 73  GLN A CA    1 
ATOM   542  C C     . GLN A 1 73  ? -17.137 2.503   7.519   1.00 19.54 ? 73  GLN A C     1 
ATOM   543  O O     . GLN A 1 73  ? -16.283 1.706   7.949   1.00 18.91 ? 73  GLN A O     1 
ATOM   544  C CB    . GLN A 1 73  ? -15.541 4.223   6.518   1.00 19.15 ? 73  GLN A CB    1 
ATOM   545  C CG    . GLN A 1 73  ? -15.401 5.677   6.100   1.00 20.42 ? 73  GLN A CG    1 
ATOM   546  C CD    . GLN A 1 73  ? -14.217 5.933   5.170   1.00 21.07 ? 73  GLN A CD    1 
ATOM   547  O OE1   . GLN A 1 73  ? -14.310 5.587   3.986   1.00 18.86 ? 73  GLN A OE1   1 
ATOM   548  N NE2   . GLN A 1 73  ? -13.109 6.484   5.639   1.00 19.18 ? 73  GLN A NE2   1 
ATOM   549  N N     . ALA A 1 74  ? -18.327 2.091   7.122   1.00 19.00 ? 74  ALA A N     1 
ATOM   550  C CA    . ALA A 1 74  ? -18.804 0.742   7.387   1.00 20.27 ? 74  ALA A CA    1 
ATOM   551  C C     . ALA A 1 74  ? -18.059 -0.382  6.696   1.00 20.51 ? 74  ALA A C     1 
ATOM   552  O O     . ALA A 1 74  ? -17.930 -1.495  7.205   1.00 21.18 ? 74  ALA A O     1 
ATOM   553  C CB    . ALA A 1 74  ? -20.301 0.614   7.023   1.00 22.13 ? 74  ALA A CB    1 
ATOM   554  N N     . HIS A 1 75  ? -17.490 -0.098  5.508   1.00 18.64 ? 75  HIS A N     1 
ATOM   555  C CA    . HIS A 1 75  ? -16.773 -1.148  4.793   1.00 20.05 ? 75  HIS A CA    1 
ATOM   556  C C     . HIS A 1 75  ? -15.531 -1.626  5.528   1.00 17.93 ? 75  HIS A C     1 
ATOM   557  O O     . HIS A 1 75  ? -15.030 -2.703  5.169   1.00 18.43 ? 75  HIS A O     1 
ATOM   558  C CB    . HIS A 1 75  ? -16.421 -0.683  3.372   1.00 19.73 ? 75  HIS A CB    1 
ATOM   559  C CG    . HIS A 1 75  ? -16.043 0.754   3.260   1.00 19.37 ? 75  HIS A CG    1 
ATOM   560  N ND1   . HIS A 1 75  ? -16.925 1.804   3.136   1.00 20.53 ? 75  HIS A ND1   1 
ATOM   561  C CD2   . HIS A 1 75  ? -14.771 1.269   3.260   1.00 19.33 ? 75  HIS A CD2   1 
ATOM   562  C CE1   . HIS A 1 75  ? -16.206 2.927   3.048   1.00 20.30 ? 75  HIS A CE1   1 
ATOM   563  N NE2   . HIS A 1 75  ? -14.930 2.617   3.144   1.00 19.67 ? 75  HIS A NE2   1 
ATOM   564  N N     . VAL A 1 76  ? -15.002 -0.872  6.507   1.00 17.06 ? 76  VAL A N     1 
ATOM   565  C CA    . VAL A 1 76  ? -13.799 -1.321  7.223   1.00 16.72 ? 76  VAL A CA    1 
ATOM   566  C C     . VAL A 1 76  ? -14.155 -2.549  8.053   1.00 18.54 ? 76  VAL A C     1 
ATOM   567  O O     . VAL A 1 76  ? -13.344 -3.432  8.267   1.00 17.99 ? 76  VAL A O     1 
ATOM   568  C CB    . VAL A 1 76  ? -13.237 -0.199  8.095   1.00 18.25 ? 76  VAL A CB    1 
ATOM   569  C CG1   . VAL A 1 76  ? -12.105 -0.618  9.024   1.00 18.84 ? 76  VAL A CG1   1 
ATOM   570  C CG2   . VAL A 1 76  ? -12.718 0.973   7.243   1.00 19.14 ? 76  VAL A CG2   1 
ATOM   571  N N     . GLU A 1 77  ? -15.382 -2.506  8.621   1.00 19.07 ? 77  GLU A N     1 
ATOM   572  C CA    . GLU A 1 77  ? -15.785 -3.651  9.452   1.00 21.08 ? 77  GLU A CA    1 
ATOM   573  C C     . GLU A 1 77  ? -16.357 -4.791  8.662   1.00 22.00 ? 77  GLU A C     1 
ATOM   574  O O     . GLU A 1 77  ? -16.152 -5.987  8.965   1.00 23.05 ? 77  GLU A O     1 
ATOM   575  C CB    . GLU A 1 77  ? -16.822 -3.078  10.468  1.00 23.48 ? 77  GLU A CB    1 
ATOM   576  C CG    . GLU A 1 77  ? -17.342 -4.185  11.376  1.00 28.97 ? 77  GLU A CG    1 
ATOM   577  C CD    . GLU A 1 77  ? -18.092 -3.658  12.594  1.00 32.18 ? 77  GLU A CD    1 
ATOM   578  O OE1   . GLU A 1 77  ? -18.645 -2.560  12.632  1.00 32.40 ? 77  GLU A OE1   1 
ATOM   579  O OE2   . GLU A 1 77  ? -18.112 -4.444  13.568  1.00 35.20 ? 77  GLU A OE2   1 
ATOM   580  N N     . GLU A 1 78  ? -17.080 -4.529  7.588   1.00 19.97 ? 78  GLU A N     1 
ATOM   581  C CA    . GLU A 1 78  ? -17.748 -5.498  6.762   1.00 21.63 ? 78  GLU A CA    1 
ATOM   582  C C     . GLU A 1 78  ? -16.828 -6.299  5.850   1.00 20.08 ? 78  GLU A C     1 
ATOM   583  O O     . GLU A 1 78  ? -17.143 -7.439  5.507   1.00 21.17 ? 78  GLU A O     1 
ATOM   584  C CB    . GLU A 1 78  ? -18.841 -4.824  5.911   1.00 26.68 ? 78  GLU A CB    1 
ATOM   585  C CG    . GLU A 1 78  ? -19.975 -4.263  6.773   1.00 31.94 ? 78  GLU A CG    1 
ATOM   586  C CD    . GLU A 1 78  ? -21.019 -3.457  6.059   1.00 35.96 ? 78  GLU A CD    1 
ATOM   587  O OE1   . GLU A 1 78  ? -21.237 -3.605  4.837   1.00 38.77 ? 78  GLU A OE1   1 
ATOM   588  O OE2   . GLU A 1 78  ? -21.706 -2.613  6.700   1.00 40.19 ? 78  GLU A OE2   1 
ATOM   589  N N     . ALA A 1 79  ? -15.733 -5.682  5.376   1.00 18.47 ? 79  ALA A N     1 
ATOM   590  C CA    . ALA A 1 79  ? -14.851 -6.446  4.491   1.00 17.82 ? 79  ALA A CA    1 
ATOM   591  C C     . ALA A 1 79  ? -14.192 -7.598  5.269   1.00 16.10 ? 79  ALA A C     1 
ATOM   592  O O     . ALA A 1 79  ? -13.832 -7.393  6.422   1.00 17.59 ? 79  ALA A O     1 
ATOM   593  C CB    . ALA A 1 79  ? -13.711 -5.503  4.036   1.00 18.66 ? 79  ALA A CB    1 
ATOM   594  N N     . PRO A 1 80  ? -13.947 -8.704  4.599   1.00 14.92 ? 80  PRO A N     1 
ATOM   595  C CA    . PRO A 1 80  ? -13.235 -9.804  5.244   1.00 16.20 ? 80  PRO A CA    1 
ATOM   596  C C     . PRO A 1 80  ? -11.812 -9.476  5.582   1.00 16.28 ? 80  PRO A C     1 
ATOM   597  O O     . PRO A 1 80  ? -11.255 -10.026 6.563   1.00 17.59 ? 80  PRO A O     1 
ATOM   598  C CB    . PRO A 1 80  ? -13.346 -10.960 4.261   1.00 15.82 ? 80  PRO A CB    1 
ATOM   599  C CG    . PRO A 1 80  ? -13.528 -10.301 2.921   1.00 19.33 ? 80  PRO A CG    1 
ATOM   600  C CD    . PRO A 1 80  ? -14.376 -9.067  3.234   1.00 14.95 ? 80  PRO A CD    1 
ATOM   601  N N     . VAL A 1 81  ? -11.112 -8.585  4.855   1.00 13.22 ? 81  VAL A N     1 
ATOM   602  C CA    . VAL A 1 81  ? -9.717  -8.271  5.048   1.00 13.53 ? 81  VAL A CA    1 
ATOM   603  C C     . VAL A 1 81  ? -9.495  -6.766  4.956   1.00 12.97 ? 81  VAL A C     1 
ATOM   604  O O     . VAL A 1 81  ? -10.116 -6.144  4.099   1.00 14.42 ? 81  VAL A O     1 
ATOM   605  C CB    . VAL A 1 81  ? -8.831  -8.914  3.958   1.00 14.78 ? 81  VAL A CB    1 
ATOM   606  C CG1   . VAL A 1 81  ? -7.360  -8.483  4.073   1.00 16.59 ? 81  VAL A CG1   1 
ATOM   607  C CG2   . VAL A 1 81  ? -8.894  -10.452 3.937   1.00 18.11 ? 81  VAL A CG2   1 
ATOM   608  N N     . VAL A 1 82  ? -8.752  -6.192  5.875   1.00 12.37 ? 82  VAL A N     1 
ATOM   609  C CA    . VAL A 1 82  ? -8.325  -4.796  5.777   1.00 12.42 ? 82  VAL A CA    1 
ATOM   610  C C     . VAL A 1 82  ? -6.800  -4.841  5.772   1.00 13.70 ? 82  VAL A C     1 
ATOM   611  O O     . VAL A 1 82  ? -6.159  -5.416  6.677   1.00 14.23 ? 82  VAL A O     1 
ATOM   612  C CB    . VAL A 1 82  ? -8.839  -3.935  6.940   1.00 14.28 ? 82  VAL A CB    1 
ATOM   613  C CG1   . VAL A 1 82  ? -8.218  -2.536  6.857   1.00 16.79 ? 82  VAL A CG1   1 
ATOM   614  C CG2   . VAL A 1 82  ? -10.364 -3.879  6.870   1.00 16.10 ? 82  VAL A CG2   1 
ATOM   615  N N     . LEU A 1 83  ? -6.168  -4.231  4.781   1.00 11.89 ? 83  LEU A N     1 
ATOM   616  C CA    . LEU A 1 83  ? -4.721  -4.082  4.777   1.00 10.89 ? 83  LEU A CA    1 
ATOM   617  C C     . LEU A 1 83  ? -4.330  -2.710  5.273   1.00 11.66 ? 83  LEU A C     1 
ATOM   618  O O     . LEU A 1 83  ? -4.962  -1.711  4.911   1.00 15.52 ? 83  LEU A O     1 
ATOM   619  C CB    . LEU A 1 83  ? -4.218  -4.182  3.319   1.00 11.35 ? 83  LEU A CB    1 
ATOM   620  C CG    . LEU A 1 83  ? -4.515  -5.420  2.560   1.00 13.16 ? 83  LEU A CG    1 
ATOM   621  C CD1   . LEU A 1 83  ? -3.849  -5.400  1.154   1.00 16.03 ? 83  LEU A CD1   1 
ATOM   622  C CD2   . LEU A 1 83  ? -4.015  -6.733  3.205   1.00 16.55 ? 83  LEU A CD2   1 
ATOM   623  N N     . VAL A 1 84  ? -3.372  -2.628  6.178   1.00 9.93  ? 84  VAL A N     1 
ATOM   624  C CA    . VAL A 1 84  ? -2.828  -1.363  6.632   1.00 10.79 ? 84  VAL A CA    1 
ATOM   625  C C     . VAL A 1 84  ? -1.490  -1.192  5.950   1.00 11.51 ? 84  VAL A C     1 
ATOM   626  O O     . VAL A 1 84  ? -0.576  -1.983  6.209   1.00 12.87 ? 84  VAL A O     1 
ATOM   627  C CB    . VAL A 1 84  ? -2.654  -1.282  8.182   1.00 13.07 ? 84  VAL A CB    1 
ATOM   628  C CG1   . VAL A 1 84  ? -2.062  0.063   8.537   1.00 14.35 ? 84  VAL A CG1   1 
ATOM   629  C CG2   . VAL A 1 84  ? -4.062  -1.434  8.778   1.00 16.64 ? 84  VAL A CG2   1 
ATOM   630  N N     . LEU A 1 85  ? -1.313  -0.220  5.050   1.00 11.20 ? 85  LEU A N     1 
ATOM   631  C CA    . LEU A 1 85  ? -0.046  0.063   4.384   1.00 11.11 ? 85  LEU A CA    1 
ATOM   632  C C     . LEU A 1 85  ? 0.689   1.138   5.133   1.00 14.20 ? 85  LEU A C     1 
ATOM   633  O O     . LEU A 1 85  ? 0.163   2.275   5.169   1.00 13.97 ? 85  LEU A O     1 
ATOM   634  C CB    . LEU A 1 85  ? -0.313  0.354   2.897   1.00 13.92 ? 85  LEU A CB    1 
ATOM   635  C CG    . LEU A 1 85  ? 0.861   0.870   2.067   1.00 17.04 ? 85  LEU A CG    1 
ATOM   636  C CD1   . LEU A 1 85  ? 1.917   -0.211  1.914   1.00 18.08 ? 85  LEU A CD1   1 
ATOM   637  C CD2   . LEU A 1 85  ? 0.396   1.222   0.631   1.00 17.71 ? 85  LEU A CD2   1 
ATOM   638  N N     . TYR A 1 86  ? 1.820   0.806   5.764   1.00 11.54 ? 86  TYR A N     1 
ATOM   639  C CA    . TYR A 1 86  ? 2.529   1.876   6.491   1.00 12.04 ? 86  TYR A CA    1 
ATOM   640  C C     . TYR A 1 86  ? 3.932   2.048   5.902   1.00 13.43 ? 86  TYR A C     1 
ATOM   641  O O     . TYR A 1 86  ? 4.379   1.160   5.124   1.00 15.01 ? 86  TYR A O     1 
ATOM   642  C CB    . TYR A 1 86  ? 2.566   1.695   8.010   1.00 12.99 ? 86  TYR A CB    1 
ATOM   643  C CG    . TYR A 1 86  ? 3.350   0.566   8.644   1.00 13.23 ? 86  TYR A CG    1 
ATOM   644  C CD1   . TYR A 1 86  ? 2.816   -0.701  8.724   1.00 14.58 ? 86  TYR A CD1   1 
ATOM   645  C CD2   . TYR A 1 86  ? 4.603   0.784   9.186   1.00 16.58 ? 86  TYR A CD2   1 
ATOM   646  C CE1   . TYR A 1 86  ? 3.532   -1.771  9.310   1.00 16.92 ? 86  TYR A CE1   1 
ATOM   647  C CE2   . TYR A 1 86  ? 5.333   -0.249  9.774   1.00 17.37 ? 86  TYR A CE2   1 
ATOM   648  C CZ    . TYR A 1 86  ? 4.772   -1.489  9.858   1.00 19.26 ? 86  TYR A CZ    1 
ATOM   649  O OH    . TYR A 1 86  ? 5.468   -2.558  10.418  1.00 22.63 ? 86  TYR A OH    1 
ATOM   650  N N     . ALA A 1 87  ? 4.616   3.159   6.155   1.00 14.17 ? 87  ALA A N     1 
ATOM   651  C CA    . ALA A 1 87  ? 5.962   3.333   5.600   1.00 14.86 ? 87  ALA A CA    1 
ATOM   652  C C     . ALA A 1 87  ? 6.956   3.574   6.746   1.00 17.05 ? 87  ALA A C     1 
ATOM   653  O O     . ALA A 1 87  ? 6.660   4.438   7.572   1.00 18.75 ? 87  ALA A O     1 
ATOM   654  C CB    . ALA A 1 87  ? 5.881   4.491   4.599   1.00 17.90 ? 87  ALA A CB    1 
ATOM   655  N N     . ASP A 1 88  ? 8.051   2.834   6.746   1.00 17.08 ? 88  ASP A N     1 
ATOM   656  C CA    . ASP A 1 88  ? 8.995   2.972   7.908   1.00 18.62 ? 88  ASP A CA    1 
ATOM   657  C C     . ASP A 1 88  ? 10.403  3.190   7.360   1.00 18.56 ? 88  ASP A C     1 
ATOM   658  O O     . ASP A 1 88  ? 11.154  2.237   7.138   1.00 19.27 ? 88  ASP A O     1 
ATOM   659  C CB    . ASP A 1 88  ? 8.906   1.696   8.733   1.00 20.34 ? 88  ASP A CB    1 
ATOM   660  C CG    . ASP A 1 88  ? 9.670   1.854   10.079  1.00 21.51 ? 88  ASP A CG    1 
ATOM   661  O OD1   . ASP A 1 88  ? 10.437  2.815   10.217  1.00 23.13 ? 88  ASP A OD1   1 
ATOM   662  O OD2   . ASP A 1 88  ? 9.460   0.916   10.886  1.00 25.20 ? 88  ASP A OD2   1 
ATOM   663  N N     . LEU A 1 89  ? 10.702  4.457   7.058   1.00 18.36 ? 89  LEU A N     1 
ATOM   664  C CA    . LEU A 1 89  ? 12.020  4.762   6.476   1.00 19.40 ? 89  LEU A CA    1 
ATOM   665  C C     . LEU A 1 89  ? 13.176  4.395   7.401   1.00 21.06 ? 89  LEU A C     1 
ATOM   666  O O     . LEU A 1 89  ? 14.183  3.868   6.903   1.00 20.06 ? 89  LEU A O     1 
ATOM   667  C CB    . LEU A 1 89  ? 12.068  6.235   6.086   1.00 20.68 ? 89  LEU A CB    1 
ATOM   668  C CG    . LEU A 1 89  ? 13.338  6.690   5.339   1.00 23.35 ? 89  LEU A CG    1 
ATOM   669  C CD1   . LEU A 1 89  ? 13.476  5.960   4.007   1.00 24.61 ? 89  LEU A CD1   1 
ATOM   670  C CD2   . LEU A 1 89  ? 13.365  8.194   5.185   1.00 25.39 ? 89  LEU A CD2   1 
ATOM   671  N N     . GLU A 1 90  ? 12.994  4.626   8.693   1.00 23.02 ? 90  GLU A N     1 
ATOM   672  C CA    . GLU A 1 90  ? 14.080  4.265   9.638   1.00 24.94 ? 90  GLU A CA    1 
ATOM   673  C C     . GLU A 1 90  ? 14.323  2.776   9.663   1.00 24.44 ? 90  GLU A C     1 
ATOM   674  O O     . GLU A 1 90  ? 15.511  2.395   9.738   1.00 24.73 ? 90  GLU A O     1 
ATOM   675  C CB    . GLU A 1 90  ? 13.733  4.836   11.021  1.00 28.92 ? 90  GLU A CB    1 
ATOM   676  C CG    . GLU A 1 90  ? 13.920  6.350   11.077  1.00 32.85 ? 90  GLU A CG    1 
ATOM   677  C CD    . GLU A 1 90  ? 12.783  7.193   10.540  1.00 35.17 ? 90  GLU A CD    1 
ATOM   678  O OE1   . GLU A 1 90  ? 11.719  6.647   10.155  1.00 35.59 ? 90  GLU A OE1   1 
ATOM   679  O OE2   . GLU A 1 90  ? 12.941  8.440   10.522  1.00 35.59 ? 90  GLU A OE2   1 
ATOM   680  N N     . ASP A 1 91  ? 13.332  1.896   9.573   1.00 22.96 ? 91  ASP A N     1 
ATOM   681  C CA    . ASP A 1 91  ? 13.586  0.454   9.523   1.00 23.27 ? 91  ASP A CA    1 
ATOM   682  C C     . ASP A 1 91  ? 14.353  0.119   8.247   1.00 24.52 ? 91  ASP A C     1 
ATOM   683  O O     . ASP A 1 91  ? 15.266  -0.699  8.226   1.00 24.22 ? 91  ASP A O     1 
ATOM   684  C CB    . ASP A 1 91  ? 12.309  -0.376  9.584   1.00 25.28 ? 91  ASP A CB    1 
ATOM   685  C CG    . ASP A 1 91  ? 12.571  -1.862  9.659   1.00 27.13 ? 91  ASP A CG    1 
ATOM   686  O OD1   . ASP A 1 91  ? 13.219  -2.314  10.648  1.00 29.30 ? 91  ASP A OD1   1 
ATOM   687  O OD2   . ASP A 1 91  ? 12.184  -2.642  8.779   1.00 27.05 ? 91  ASP A OD2   1 
ATOM   688  N N     . ALA A 1 92  ? 13.997  0.762   7.108   1.00 21.50 ? 92  ALA A N     1 
ATOM   689  C CA    . ALA A 1 92  ? 14.733  0.495   5.877   1.00 21.38 ? 92  ALA A CA    1 
ATOM   690  C C     . ALA A 1 92  ? 16.197  0.898   6.008   1.00 23.20 ? 92  ALA A C     1 
ATOM   691  O O     . ALA A 1 92  ? 17.087  0.152   5.580   1.00 24.38 ? 92  ALA A O     1 
ATOM   692  C CB    . ALA A 1 92  ? 14.085  1.289   4.732   1.00 19.92 ? 92  ALA A CB    1 
ATOM   693  N N     . LEU A 1 93  ? 16.458  2.056   6.584   1.00 22.36 ? 93  LEU A N     1 
ATOM   694  C CA    . LEU A 1 93  ? 17.844  2.548   6.678   1.00 26.26 ? 93  LEU A CA    1 
ATOM   695  C C     . LEU A 1 93  ? 18.669  1.756   7.689   1.00 29.49 ? 93  LEU A C     1 
ATOM   696  O O     . LEU A 1 93  ? 19.898  1.809   7.558   1.00 31.56 ? 93  LEU A O     1 
ATOM   697  C CB    . LEU A 1 93  ? 17.879  4.022   7.065   1.00 27.51 ? 93  LEU A CB    1 
ATOM   698  C CG    . LEU A 1 93  ? 17.232  5.042   6.136   1.00 28.20 ? 93  LEU A CG    1 
ATOM   699  C CD1   . LEU A 1 93  ? 17.226  6.445   6.755   1.00 29.00 ? 93  LEU A CD1   1 
ATOM   700  C CD2   . LEU A 1 93  ? 17.898  5.080   4.761   1.00 29.22 ? 93  LEU A CD2   1 
ATOM   701  N N     . ALA A 1 94  ? 18.051  1.079   8.647   1.00 30.30 ? 94  ALA A N     1 
ATOM   702  C CA    . ALA A 1 94  ? 18.821  0.306   9.633   1.00 31.59 ? 94  ALA A CA    1 
ATOM   703  C C     . ALA A 1 94  ? 19.240  -1.050  9.101   1.00 33.79 ? 94  ALA A C     1 
ATOM   704  O O     . ALA A 1 94  ? 20.027  -1.787  9.719   1.00 34.50 ? 94  ALA A O     1 
ATOM   705  C CB    . ALA A 1 94  ? 17.968  0.112   10.885  1.00 32.06 ? 94  ALA A CB    1 
ATOM   706  N N     . HIS A 1 95  ? 18.644  -1.505  8.020   1.00 31.76 ? 95  HIS A N     1 
ATOM   707  C CA    . HIS A 1 95  ? 18.860  -2.733  7.313   1.00 32.57 ? 95  HIS A CA    1 
ATOM   708  C C     . HIS A 1 95  ? 19.204  -2.536  5.844   1.00 30.28 ? 95  HIS A C     1 
ATOM   709  O O     . HIS A 1 95  ? 18.764  -3.285  4.965   1.00 29.50 ? 95  HIS A O     1 
ATOM   710  C CB    . HIS A 1 95  ? 17.578  -3.597  7.444   1.00 34.28 ? 95  HIS A CB    1 
ATOM   711  C CG    . HIS A 1 95  ? 17.192  -3.847  8.871   1.00 36.76 ? 95  HIS A CG    1 
ATOM   712  N ND1   . HIS A 1 95  ? 16.370  -2.995  9.573   1.00 37.31 ? 95  HIS A ND1   1 
ATOM   713  C CD2   . HIS A 1 95  ? 17.566  -4.837  9.729   1.00 38.18 ? 95  HIS A CD2   1 
ATOM   714  C CE1   . HIS A 1 95  ? 16.227  -3.462  10.809  1.00 39.14 ? 95  HIS A CE1   1 
ATOM   715  N NE2   . HIS A 1 95  ? 16.941  -4.581  10.933  1.00 38.68 ? 95  HIS A NE2   1 
ATOM   716  N N     . LEU A 1 96  ? 20.084  -1.580  5.480   1.00 28.81 ? 96  LEU A N     1 
ATOM   717  C CA    . LEU A 1 96  ? 20.459  -1.342  4.100   1.00 27.27 ? 96  LEU A CA    1 
ATOM   718  C C     . LEU A 1 96  ? 21.140  -2.506  3.387   1.00 29.57 ? 96  LEU A C     1 
ATOM   719  O O     . LEU A 1 96  ? 21.048  -2.632  2.149   1.00 27.40 ? 96  LEU A O     1 
ATOM   720  C CB    . LEU A 1 96  ? 21.347  -0.094  3.940   1.00 26.98 ? 96  LEU A CB    1 
ATOM   721  C CG    . LEU A 1 96  ? 20.654  1.257   4.049   1.00 27.64 ? 96  LEU A CG    1 
ATOM   722  C CD1   . LEU A 1 96  ? 21.656  2.403   4.051   1.00 25.79 ? 96  LEU A CD1   1 
ATOM   723  C CD2   . LEU A 1 96  ? 19.626  1.440   2.915   1.00 26.89 ? 96  LEU A CD2   1 
ATOM   724  N N     . ASP A 1 97  ? 21.795  -3.419  4.128   1.00 31.03 ? 97  ASP A N     1 
ATOM   725  C CA    . ASP A 1 97  ? 22.414  -4.566  3.467   1.00 33.84 ? 97  ASP A CA    1 
ATOM   726  C C     . ASP A 1 97  ? 21.367  -5.476  2.846   1.00 33.60 ? 97  ASP A C     1 
ATOM   727  O O     . ASP A 1 97  ? 21.690  -6.200  1.901   1.00 34.28 ? 97  ASP A O     1 
ATOM   728  C CB    . ASP A 1 97  ? 23.310  -5.380  4.406   1.00 36.83 ? 97  ASP A CB    1 
ATOM   729  C CG    . ASP A 1 97  ? 24.617  -4.658  4.699   1.00 38.74 ? 97  ASP A CG    1 
ATOM   730  O OD1   . ASP A 1 97  ? 25.398  -4.481  3.748   1.00 39.77 ? 97  ASP A OD1   1 
ATOM   731  O OD2   . ASP A 1 97  ? 24.834  -4.259  5.865   1.00 40.60 ? 97  ASP A OD2   1 
ATOM   732  N N     . GLU A 1 98  ? 20.131  -5.465  3.346   1.00 33.07 ? 98  GLU A N     1 
ATOM   733  C CA    . GLU A 1 98  ? 19.076  -6.291  2.765   1.00 33.65 ? 98  GLU A CA    1 
ATOM   734  C C     . GLU A 1 98  ? 18.643  -5.779  1.388   1.00 32.29 ? 98  GLU A C     1 
ATOM   735  O O     . GLU A 1 98  ? 18.033  -6.589  0.689   1.00 33.19 ? 98  GLU A O     1 
ATOM   736  C CB    . GLU A 1 98  ? 17.817  -6.268  3.642   1.00 35.89 ? 98  GLU A CB    1 
ATOM   737  C CG    . GLU A 1 98  ? 17.827  -7.087  4.909   1.00 39.66 ? 98  GLU A CG    1 
ATOM   738  C CD    . GLU A 1 98  ? 16.559  -6.894  5.732   1.00 41.65 ? 98  GLU A CD    1 
ATOM   739  O OE1   . GLU A 1 98  ? 15.996  -5.772  5.751   1.00 43.20 ? 98  GLU A OE1   1 
ATOM   740  O OE2   . GLU A 1 98  ? 16.118  -7.858  6.387   1.00 42.74 ? 98  GLU A OE2   1 
ATOM   741  N N     . VAL A 1 99  ? 18.850  -4.516  1.017   1.00 29.23 ? 99  VAL A N     1 
ATOM   742  C CA    . VAL A 1 99  ? 18.335  -4.053  -0.279  1.00 30.45 ? 99  VAL A CA    1 
ATOM   743  C C     . VAL A 1 99  ? 19.402  -3.776  -1.326  1.00 31.22 ? 99  VAL A C     1 
ATOM   744  O O     . VAL A 1 99  ? 19.087  -3.602  -2.507  1.00 29.77 ? 99  VAL A O     1 
ATOM   745  C CB    . VAL A 1 99  ? 17.430  -2.815  -0.143  1.00 29.03 ? 99  VAL A CB    1 
ATOM   746  C CG1   . VAL A 1 99  ? 16.397  -2.989  0.971   1.00 27.37 ? 99  VAL A CG1   1 
ATOM   747  C CG2   . VAL A 1 99  ? 18.220  -1.534  0.125   1.00 28.58 ? 99  VAL A CG2   1 
ATOM   748  N N     . ILE A 1 100 ? 20.665  -3.674  -0.917  1.00 34.60 ? 100 ILE A N     1 
ATOM   749  C CA    . ILE A 1 100 ? 21.785  -3.498  -1.847  1.00 37.84 ? 100 ILE A CA    1 
ATOM   750  C C     . ILE A 1 100 ? 21.978  -4.767  -2.679  1.00 40.32 ? 100 ILE A C     1 
ATOM   751  O O     . ILE A 1 100 ? 21.959  -5.865  -2.126  1.00 41.18 ? 100 ILE A O     1 
ATOM   752  C CB    . ILE A 1 100 ? 23.084  -3.214  -1.062  1.00 38.62 ? 100 ILE A CB    1 
ATOM   753  C CG1   . ILE A 1 100 ? 23.056  -1.847  -0.364  1.00 39.02 ? 100 ILE A CG1   1 
ATOM   754  C CG2   . ILE A 1 100 ? 24.346  -3.304  -1.920  1.00 38.69 ? 100 ILE A CG2   1 
ATOM   755  C CD1   . ILE A 1 100 ? 22.697  -0.678  -1.235  1.00 38.77 ? 100 ILE A CD1   1 
ATOM   756  N N     . HIS A 1 101 ? 22.203  -4.663  -3.982  1.00 43.81 ? 101 HIS A N     1 
ATOM   757  C CA    . HIS A 1 101 ? 22.388  -5.851  -4.817  1.00 47.98 ? 101 HIS A CA    1 
ATOM   758  C C     . HIS A 1 101 ? 23.440  -6.793  -4.244  1.00 49.67 ? 101 HIS A C     1 
ATOM   759  O O     . HIS A 1 101 ? 24.545  -6.392  -3.882  1.00 49.53 ? 101 HIS A O     1 
ATOM   760  C CB    . HIS A 1 101 ? 22.786  -5.494  -6.246  1.00 49.79 ? 101 HIS A CB    1 
ATOM   761  C CG    . HIS A 1 101 ? 21.977  -4.419  -6.894  1.00 51.66 ? 101 HIS A CG    1 
ATOM   762  N ND1   . HIS A 1 101 ? 22.333  -3.089  -6.843  1.00 52.58 ? 101 HIS A ND1   1 
ATOM   763  C CD2   . HIS A 1 101 ? 20.833  -4.474  -7.625  1.00 53.06 ? 101 HIS A CD2   1 
ATOM   764  C CE1   . HIS A 1 101 ? 21.444  -2.362  -7.496  1.00 53.39 ? 101 HIS A CE1   1 
ATOM   765  N NE2   . HIS A 1 101 ? 20.524  -3.181  -7.983  1.00 53.57 ? 101 HIS A NE2   1 
ATOM   766  N N     . PRO A 1 102 ? 23.142  -8.091  -4.248  1.00 51.70 ? 102 PRO A N     1 
ATOM   767  C CA    . PRO A 1 102 ? 24.020  -9.121  -3.736  1.00 53.39 ? 102 PRO A CA    1 
ATOM   768  C C     . PRO A 1 102 ? 25.372  -9.221  -4.420  1.00 54.97 ? 102 PRO A C     1 
ATOM   769  O O     . PRO A 1 102 ? 26.331  -9.682  -3.791  1.00 55.36 ? 102 PRO A O     1 
ATOM   770  C CB    . PRO A 1 102 ? 23.226  -10.416 -3.863  1.00 53.56 ? 102 PRO A CB    1 
ATOM   771  C CG    . PRO A 1 102 ? 22.125  -10.127 -4.819  1.00 52.82 ? 102 PRO A CG    1 
ATOM   772  C CD    . PRO A 1 102 ? 21.840  -8.657  -4.695  1.00 52.24 ? 102 PRO A CD    1 
ATOM   773  N N     . GLY A 1 103 ? 25.495  -8.782  -5.664  1.00 56.51 ? 103 GLY A N     1 
ATOM   774  C CA    . GLY A 1 103 ? 26.754  -8.778  -6.389  1.00 58.59 ? 103 GLY A CA    1 
ATOM   775  C C     . GLY A 1 103 ? 27.613  -7.569  -6.031  1.00 60.06 ? 103 GLY A C     1 
ATOM   776  O O     . GLY A 1 103 ? 28.837  -7.624  -6.192  1.00 60.91 ? 103 GLY A O     1 
ATOM   777  N N     . VAL A 1 104 ? 27.010  -6.485  -5.563  1.00 60.85 ? 104 VAL A N     1 
ATOM   778  C CA    . VAL A 1 104 ? 27.731  -5.277  -5.173  1.00 61.73 ? 104 VAL A CA    1 
ATOM   779  C C     . VAL A 1 104 ? 28.266  -5.424  -3.753  1.00 62.69 ? 104 VAL A C     1 
ATOM   780  O O     . VAL A 1 104 ? 27.545  -5.169  -2.784  1.00 62.95 ? 104 VAL A O     1 
ATOM   781  C CB    . VAL A 1 104 ? 26.827  -4.035  -5.256  1.00 61.97 ? 104 VAL A CB    1 
ATOM   782  C CG1   . VAL A 1 104 ? 27.556  -2.767  -4.825  1.00 62.31 ? 104 VAL A CG1   1 
ATOM   783  C CG2   . VAL A 1 104 ? 26.269  -3.849  -6.661  1.00 61.99 ? 104 VAL A CG2   1 
ATOM   784  N N     . GLN A 1 105 ? 29.505  -5.885  -3.604  1.00 63.28 ? 105 GLN A N     1 
ATOM   785  C CA    . GLN A 1 105 ? 30.099  -6.117  -2.295  1.00 64.06 ? 105 GLN A CA    1 
ATOM   786  C C     . GLN A 1 105 ? 31.395  -5.351  -2.071  1.00 63.81 ? 105 GLN A C     1 
ATOM   787  O O     . GLN A 1 105 ? 31.863  -4.582  -2.909  1.00 63.54 ? 105 GLN A O     1 
ATOM   788  C CB    . GLN A 1 105 ? 30.349  -7.627  -2.113  1.00 65.04 ? 105 GLN A CB    1 
ATOM   789  C CG    . GLN A 1 105 ? 29.080  -8.457  -2.047  1.00 66.14 ? 105 GLN A CG    1 
ATOM   790  C CD    . GLN A 1 105 ? 29.257  -9.932  -2.322  1.00 66.96 ? 105 GLN A CD    1 
ATOM   791  O OE1   . GLN A 1 105 ? 30.353  -10.426 -2.592  1.00 67.35 ? 105 GLN A OE1   1 
ATOM   792  N NE2   . GLN A 1 105 ? 28.151  -10.676 -2.253  1.00 67.19 ? 105 GLN A NE2   1 
ATOM   793  N N     . GLY A 1 106 ? 31.986  -5.535  -0.891  1.00 63.87 ? 106 GLY A N     1 
ATOM   794  C CA    . GLY A 1 106 ? 33.236  -4.904  -0.515  1.00 63.83 ? 106 GLY A CA    1 
ATOM   795  C C     . GLY A 1 106 ? 33.160  -3.406  -0.308  1.00 63.86 ? 106 GLY A C     1 
ATOM   796  O O     . GLY A 1 106 ? 32.373  -2.912  0.500   1.00 64.85 ? 106 GLY A O     1 
ATOM   797  N N     . GLU A 1 107 ? 33.961  -2.650  -1.050  1.00 63.51 ? 107 GLU A N     1 
ATOM   798  C CA    . GLU A 1 107 ? 34.021  -1.199  -0.949  1.00 63.03 ? 107 GLU A CA    1 
ATOM   799  C C     . GLU A 1 107 ? 32.904  -0.486  -1.691  1.00 61.99 ? 107 GLU A C     1 
ATOM   800  O O     . GLU A 1 107 ? 32.538  0.638   -1.331  1.00 62.19 ? 107 GLU A O     1 
ATOM   801  C CB    . GLU A 1 107 ? 35.380  -0.699  -1.451  1.00 63.84 ? 107 GLU A CB    1 
ATOM   802  C CG    . GLU A 1 107 ? 35.575  0.802   -1.401  1.00 64.56 ? 107 GLU A CG    1 
ATOM   803  C CD    . GLU A 1 107 ? 35.889  1.323   -0.015  1.00 65.26 ? 107 GLU A CD    1 
ATOM   804  O OE1   . GLU A 1 107 ? 35.912  0.525   0.945   1.00 65.78 ? 107 GLU A OE1   1 
ATOM   805  O OE2   . GLU A 1 107 ? 36.120  2.544   0.121   1.00 65.67 ? 107 GLU A OE2   1 
ATOM   806  N N     . ARG A 1 108 ? 32.346  -1.111  -2.718  1.00 60.54 ? 108 ARG A N     1 
ATOM   807  C CA    . ARG A 1 108 ? 31.255  -0.515  -3.483  1.00 59.51 ? 108 ARG A CA    1 
ATOM   808  C C     . ARG A 1 108 ? 29.982  -0.418  -2.639  1.00 57.27 ? 108 ARG A C     1 
ATOM   809  O O     . ARG A 1 108 ? 29.247  0.563   -2.704  1.00 57.04 ? 108 ARG A O     1 
ATOM   810  C CB    . ARG A 1 108 ? 30.994  -1.324  -4.753  1.00 60.32 ? 108 ARG A CB    1 
ATOM   811  C CG    . ARG A 1 108 ? 32.099  -1.174  -5.789  1.00 62.05 ? 108 ARG A CG    1 
ATOM   812  C CD    . ARG A 1 108 ? 32.138  -2.383  -6.713  1.00 62.92 ? 108 ARG A CD    1 
ATOM   813  N NE    . ARG A 1 108 ? 33.444  -2.550  -7.342  1.00 63.79 ? 108 ARG A NE    1 
ATOM   814  C CZ    . ARG A 1 108 ? 33.630  -3.203  -8.485  1.00 64.21 ? 108 ARG A CZ    1 
ATOM   815  N NH1   . ARG A 1 108 ? 32.598  -3.744  -9.122  1.00 64.64 ? 108 ARG A NH1   1 
ATOM   816  N NH2   . ARG A 1 108 ? 34.853  -3.312  -8.989  1.00 64.62 ? 108 ARG A NH2   1 
ATOM   817  N N     . ARG A 1 109 ? 29.737  -1.442  -1.834  1.00 54.99 ? 109 ARG A N     1 
ATOM   818  C CA    . ARG A 1 109 ? 28.597  -1.484  -0.930  1.00 52.92 ? 109 ARG A CA    1 
ATOM   819  C C     . ARG A 1 109 ? 28.626  -0.312  0.043   1.00 50.98 ? 109 ARG A C     1 
ATOM   820  O O     . ARG A 1 109 ? 27.618  0.390   0.177   1.00 50.60 ? 109 ARG A O     1 
ATOM   821  C CB    . ARG A 1 109 ? 28.588  -2.829  -0.206  1.00 53.45 ? 109 ARG A CB    1 
ATOM   822  C CG    . ARG A 1 109 ? 27.393  -3.092  0.688   1.00 54.44 ? 109 ARG A CG    1 
ATOM   823  C CD    . ARG A 1 109 ? 27.290  -4.548  1.102   1.00 54.61 ? 109 ARG A CD    1 
ATOM   824  N NE    . ARG A 1 109 ? 26.617  -5.379  0.114   1.00 55.58 ? 109 ARG A NE    1 
ATOM   825  C CZ    . ARG A 1 109 ? 25.482  -6.051  0.291   1.00 55.54 ? 109 ARG A CZ    1 
ATOM   826  N NH1   . ARG A 1 109 ? 24.839  -6.007  1.453   1.00 55.17 ? 109 ARG A NH1   1 
ATOM   827  N NH2   . ARG A 1 109 ? 24.979  -6.782  -0.698  1.00 54.73 ? 109 ARG A NH2   1 
ATOM   828  N N     . GLU A 1 110 ? 29.771  -0.019  0.672   1.00 47.81 ? 110 GLU A N     1 
ATOM   829  C CA    . GLU A 1 110 ? 29.870  1.096   1.605   1.00 44.78 ? 110 GLU A CA    1 
ATOM   830  C C     . GLU A 1 110 ? 29.585  2.448   0.974   1.00 42.43 ? 110 GLU A C     1 
ATOM   831  O O     . GLU A 1 110 ? 28.906  3.284   1.585   1.00 41.28 ? 110 GLU A O     1 
ATOM   832  C CB    . GLU A 1 110 ? 31.256  1.148   2.280   1.00 45.48 ? 110 GLU A CB    1 
ATOM   833  C CG    . GLU A 1 110 ? 31.493  2.428   3.076   1.00 45.95 ? 110 GLU A CG    1 
ATOM   834  C CD    . GLU A 1 110 ? 30.870  2.427   4.450   1.00 46.64 ? 110 GLU A CD    1 
ATOM   835  O OE1   . GLU A 1 110 ? 30.198  1.443   4.810   1.00 46.87 ? 110 GLU A OE1   1 
ATOM   836  O OE2   . GLU A 1 110 ? 31.037  3.414   5.212   1.00 47.62 ? 110 GLU A OE2   1 
ATOM   837  N N     . ALA A 1 111 ? 30.107  2.707   -0.221  1.00 40.29 ? 111 ALA A N     1 
ATOM   838  C CA    . ALA A 1 111 ? 29.879  3.992   -0.876  1.00 39.64 ? 111 ALA A CA    1 
ATOM   839  C C     . ALA A 1 111 ? 28.401  4.200   -1.209  1.00 38.93 ? 111 ALA A C     1 
ATOM   840  O O     . ALA A 1 111 ? 27.914  5.337   -1.126  1.00 39.23 ? 111 ALA A O     1 
ATOM   841  C CB    . ALA A 1 111 ? 30.738  4.152   -2.114  1.00 39.48 ? 111 ALA A CB    1 
ATOM   842  N N     . GLN A 1 112 ? 27.711  3.126   -1.598  1.00 37.25 ? 112 GLN A N     1 
ATOM   843  C CA    . GLN A 1 112 ? 26.285  3.224   -1.854  1.00 36.60 ? 112 GLN A CA    1 
ATOM   844  C C     . GLN A 1 112 ? 25.543  3.479   -0.525  1.00 33.81 ? 112 GLN A C     1 
ATOM   845  O O     . GLN A 1 112 ? 24.671  4.347   -0.476  1.00 33.08 ? 112 GLN A O     1 
ATOM   846  C CB    . GLN A 1 112 ? 25.734  1.946   -2.496  1.00 37.58 ? 112 GLN A CB    1 
ATOM   847  C CG    . GLN A 1 112 ? 26.480  1.493   -3.732  1.00 39.84 ? 112 GLN A CG    1 
ATOM   848  C CD    . GLN A 1 112 ? 25.747  0.509   -4.615  1.00 41.03 ? 112 GLN A CD    1 
ATOM   849  O OE1   . GLN A 1 112 ? 26.189  0.253   -5.748  1.00 42.24 ? 112 GLN A OE1   1 
ATOM   850  N NE2   . GLN A 1 112 ? 24.634  -0.062  -4.169  1.00 40.34 ? 112 GLN A NE2   1 
ATOM   851  N N     . LYS A 1 113 ? 25.870  2.694   0.498   1.00 32.39 ? 113 LYS A N     1 
ATOM   852  C CA    . LYS A 1 113 ? 25.223  2.890   1.794   1.00 32.07 ? 113 LYS A CA    1 
ATOM   853  C C     . LYS A 1 113 ? 25.461  4.279   2.366   1.00 30.24 ? 113 LYS A C     1 
ATOM   854  O O     . LYS A 1 113 ? 24.514  4.806   2.950   1.00 27.37 ? 113 LYS A O     1 
ATOM   855  C CB    . LYS A 1 113 ? 25.595  1.834   2.832   1.00 31.85 ? 113 LYS A CB    1 
ATOM   856  C CG    . LYS A 1 113 ? 25.346  0.389   2.492   1.00 34.35 ? 113 LYS A CG    1 
ATOM   857  C CD    . LYS A 1 113 ? 25.308  -0.536  3.693   1.00 35.99 ? 113 LYS A CD    1 
ATOM   858  C CE    . LYS A 1 113 ? 26.707  -0.800  4.249   1.00 37.77 ? 113 LYS A CE    1 
ATOM   859  N NZ    . LYS A 1 113 ? 26.666  -1.845  5.322   1.00 37.85 ? 113 LYS A NZ    1 
ATOM   860  N N     . GLN A 1 114 ? 26.641  4.914   2.244   1.00 30.13 ? 114 GLN A N     1 
ATOM   861  C CA    . GLN A 1 114 ? 26.860  6.239   2.811   1.00 29.17 ? 114 GLN A CA    1 
ATOM   862  C C     . GLN A 1 114 ? 26.123  7.345   2.089   1.00 28.21 ? 114 GLN A C     1 
ATOM   863  O O     . GLN A 1 114 ? 25.610  8.299   2.651   1.00 27.51 ? 114 GLN A O     1 
ATOM   864  C CB    . GLN A 1 114 ? 28.364  6.639   2.754   1.00 30.88 ? 114 GLN A CB    1 
ATOM   865  C CG    . GLN A 1 114 ? 29.265  5.933   3.726   1.00 31.07 ? 114 GLN A CG    1 
ATOM   866  C CD    . GLN A 1 114 ? 30.556  6.687   4.025   1.00 32.41 ? 114 GLN A CD    1 
ATOM   867  O OE1   . GLN A 1 114 ? 30.792  7.825   3.612   1.00 33.05 ? 114 GLN A OE1   1 
ATOM   868  N NE2   . GLN A 1 114 ? 31.430  6.051   4.808   1.00 32.51 ? 114 GLN A NE2   1 
ATOM   869  N N     . ALA A 1 115 ? 26.012  7.204   0.750   1.00 26.71 ? 115 ALA A N     1 
ATOM   870  C CA    . ALA A 1 115 ? 25.278  8.169   -0.047  1.00 27.39 ? 115 ALA A CA    1 
ATOM   871  C C     . ALA A 1 115 ? 23.794  8.182   0.363   1.00 25.04 ? 115 ALA A C     1 
ATOM   872  O O     . ALA A 1 115 ? 23.233  9.261   0.494   1.00 25.93 ? 115 ALA A O     1 
ATOM   873  C CB    . ALA A 1 115 ? 25.365  7.770   -1.524  1.00 28.35 ? 115 ALA A CB    1 
ATOM   874  N N     . ILE A 1 116 ? 23.262  6.984   0.600   1.00 25.60 ? 116 ILE A N     1 
ATOM   875  C CA    . ILE A 1 116 ? 21.854  6.886   1.010   1.00 24.91 ? 116 ILE A CA    1 
ATOM   876  C C     . ILE A 1 116 ? 21.666  7.461   2.405   1.00 24.84 ? 116 ILE A C     1 
ATOM   877  O O     . ILE A 1 116 ? 20.800  8.310   2.606   1.00 24.94 ? 116 ILE A O     1 
ATOM   878  C CB    . ILE A 1 116 ? 21.333  5.439   0.919   1.00 25.33 ? 116 ILE A CB    1 
ATOM   879  C CG1   . ILE A 1 116 ? 21.238  4.967   -0.548  1.00 27.11 ? 116 ILE A CG1   1 
ATOM   880  C CG2   . ILE A 1 116 ? 19.959  5.337   1.594   1.00 24.71 ? 116 ILE A CG2   1 
ATOM   881  C CD1   . ILE A 1 116 ? 21.403  3.466   -0.720  1.00 28.33 ? 116 ILE A CD1   1 
ATOM   882  N N     . GLN A 1 117 ? 22.553  7.075   3.335   1.00 25.37 ? 117 GLN A N     1 
ATOM   883  C CA    . GLN A 1 117 ? 22.392  7.603   4.717   1.00 25.50 ? 117 GLN A CA    1 
ATOM   884  C C     . GLN A 1 117 ? 22.565  9.105   4.785   1.00 26.66 ? 117 GLN A C     1 
ATOM   885  O O     . GLN A 1 117 ? 21.824  9.856   5.437   1.00 26.51 ? 117 GLN A O     1 
ATOM   886  C CB    . GLN A 1 117 ? 23.374  6.896   5.650   1.00 26.05 ? 117 GLN A CB    1 
ATOM   887  C CG    . GLN A 1 117 ? 23.189  5.431   5.912   1.00 28.34 ? 117 GLN A CG    1 
ATOM   888  C CD    . GLN A 1 117 ? 22.138  5.057   6.934   1.00 30.57 ? 117 GLN A CD    1 
ATOM   889  O OE1   . GLN A 1 117 ? 21.301  5.871   7.335   1.00 32.70 ? 117 GLN A OE1   1 
ATOM   890  N NE2   . GLN A 1 117 ? 22.184  3.789   7.385   1.00 32.42 ? 117 GLN A NE2   1 
ATOM   891  N N     . ARG A 1 118 ? 23.512  9.653   4.025   1.00 28.51 ? 118 ARG A N     1 
ATOM   892  C CA    . ARG A 1 118 ? 23.731  11.090  3.962   1.00 31.01 ? 118 ARG A CA    1 
ATOM   893  C C     . ARG A 1 118 ? 22.548  11.853  3.409   1.00 31.30 ? 118 ARG A C     1 
ATOM   894  O O     . ARG A 1 118 ? 22.194  12.916  3.942   1.00 32.60 ? 118 ARG A O     1 
ATOM   895  C CB    . ARG A 1 118 ? 24.991  11.441  3.153   1.00 33.81 ? 118 ARG A CB    1 
ATOM   896  C CG    . ARG A 1 118 ? 26.138  11.920  4.023   1.00 36.01 ? 118 ARG A CG    1 
ATOM   897  C CD    . ARG A 1 118 ? 27.144  12.734  3.192   1.00 37.05 ? 118 ARG A CD    1 
ATOM   898  N NE    . ARG A 1 118 ? 27.546  11.926  2.047   1.00 38.22 ? 118 ARG A NE    1 
ATOM   899  C CZ    . ARG A 1 118 ? 28.444  10.951  2.058   1.00 39.52 ? 118 ARG A CZ    1 
ATOM   900  N NH1   . ARG A 1 118 ? 29.109  10.619  3.165   1.00 38.46 ? 118 ARG A NH1   1 
ATOM   901  N NH2   . ARG A 1 118 ? 28.675  10.317  0.909   1.00 40.64 ? 118 ARG A NH2   1 
ATOM   902  N N     . ALA A 1 119 ? 21.879  11.349  2.371   1.00 30.63 ? 119 ALA A N     1 
ATOM   903  C CA    . ALA A 1 119 ? 20.716  12.034  1.830   1.00 29.74 ? 119 ALA A CA    1 
ATOM   904  C C     . ALA A 1 119 ? 19.610  12.183  2.855   1.00 28.90 ? 119 ALA A C     1 
ATOM   905  O O     . ALA A 1 119 ? 18.959  13.226  2.926   1.00 32.18 ? 119 ALA A O     1 
ATOM   906  C CB    . ALA A 1 119 ? 20.175  11.254  0.617   1.00 30.56 ? 119 ALA A CB    1 
ATOM   907  N N     . PHE A 1 120 ? 19.367  11.174  3.694   1.00 25.48 ? 120 PHE A N     1 
ATOM   908  C CA    . PHE A 1 120 ? 18.281  11.208  4.653   1.00 24.76 ? 120 PHE A CA    1 
ATOM   909  C C     . PHE A 1 120 ? 18.650  11.847  5.991   1.00 24.52 ? 120 PHE A C     1 
ATOM   910  O O     . PHE A 1 120 ? 17.803  12.417  6.651   1.00 24.37 ? 120 PHE A O     1 
ATOM   911  C CB    . PHE A 1 120 ? 17.694  9.800   4.832   1.00 25.19 ? 120 PHE A CB    1 
ATOM   912  C CG    . PHE A 1 120 ? 16.936  9.365   3.573   1.00 25.66 ? 120 PHE A CG    1 
ATOM   913  C CD1   . PHE A 1 120 ? 15.763  10.002  3.219   1.00 26.15 ? 120 PHE A CD1   1 
ATOM   914  C CD2   . PHE A 1 120 ? 17.435  8.354   2.790   1.00 26.56 ? 120 PHE A CD2   1 
ATOM   915  C CE1   . PHE A 1 120 ? 15.083  9.590   2.069   1.00 25.34 ? 120 PHE A CE1   1 
ATOM   916  C CE2   . PHE A 1 120 ? 16.764  7.940   1.639   1.00 26.11 ? 120 PHE A CE2   1 
ATOM   917  C CZ    . PHE A 1 120 ? 15.588  8.569   1.293   1.00 24.65 ? 120 PHE A CZ    1 
ATOM   918  N N     . ALA A 1 121 ? 19.948  11.904  6.265   1.00 28.19 ? 121 ALA A N     1 
ATOM   919  C CA    . ALA A 1 121 ? 20.350  12.546  7.541   1.00 31.12 ? 121 ALA A CA    1 
ATOM   920  C C     . ALA A 1 121 ? 20.059  14.032  7.464   1.00 33.50 ? 121 ALA A C     1 
ATOM   921  O O     . ALA A 1 121 ? 19.733  14.644  8.479   1.00 34.95 ? 121 ALA A O     1 
ATOM   922  C CB    . ALA A 1 121 ? 21.798  12.213  7.857   1.00 31.69 ? 121 ALA A CB    1 
ATOM   923  N N     . ALA A 1 122 ? 20.056  14.645  6.293   1.00 36.48 ? 122 ALA A N     1 
ATOM   924  C CA    . ALA A 1 122 ? 19.779  16.042  6.055   1.00 39.60 ? 122 ALA A CA    1 
ATOM   925  C C     . ALA A 1 122 ? 18.314  16.422  5.916   1.00 41.34 ? 122 ALA A C     1 
ATOM   926  O O     . ALA A 1 122 ? 18.028  17.578  5.550   1.00 43.20 ? 122 ALA A O     1 
ATOM   927  C CB    . ALA A 1 122 ? 20.477  16.440  4.738   1.00 40.52 ? 122 ALA A CB    1 
ATOM   928  N N     . MET A 1 123 ? 17.383  15.506  6.166   1.00 40.10 ? 123 MET A N     1 
ATOM   929  C CA    . MET A 1 123 ? 15.954  15.774  6.057   1.00 38.10 ? 123 MET A CA    1 
ATOM   930  C C     . MET A 1 123 ? 15.228  15.690  7.392   1.00 35.52 ? 123 MET A C     1 
ATOM   931  O O     . MET A 1 123 ? 15.520  14.801  8.197   1.00 34.76 ? 123 MET A O     1 
ATOM   932  C CB    . MET A 1 123 ? 15.356  14.708  5.102   1.00 40.13 ? 123 MET A CB    1 
ATOM   933  C CG    . MET A 1 123 ? 15.884  14.722  3.679   1.00 42.48 ? 123 MET A CG    1 
ATOM   934  S SD    . MET A 1 123 ? 15.199  13.444  2.588   1.00 46.73 ? 123 MET A SD    1 
ATOM   935  C CE    . MET A 1 123 ? 13.461  13.596  2.892   1.00 42.57 ? 123 MET A CE    1 
ATOM   936  N N     . GLY A 1 124 ? 14.207  16.496  7.648   1.00 32.98 ? 124 GLY A N     1 
ATOM   937  C CA    . GLY A 1 124 ? 13.390  16.451  8.847   1.00 31.37 ? 124 GLY A CA    1 
ATOM   938  C C     . GLY A 1 124 ? 12.396  15.294  8.859   1.00 33.29 ? 124 GLY A C     1 
ATOM   939  O O     . GLY A 1 124 ? 12.201  14.608  7.839   1.00 30.24 ? 124 GLY A O     1 
ATOM   940  N N     . GLN A 1 125 ? 11.702  15.066  9.971   1.00 32.49 ? 125 GLN A N     1 
ATOM   941  C CA    . GLN A 1 125 ? 10.753  13.983  10.114  1.00 34.00 ? 125 GLN A CA    1 
ATOM   942  C C     . GLN A 1 125 ? 9.576   14.045  9.142   1.00 33.16 ? 125 GLN A C     1 
ATOM   943  O O     . GLN A 1 125 ? 9.210   12.996  8.566   1.00 31.08 ? 125 GLN A O     1 
ATOM   944  C CB    . GLN A 1 125 ? 10.283  13.849  11.570  1.00 37.32 ? 125 GLN A CB    1 
ATOM   945  C CG    . GLN A 1 125 ? 9.560   12.552  11.877  1.00 41.60 ? 125 GLN A CG    1 
ATOM   946  C CD    . GLN A 1 125 ? 10.416  11.306  11.946  1.00 44.74 ? 125 GLN A CD    1 
ATOM   947  O OE1   . GLN A 1 125 ? 10.740  10.794  13.033  1.00 47.04 ? 125 GLN A OE1   1 
ATOM   948  N NE2   . GLN A 1 125 ? 10.791  10.738  10.797  1.00 44.79 ? 125 GLN A NE2   1 
ATOM   949  N N     . GLU A 1 126 ? 8.990   15.205  8.916   1.00 30.85 ? 126 GLU A N     1 
ATOM   950  C CA    . GLU A 1 126 ? 7.877   15.331  7.978   1.00 31.53 ? 126 GLU A CA    1 
ATOM   951  C C     . GLU A 1 126 ? 8.331   15.013  6.560   1.00 29.02 ? 126 GLU A C     1 
ATOM   952  O O     . GLU A 1 126 ? 7.581   14.315  5.827   1.00 26.83 ? 126 GLU A O     1 
ATOM   953  C CB    . GLU A 1 126 ? 7.260   16.743  8.013   1.00 36.28 ? 126 GLU A CB    1 
ATOM   954  C CG    . GLU A 1 126 ? 6.668   17.116  9.358   1.00 41.46 ? 126 GLU A CG    1 
ATOM   955  C CD    . GLU A 1 126 ? 6.127   18.523  9.466   1.00 45.28 ? 126 GLU A CD    1 
ATOM   956  O OE1   . GLU A 1 126 ? 6.083   19.262  8.446   1.00 48.07 ? 126 GLU A OE1   1 
ATOM   957  O OE2   . GLU A 1 126 ? 5.717   18.940  10.580  1.00 46.96 ? 126 GLU A OE2   1 
ATOM   958  N N     . ALA A 1 127 ? 9.496   15.514  6.150   1.00 24.47 ? 127 ALA A N     1 
ATOM   959  C CA    . ALA A 1 127 ? 10.007  15.238  4.805   1.00 22.99 ? 127 ALA A CA    1 
ATOM   960  C C     . ALA A 1 127 ? 10.303  13.750  4.607   1.00 23.00 ? 127 ALA A C     1 
ATOM   961  O O     . ALA A 1 127 ? 10.063  13.183  3.543   1.00 21.98 ? 127 ALA A O     1 
ATOM   962  C CB    . ALA A 1 127 ? 11.248  16.070  4.485   1.00 25.23 ? 127 ALA A CB    1 
ATOM   963  N N     . ARG A 1 128 ? 10.870  13.097  5.624   1.00 21.10 ? 128 ARG A N     1 
ATOM   964  C CA    . ARG A 1 128 ? 11.131  11.659  5.533   1.00 21.00 ? 128 ARG A CA    1 
ATOM   965  C C     . ARG A 1 128 ? 9.832   10.884  5.376   1.00 20.22 ? 128 ARG A C     1 
ATOM   966  O O     . ARG A 1 128 ? 9.791   9.953   4.539   1.00 18.55 ? 128 ARG A O     1 
ATOM   967  C CB    . ARG A 1 128 ? 11.805  11.143  6.814   1.00 21.69 ? 128 ARG A CB    1 
ATOM   968  C CG    . ARG A 1 128 ? 13.249  11.655  6.906   1.00 25.37 ? 128 ARG A CG    1 
ATOM   969  C CD    . ARG A 1 128 ? 13.834  11.037  8.196   1.00 27.76 ? 128 ARG A CD    1 
ATOM   970  N NE    . ARG A 1 128 ? 15.108  11.718  8.433   1.00 30.33 ? 128 ARG A NE    1 
ATOM   971  C CZ    . ARG A 1 128 ? 15.838  11.368  9.499   1.00 33.19 ? 128 ARG A CZ    1 
ATOM   972  N NH1   . ARG A 1 128 ? 15.380  10.378  10.265  1.00 33.38 ? 128 ARG A NH1   1 
ATOM   973  N NH2   . ARG A 1 128 ? 16.980  11.988  9.747   1.00 33.98 ? 128 ARG A NH2   1 
ATOM   974  N N     . LYS A 1 129 ? 8.823   11.228  6.178   1.00 19.70 ? 129 LYS A N     1 
ATOM   975  C CA    . LYS A 1 129 ? 7.550   10.508  6.074   1.00 19.79 ? 129 LYS A CA    1 
ATOM   976  C C     . LYS A 1 129 ? 6.944   10.734  4.683   1.00 18.69 ? 129 LYS A C     1 
ATOM   977  O O     . LYS A 1 129 ? 6.369   9.770   4.156   1.00 17.80 ? 129 LYS A O     1 
ATOM   978  C CB    . LYS A 1 129 ? 6.502   11.010  7.073   1.00 21.75 ? 129 LYS A CB    1 
ATOM   979  C CG    . LYS A 1 129 ? 6.777   10.526  8.492   1.00 26.12 ? 129 LYS A CG    1 
ATOM   980  C CD    . LYS A 1 129 ? 5.829   11.267  9.449   1.00 29.15 ? 129 LYS A CD    1 
ATOM   981  C CE    . LYS A 1 129 ? 5.571   10.433  10.691  1.00 33.54 ? 129 LYS A CE    1 
ATOM   982  N NZ    . LYS A 1 129 ? 4.385   10.952  11.460  1.00 36.53 ? 129 LYS A NZ    1 
ATOM   983  N N     . ALA A 1 130 ? 7.029   11.967  4.161   1.00 17.61 ? 130 ALA A N     1 
ATOM   984  C CA    . ALA A 1 130 ? 6.396   12.184  2.848   1.00 18.23 ? 130 ALA A CA    1 
ATOM   985  C C     . ALA A 1 130 ? 7.146   11.462  1.744   1.00 18.41 ? 130 ALA A C     1 
ATOM   986  O O     . ALA A 1 130 ? 6.487   10.931  0.824   1.00 17.97 ? 130 ALA A O     1 
ATOM   987  C CB    . ALA A 1 130 ? 6.440   13.698  2.552   1.00 19.24 ? 130 ALA A CB    1 
ATOM   988  N N     . TRP A 1 131 ? 8.466   11.349  1.854   1.00 16.68 ? 131 TRP A N     1 
ATOM   989  C CA    . TRP A 1 131 ? 9.243   10.634  0.840   1.00 14.22 ? 131 TRP A CA    1 
ATOM   990  C C     . TRP A 1 131 ? 8.907   9.148   0.856   1.00 14.89 ? 131 TRP A C     1 
ATOM   991  O O     . TRP A 1 131 ? 8.623   8.474   -0.194  1.00 15.19 ? 131 TRP A O     1 
ATOM   992  C CB    . TRP A 1 131 ? 10.755  10.851  1.072   1.00 16.73 ? 131 TRP A CB    1 
ATOM   993  C CG    . TRP A 1 131 ? 11.597  10.335  -0.049  1.00 17.18 ? 131 TRP A CG    1 
ATOM   994  C CD1   . TRP A 1 131 ? 12.010  11.084  -1.119  1.00 20.81 ? 131 TRP A CD1   1 
ATOM   995  C CD2   . TRP A 1 131 ? 12.073  9.017   -0.282  1.00 16.81 ? 131 TRP A CD2   1 
ATOM   996  N NE1   . TRP A 1 131 ? 12.751  10.306  -1.984  1.00 21.73 ? 131 TRP A NE1   1 
ATOM   997  C CE2   . TRP A 1 131 ? 12.812  9.030   -1.498  1.00 19.18 ? 131 TRP A CE2   1 
ATOM   998  C CE3   . TRP A 1 131 ? 11.990  7.797   0.410   1.00 16.72 ? 131 TRP A CE3   1 
ATOM   999  C CZ2   . TRP A 1 131 ? 13.401  7.893   -2.022  1.00 19.20 ? 131 TRP A CZ2   1 
ATOM   1000 C CZ3   . TRP A 1 131 ? 12.620  6.666   -0.099  1.00 16.61 ? 131 TRP A CZ3   1 
ATOM   1001 C CH2   . TRP A 1 131 ? 13.301  6.718   -1.336  1.00 18.22 ? 131 TRP A CH2   1 
ATOM   1002 N N     . ALA A 1 132 ? 8.888   8.534   2.054   1.00 13.17 ? 132 ALA A N     1 
ATOM   1003 C CA    . ALA A 1 132 ? 8.561   7.097   2.144   1.00 12.53 ? 132 ALA A CA    1 
ATOM   1004 C C     . ALA A 1 132 ? 7.128   6.791   1.776   1.00 12.15 ? 132 ALA A C     1 
ATOM   1005 O O     . ALA A 1 132 ? 6.880   5.710   1.209   1.00 12.03 ? 132 ALA A O     1 
ATOM   1006 C CB    . ALA A 1 132 ? 8.826   6.584   3.583   1.00 15.11 ? 132 ALA A CB    1 
ATOM   1007 N N     . SER A 1 133 ? 6.199   7.699   2.080   1.00 12.96 ? 133 SER A N     1 
ATOM   1008 C CA    . SER A 1 133 ? 4.817   7.536   1.637   1.00 12.33 ? 133 SER A CA    1 
ATOM   1009 C C     . SER A 1 133 ? 4.694   7.578   0.116   1.00 13.18 ? 133 SER A C     1 
ATOM   1010 O O     . SER A 1 133 ? 3.965   6.738   -0.468  1.00 12.02 ? 133 SER A O     1 
ATOM   1011 C CB    . SER A 1 133 ? 3.941   8.684   2.217   1.00 15.58 ? 133 SER A CB    1 
ATOM   1012 O OG    . SER A 1 133 ? 3.888   8.510   3.617   1.00 18.65 ? 133 SER A OG    1 
ATOM   1013 N N     . GLY A 1 134 ? 5.438   8.488   -0.529  1.00 13.08 ? 134 GLY A N     1 
ATOM   1014 C CA    . GLY A 1 134 ? 5.392   8.561   -2.005  1.00 11.72 ? 134 GLY A CA    1 
ATOM   1015 C C     . GLY A 1 134 ? 5.776   7.248   -2.645  1.00 11.16 ? 134 GLY A C     1 
ATOM   1016 O O     . GLY A 1 134 ? 5.106   6.730   -3.551  1.00 11.80 ? 134 GLY A O     1 
ATOM   1017 N N     . GLN A 1 135 ? 6.901   6.642   -2.155  1.00 11.49 ? 135 GLN A N     1 
ATOM   1018 C CA    . GLN A 1 135 ? 7.300   5.373   -2.767  1.00 11.39 ? 135 GLN A CA    1 
ATOM   1019 C C     . GLN A 1 135 ? 6.260   4.284   -2.505  1.00 11.17 ? 135 GLN A C     1 
ATOM   1020 O O     . GLN A 1 135 ? 6.032   3.398   -3.346  1.00 10.84 ? 135 GLN A O     1 
ATOM   1021 C CB    . GLN A 1 135 ? 8.694   4.920   -2.269  1.00 11.32 ? 135 GLN A CB    1 
ATOM   1022 C CG    . GLN A 1 135 ? 9.802   5.973   -2.564  1.00 11.92 ? 135 GLN A CG    1 
ATOM   1023 C CD    . GLN A 1 135 ? 9.960   6.137   -4.082  1.00 14.27 ? 135 GLN A CD    1 
ATOM   1024 O OE1   . GLN A 1 135 ? 10.318  5.229   -4.828  1.00 15.12 ? 135 GLN A OE1   1 
ATOM   1025 N NE2   . GLN A 1 135 ? 9.583   7.345   -4.488  1.00 14.25 ? 135 GLN A NE2   1 
ATOM   1026 N N     . SER A 1 136 ? 5.612   4.297   -1.317  1.00 9.94  ? 136 SER A N     1 
ATOM   1027 C CA    . SER A 1 136 ? 4.607   3.321   -0.976  1.00 9.88  ? 136 SER A CA    1 
ATOM   1028 C C     . SER A 1 136 ? 3.371   3.416   -1.901  1.00 8.97  ? 136 SER A C     1 
ATOM   1029 O O     . SER A 1 136 ? 2.706   2.381   -2.111  1.00 9.28  ? 136 SER A O     1 
ATOM   1030 C CB    . SER A 1 136 ? 4.141   3.462   0.493   1.00 12.17 ? 136 SER A CB    1 
ATOM   1031 O OG    . SER A 1 136 ? 5.308   3.246   1.338   1.00 15.53 ? 136 SER A OG    1 
ATOM   1032 N N     . TYR A 1 137 ? 3.096   4.599   -2.466  1.00 9.25  ? 137 TYR A N     1 
ATOM   1033 C CA    . TYR A 1 137 ? 1.962   4.700   -3.394  1.00 8.48  ? 137 TYR A CA    1 
ATOM   1034 C C     . TYR A 1 137 ? 2.298   4.020   -4.721  1.00 7.35  ? 137 TYR A C     1 
ATOM   1035 O O     . TYR A 1 137 ? 1.297   3.628   -5.383  1.00 8.59  ? 137 TYR A O     1 
ATOM   1036 C CB    . TYR A 1 137 ? 1.586   6.199   -3.563  1.00 8.62  ? 137 TYR A CB    1 
ATOM   1037 C CG    . TYR A 1 137 ? 0.735   6.775   -2.431  1.00 8.95  ? 137 TYR A CG    1 
ATOM   1038 C CD1   . TYR A 1 137 ? -0.479  6.207   -2.107  1.00 9.97  ? 137 TYR A CD1   1 
ATOM   1039 C CD2   . TYR A 1 137 ? 1.217   7.872   -1.714  1.00 10.70 ? 137 TYR A CD2   1 
ATOM   1040 C CE1   . TYR A 1 137 ? -1.259  6.708   -1.064  1.00 11.82 ? 137 TYR A CE1   1 
ATOM   1041 C CE2   . TYR A 1 137 ? 0.431   8.356   -0.675  1.00 10.43 ? 137 TYR A CE2   1 
ATOM   1042 C CZ    . TYR A 1 137 ? -0.770  7.797   -0.374  1.00 11.98 ? 137 TYR A CZ    1 
ATOM   1043 O OH    . TYR A 1 137 ? -1.496  8.342   0.695   1.00 15.26 ? 137 TYR A OH    1 
ATOM   1044 N N     . ILE A 1 138 ? 3.571   3.790   -5.102  1.00 7.72  ? 138 ILE A N     1 
ATOM   1045 C CA    . ILE A 1 138 ? 3.812   2.970   -6.323  1.00 8.54  ? 138 ILE A CA    1 
ATOM   1046 C C     . ILE A 1 138 ? 3.297   1.547   -6.028  1.00 8.77  ? 138 ILE A C     1 
ATOM   1047 O O     . ILE A 1 138 ? 2.637   0.911   -6.858  1.00 8.97  ? 138 ILE A O     1 
ATOM   1048 C CB    . ILE A 1 138 ? 5.333   2.966   -6.635  1.00 8.44  ? 138 ILE A CB    1 
ATOM   1049 C CG1   . ILE A 1 138 ? 5.835   4.416   -6.849  1.00 9.12  ? 138 ILE A CG1   1 
ATOM   1050 C CG2   . ILE A 1 138 ? 5.559   2.054   -7.850  1.00 9.84  ? 138 ILE A CG2   1 
ATOM   1051 C CD1   . ILE A 1 138 ? 7.389   4.438   -6.994  1.00 11.13 ? 138 ILE A CD1   1 
ATOM   1052 N N     . LEU A 1 139 ? 3.653   1.021   -4.847  1.00 8.56  ? 139 LEU A N     1 
ATOM   1053 C CA    . LEU A 1 139 ? 3.116   -0.315  -4.479  1.00 9.20  ? 139 LEU A CA    1 
ATOM   1054 C C     . LEU A 1 139 ? 1.598   -0.319  -4.443  1.00 9.05  ? 139 LEU A C     1 
ATOM   1055 O O     . LEU A 1 139 ? 0.960   -1.299  -4.887  1.00 9.12  ? 139 LEU A O     1 
ATOM   1056 C CB    . LEU A 1 139 ? 3.718   -0.624  -3.084  1.00 10.28 ? 139 LEU A CB    1 
ATOM   1057 C CG    . LEU A 1 139 ? 3.064   -1.891  -2.457  1.00 13.98 ? 139 LEU A CG    1 
ATOM   1058 C CD1   . LEU A 1 139 ? 3.378   -3.101  -3.260  1.00 17.70 ? 139 LEU A CD1   1 
ATOM   1059 C CD2   . LEU A 1 139 ? 3.589   -1.979  -0.990  1.00 19.82 ? 139 LEU A CD2   1 
ATOM   1060 N N     . LEU A 1 140 ? 0.962   0.768   -3.953  1.00 8.45  ? 140 LEU A N     1 
ATOM   1061 C CA    . LEU A 1 140 ? -0.515  0.820   -3.939  1.00 8.38  ? 140 LEU A CA    1 
ATOM   1062 C C     . LEU A 1 140 ? -1.071  0.694   -5.358  1.00 8.26  ? 140 LEU A C     1 
ATOM   1063 O O     . LEU A 1 140 ? -2.039  -0.043  -5.592  1.00 9.61  ? 140 LEU A O     1 
ATOM   1064 C CB    . LEU A 1 140 ? -1.029  2.061   -3.212  1.00 9.50  ? 140 LEU A CB    1 
ATOM   1065 C CG    . LEU A 1 140 ? -2.570  2.076   -3.149  1.00 9.72  ? 140 LEU A CG    1 
ATOM   1066 C CD1   . LEU A 1 140 ? -3.022  0.994   -2.168  1.00 13.47 ? 140 LEU A CD1   1 
ATOM   1067 C CD2   . LEU A 1 140 ? -3.014  3.433   -2.575  1.00 12.00 ? 140 LEU A CD2   1 
ATOM   1068 N N     . GLY A 1 141 ? -0.466  1.367   -6.346  1.00 7.88  ? 141 GLY A N     1 
ATOM   1069 C CA    . GLY A 1 141 ? -0.908  1.249   -7.753  1.00 8.01  ? 141 GLY A CA    1 
ATOM   1070 C C     . GLY A 1 141 ? -0.834  -0.193  -8.262  1.00 7.94  ? 141 GLY A C     1 
ATOM   1071 O O     . GLY A 1 141 ? -1.758  -0.705  -8.870  1.00 9.47  ? 141 GLY A O     1 
ATOM   1072 N N     . TYR A 1 142 ? 0.313   -0.871  -7.989  1.00 7.71  ? 142 TYR A N     1 
ATOM   1073 C CA    . TYR A 1 142 ? 0.402   -2.277  -8.370  1.00 7.94  ? 142 TYR A CA    1 
ATOM   1074 C C     . TYR A 1 142 ? -0.698  -3.070  -7.666  1.00 9.62  ? 142 TYR A C     1 
ATOM   1075 O O     . TYR A 1 142 ? -1.313  -3.922  -8.342  1.00 9.60  ? 142 TYR A O     1 
ATOM   1076 C CB    . TYR A 1 142 ? 1.768   -2.882  -7.902  1.00 8.50  ? 142 TYR A CB    1 
ATOM   1077 C CG    . TYR A 1 142 ? 2.895   -2.889  -8.914  1.00 7.84  ? 142 TYR A CG    1 
ATOM   1078 C CD1   . TYR A 1 142 ? 3.237   -1.792  -9.691  1.00 9.93  ? 142 TYR A CD1   1 
ATOM   1079 C CD2   . TYR A 1 142 ? 3.669   -4.053  -9.040  1.00 9.22  ? 142 TYR A CD2   1 
ATOM   1080 C CE1   . TYR A 1 142 ? 4.281   -1.860  -10.617 1.00 10.89 ? 142 TYR A CE1   1 
ATOM   1081 C CE2   . TYR A 1 142 ? 4.753   -4.128  -9.944  1.00 9.95  ? 142 TYR A CE2   1 
ATOM   1082 C CZ    . TYR A 1 142 ? 5.017   -3.006  -10.707 1.00 11.76 ? 142 TYR A CZ    1 
ATOM   1083 O OH    . TYR A 1 142 ? 6.066   -3.069  -11.623 1.00 12.40 ? 142 TYR A OH    1 
ATOM   1084 N N     . LEU A 1 143 ? -0.844  -2.898  -6.352  1.00 8.19  ? 143 LEU A N     1 
ATOM   1085 C CA    . LEU A 1 143 ? -1.819  -3.752  -5.630  1.00 9.01  ? 143 LEU A CA    1 
ATOM   1086 C C     . LEU A 1 143 ? -3.223  -3.511  -6.123  1.00 9.13  ? 143 LEU A C     1 
ATOM   1087 O O     . LEU A 1 143 ? -3.928  -4.524  -6.263  1.00 9.46  ? 143 LEU A O     1 
ATOM   1088 C CB    . LEU A 1 143 ? -1.670  -3.350  -4.127  1.00 10.54 ? 143 LEU A CB    1 
ATOM   1089 C CG    . LEU A 1 143 ? -2.607  -4.097  -3.178  1.00 14.74 ? 143 LEU A CG    1 
ATOM   1090 C CD1   . LEU A 1 143 ? -2.268  -5.590  -3.168  1.00 15.35 ? 143 LEU A CD1   1 
ATOM   1091 C CD2   . LEU A 1 143 ? -2.422  -3.478  -1.781  1.00 17.27 ? 143 LEU A CD2   1 
ATOM   1092 N N     . LEU A 1 144 ? -3.643  -2.256  -6.429  1.00 9.44  ? 144 LEU A N     1 
ATOM   1093 C CA    . LEU A 1 144 ? -5.048  -2.120  -6.847  1.00 9.28  ? 144 LEU A CA    1 
ATOM   1094 C C     . LEU A 1 144 ? -5.283  -2.785  -8.203  1.00 9.30  ? 144 LEU A C     1 
ATOM   1095 O O     . LEU A 1 144 ? -6.396  -3.339  -8.446  1.00 10.63 ? 144 LEU A O     1 
ATOM   1096 C CB    . LEU A 1 144 ? -5.335  -0.583  -6.922  1.00 10.30 ? 144 LEU A CB    1 
ATOM   1097 C CG    . LEU A 1 144 ? -5.335  0.052   -5.516  1.00 11.04 ? 144 LEU A CG    1 
ATOM   1098 C CD1   . LEU A 1 144 ? -5.481  1.568   -5.641  1.00 14.42 ? 144 LEU A CD1   1 
ATOM   1099 C CD2   . LEU A 1 144 ? -6.389  -0.527  -4.567  1.00 14.64 ? 144 LEU A CD2   1 
ATOM   1100 N N     . LEU A 1 145 ? -4.294  -2.701  -9.113  1.00 10.18 ? 145 LEU A N     1 
ATOM   1101 C CA    . LEU A 1 145 ? -4.525  -3.326  -10.429 1.00 10.87 ? 145 LEU A CA    1 
ATOM   1102 C C     . LEU A 1 145 ? -4.547  -4.836  -10.257 1.00 10.68 ? 145 LEU A C     1 
ATOM   1103 O O     . LEU A 1 145 ? -5.371  -5.501  -10.904 1.00 11.46 ? 145 LEU A O     1 
ATOM   1104 C CB    . LEU A 1 145 ? -3.362  -2.832  -11.331 1.00 12.63 ? 145 LEU A CB    1 
ATOM   1105 C CG    . LEU A 1 145 ? -3.631  -2.803  -12.832 1.00 18.87 ? 145 LEU A CG    1 
ATOM   1106 C CD1   . LEU A 1 145 ? -4.934  -2.075  -13.127 1.00 20.87 ? 145 LEU A CD1   1 
ATOM   1107 C CD2   . LEU A 1 145 ? -2.488  -2.003  -13.505 1.00 18.88 ? 145 LEU A CD2   1 
ATOM   1108 N N     . LEU A 1 146 ? -3.643  -5.426  -9.448  1.00 9.57  ? 146 LEU A N     1 
ATOM   1109 C CA    . LEU A 1 146 ? -3.625  -6.864  -9.275  1.00 9.94  ? 146 LEU A CA    1 
ATOM   1110 C C     . LEU A 1 146 ? -4.903  -7.357  -8.574  1.00 10.98 ? 146 LEU A C     1 
ATOM   1111 O O     . LEU A 1 146 ? -5.407  -8.461  -8.950  1.00 11.39 ? 146 LEU A O     1 
ATOM   1112 C CB    . LEU A 1 146 ? -2.397  -7.278  -8.431  1.00 10.25 ? 146 LEU A CB    1 
ATOM   1113 C CG    . LEU A 1 146 ? -1.067  -7.221  -9.196  1.00 13.02 ? 146 LEU A CG    1 
ATOM   1114 C CD1   . LEU A 1 146 ? 0.088   -7.162  -8.218  1.00 14.00 ? 146 LEU A CD1   1 
ATOM   1115 C CD2   . LEU A 1 146 ? -0.911  -8.424  -10.137 1.00 15.78 ? 146 LEU A CD2   1 
ATOM   1116 N N     . LEU A 1 147 ? -5.445  -6.623  -7.614  1.00 9.40  ? 147 LEU A N     1 
ATOM   1117 C CA    . LEU A 1 147 ? -6.686  -7.099  -6.962  1.00 9.96  ? 147 LEU A CA    1 
ATOM   1118 C C     . LEU A 1 147 ? -7.808  -7.196  -8.000  1.00 11.31 ? 147 LEU A C     1 
ATOM   1119 O O     . LEU A 1 147 ? -8.539  -8.204  -8.041  1.00 11.64 ? 147 LEU A O     1 
ATOM   1120 C CB    . LEU A 1 147 ? -7.080  -6.183  -5.799  1.00 9.65  ? 147 LEU A CB    1 
ATOM   1121 C CG    . LEU A 1 147 ? -6.175  -6.303  -4.550  1.00 11.48 ? 147 LEU A CG    1 
ATOM   1122 C CD1   . LEU A 1 147 ? -6.411  -5.126  -3.623  1.00 12.64 ? 147 LEU A CD1   1 
ATOM   1123 C CD2   . LEU A 1 147 ? -6.500  -7.625  -3.824  1.00 14.03 ? 147 LEU A CD2   1 
ATOM   1124 N N     . GLU A 1 148 ? -7.935  -6.197  -8.873  1.00 10.03 ? 148 GLU A N     1 
ATOM   1125 C CA    . GLU A 1 148 ? -8.937  -6.301  -9.953  1.00 10.53 ? 148 GLU A CA    1 
ATOM   1126 C C     . GLU A 1 148 ? -8.702  -7.474  -10.877 1.00 11.49 ? 148 GLU A C     1 
ATOM   1127 O O     . GLU A 1 148 ? -9.634  -8.184  -11.264 1.00 13.12 ? 148 GLU A O     1 
ATOM   1128 C CB    . GLU A 1 148 ? -8.907  -4.974  -10.752 1.00 10.55 ? 148 GLU A CB    1 
ATOM   1129 C CG    . GLU A 1 148 ? -9.973  -4.984  -11.870 1.00 13.13 ? 148 GLU A CG    1 
ATOM   1130 C CD    . GLU A 1 148 ? -11.409 -4.836  -11.437 1.00 16.17 ? 148 GLU A CD    1 
ATOM   1131 O OE1   . GLU A 1 148 ? -11.734 -4.423  -10.320 1.00 14.68 ? 148 GLU A OE1   1 
ATOM   1132 O OE2   . GLU A 1 148 ? -12.292 -5.131  -12.297 1.00 21.18 ? 148 GLU A OE2   1 
ATOM   1133 N N     . ALA A 1 149 ? -7.460  -7.731  -11.265 1.00 11.23 ? 149 ALA A N     1 
ATOM   1134 C CA    . ALA A 1 149 ? -7.122  -8.788  -12.201 1.00 11.48 ? 149 ALA A CA    1 
ATOM   1135 C C     . ALA A 1 149 ? -7.460  -10.172 -11.605 1.00 13.77 ? 149 ALA A C     1 
ATOM   1136 O O     . ALA A 1 149 ? -7.768  -11.079 -12.410 1.00 15.87 ? 149 ALA A O     1 
ATOM   1137 C CB    . ALA A 1 149 ? -5.656  -8.713  -12.582 1.00 11.24 ? 149 ALA A CB    1 
ATOM   1138 N N     . TYR A 1 150 ? -7.464  -10.283 -10.270 1.00 13.20 ? 150 TYR A N     1 
ATOM   1139 C CA    . TYR A 1 150 ? -7.820  -11.554 -9.654  1.00 14.22 ? 150 TYR A CA    1 
ATOM   1140 C C     . TYR A 1 150 ? -9.289  -11.612 -9.296  1.00 16.47 ? 150 TYR A C     1 
ATOM   1141 O O     . TYR A 1 150 ? -9.759  -12.635 -8.685  1.00 20.69 ? 150 TYR A O     1 
ATOM   1142 C CB    . TYR A 1 150 ? -6.973  -11.716 -8.356  1.00 14.69 ? 150 TYR A CB    1 
ATOM   1143 C CG    . TYR A 1 150 ? -5.596  -12.283 -8.567  1.00 16.12 ? 150 TYR A CG    1 
ATOM   1144 C CD1   . TYR A 1 150 ? -4.504  -11.575 -9.005  1.00 15.81 ? 150 TYR A CD1   1 
ATOM   1145 C CD2   . TYR A 1 150 ? -5.408  -13.659 -8.300  1.00 18.61 ? 150 TYR A CD2   1 
ATOM   1146 C CE1   . TYR A 1 150 ? -3.250  -12.091 -9.196  1.00 17.75 ? 150 TYR A CE1   1 
ATOM   1147 C CE2   . TYR A 1 150 ? -4.149  -14.191 -8.484  1.00 18.52 ? 150 TYR A CE2   1 
ATOM   1148 C CZ    . TYR A 1 150 ? -3.085  -13.453 -8.906  1.00 19.78 ? 150 TYR A CZ    1 
ATOM   1149 O OH    . TYR A 1 150 ? -1.847  -14.053 -9.043  1.00 19.99 ? 150 TYR A OH    1 
ATOM   1150 N N     . GLY A 1 151 ? -10.103 -10.612 -9.585  1.00 15.50 ? 151 GLY A N     1 
ATOM   1151 C CA    . GLY A 1 151 ? -11.541 -10.672 -9.320  1.00 16.62 ? 151 GLY A CA    1 
ATOM   1152 C C     . GLY A 1 151 ? -11.949 -10.270 -7.927  1.00 16.73 ? 151 GLY A C     1 
ATOM   1153 O O     . GLY A 1 151 ? -13.140 -10.478 -7.542  1.00 18.89 ? 151 GLY A O     1 
ATOM   1154 N N     . LEU A 1 152 ? -11.132 -9.547  -7.178  1.00 14.21 ? 152 LEU A N     1 
ATOM   1155 C CA    . LEU A 1 152 ? -11.482 -9.042  -5.869  1.00 12.82 ? 152 LEU A CA    1 
ATOM   1156 C C     . LEU A 1 152 ? -11.859 -7.557  -5.958  1.00 14.36 ? 152 LEU A C     1 
ATOM   1157 O O     . LEU A 1 152 ? -11.416 -6.875  -6.917  1.00 18.18 ? 152 LEU A O     1 
ATOM   1158 C CB    . LEU A 1 152 ? -10.323 -9.215  -4.868  1.00 14.16 ? 152 LEU A CB    1 
ATOM   1159 C CG    . LEU A 1 152 ? -9.977  -10.704 -4.594  1.00 16.91 ? 152 LEU A CG    1 
ATOM   1160 C CD1   . LEU A 1 152 ? -8.686  -10.814 -3.813  1.00 20.79 ? 152 LEU A CD1   1 
ATOM   1161 C CD2   . LEU A 1 152 ? -11.157 -11.279 -3.779  1.00 20.30 ? 152 LEU A CD2   1 
ATOM   1162 N N     . GLY A 1 153 ? -12.711 -7.075  -5.102  1.00 10.51 ? 153 GLY A N     1 
ATOM   1163 C CA    . GLY A 1 153 ? -13.031 -5.635  -5.033  1.00 10.56 ? 153 GLY A CA    1 
ATOM   1164 C C     . GLY A 1 153 ? -12.253 -4.952  -3.946  1.00 13.36 ? 153 GLY A C     1 
ATOM   1165 O O     . GLY A 1 153 ? -11.832 -5.638  -2.963  1.00 14.43 ? 153 GLY A O     1 
ATOM   1166 N N     . SER A 1 154 ? -12.033 -3.634  -4.012  1.00 10.43 ? 154 SER A N     1 
ATOM   1167 C CA    . SER A 1 154 ? -11.274 -2.951  -2.968  1.00 11.22 ? 154 SER A CA    1 
ATOM   1168 C C     . SER A 1 154 ? -11.675 -1.478  -2.905  1.00 10.77 ? 154 SER A C     1 
ATOM   1169 O O     . SER A 1 154 ? -12.256 -0.907  -3.856  1.00 10.77 ? 154 SER A O     1 
ATOM   1170 C CB    . SER A 1 154 ? -9.744  -2.986  -3.207  1.00 11.41 ? 154 SER A CB    1 
ATOM   1171 O OG    . SER A 1 154 ? -9.426  -2.179  -4.380  1.00 12.11 ? 154 SER A OG    1 
ATOM   1172 N N     . VAL A 1 155 ? -11.347 -0.872  -1.779  1.00 9.72  ? 155 VAL A N     1 
ATOM   1173 C CA    . VAL A 1 155 ? -11.444 0.579   -1.649  1.00 10.31 ? 155 VAL A CA    1 
ATOM   1174 C C     . VAL A 1 155 ? -10.244 1.056   -0.867  1.00 11.24 ? 155 VAL A C     1 
ATOM   1175 O O     . VAL A 1 155 ? -10.056 0.714   0.320   1.00 11.37 ? 155 VAL A O     1 
ATOM   1176 C CB    . VAL A 1 155 ? -12.785 1.035   -1.075  1.00 11.40 ? 155 VAL A CB    1 
ATOM   1177 C CG1   . VAL A 1 155 ? -13.062 0.502   0.351   1.00 14.11 ? 155 VAL A CG1   1 
ATOM   1178 C CG2   . VAL A 1 155 ? -12.793 2.575   -1.019  1.00 13.25 ? 155 VAL A CG2   1 
ATOM   1179 N N     . PRO A 1 156 ? -9.372  1.899   -1.441  1.00 9.63  ? 156 PRO A N     1 
ATOM   1180 C CA    . PRO A 1 156 ? -8.307  2.527   -0.672  1.00 11.30 ? 156 PRO A CA    1 
ATOM   1181 C C     . PRO A 1 156 ? -8.834  3.767   0.064   1.00 12.28 ? 156 PRO A C     1 
ATOM   1182 O O     . PRO A 1 156 ? -9.790  4.370   -0.382  1.00 11.48 ? 156 PRO A O     1 
ATOM   1183 C CB    . PRO A 1 156 ? -7.328  2.994   -1.746  1.00 11.19 ? 156 PRO A CB    1 
ATOM   1184 C CG    . PRO A 1 156 ? -8.220  3.197   -2.970  1.00 11.28 ? 156 PRO A CG    1 
ATOM   1185 C CD    . PRO A 1 156 ? -9.426  2.295   -2.882  1.00 10.28 ? 156 PRO A CD    1 
ATOM   1186 N N     . MET A 1 157 ? -8.244  3.991   1.258   1.00 11.67 ? 157 MET A N     1 
ATOM   1187 C CA    . MET A 1 157 ? -8.760  5.065   2.133   1.00 12.10 ? 157 MET A CA    1 
ATOM   1188 C C     . MET A 1 157 ? -7.671  5.925   2.747   1.00 12.72 ? 157 MET A C     1 
ATOM   1189 O O     . MET A 1 157 ? -6.634  5.439   3.210   1.00 13.20 ? 157 MET A O     1 
ATOM   1190 C CB    . MET A 1 157 ? -9.492  4.402   3.352   1.00 13.98 ? 157 MET A CB    1 
ATOM   1191 C CG    . MET A 1 157 ? -10.770 3.699   2.861   1.00 15.18 ? 157 MET A CG    1 
ATOM   1192 S SD    . MET A 1 157 ? -11.456 2.705   4.222   1.00 17.55 ? 157 MET A SD    1 
ATOM   1193 C CE    . MET A 1 157 ? -10.560 1.169   4.004   1.00 19.44 ? 157 MET A CE    1 
ATOM   1194 N N     . LEU A 1 158 ? -7.939  7.233   2.824   1.00 11.14 ? 158 LEU A N     1 
ATOM   1195 C CA    . LEU A 1 158 ? -7.158  8.195   3.587   1.00 13.22 ? 158 LEU A CA    1 
ATOM   1196 C C     . LEU A 1 158 ? -8.055  8.851   4.652   1.00 14.21 ? 158 LEU A C     1 
ATOM   1197 O O     . LEU A 1 158 ? -7.492  9.606   5.482   1.00 15.49 ? 158 LEU A O     1 
ATOM   1198 C CB    . LEU A 1 158 ? -6.572  9.325   2.710   1.00 14.56 ? 158 LEU A CB    1 
ATOM   1199 C CG    . LEU A 1 158 ? -5.165  9.027   2.195   1.00 15.52 ? 158 LEU A CG    1 
ATOM   1200 C CD1   . LEU A 1 158 ? -4.750  10.055  1.161   1.00 17.68 ? 158 LEU A CD1   1 
ATOM   1201 C CD2   . LEU A 1 158 ? -4.155  9.050   3.363   1.00 15.70 ? 158 LEU A CD2   1 
ATOM   1202 N N     . GLY A 1 159 ? -9.318  8.509   4.686   1.00 13.70 ? 159 GLY A N     1 
ATOM   1203 C CA    . GLY A 1 159 ? -10.208 9.154   5.692   1.00 15.98 ? 159 GLY A CA    1 
ATOM   1204 C C     . GLY A 1 159 ? -10.127 8.451   7.038   1.00 15.72 ? 159 GLY A C     1 
ATOM   1205 O O     . GLY A 1 159 ? -11.041 7.684   7.370   1.00 16.71 ? 159 GLY A O     1 
ATOM   1206 N N     . PHE A 1 160 ? -9.048  8.682   7.789   1.00 16.10 ? 160 PHE A N     1 
ATOM   1207 C CA    . PHE A 1 160 ? -8.875  8.037   9.098   1.00 15.91 ? 160 PHE A CA    1 
ATOM   1208 C C     . PHE A 1 160 ? -7.887  8.867   9.906   1.00 17.32 ? 160 PHE A C     1 
ATOM   1209 O O     . PHE A 1 160 ? -7.144  9.720   9.376   1.00 17.42 ? 160 PHE A O     1 
ATOM   1210 C CB    . PHE A 1 160 ? -8.350  6.584   8.982   1.00 17.76 ? 160 PHE A CB    1 
ATOM   1211 C CG    . PHE A 1 160 ? -7.003  6.436   8.336   1.00 16.81 ? 160 PHE A CG    1 
ATOM   1212 C CD1   . PHE A 1 160 ? -5.825  6.573   9.033   1.00 15.08 ? 160 PHE A CD1   1 
ATOM   1213 C CD2   . PHE A 1 160 ? -6.929  6.213   6.944   1.00 17.12 ? 160 PHE A CD2   1 
ATOM   1214 C CE1   . PHE A 1 160 ? -4.569  6.508   8.447   1.00 16.49 ? 160 PHE A CE1   1 
ATOM   1215 C CE2   . PHE A 1 160 ? -5.693  6.144   6.339   1.00 15.04 ? 160 PHE A CE2   1 
ATOM   1216 C CZ    . PHE A 1 160 ? -4.520  6.258   7.062   1.00 17.04 ? 160 PHE A CZ    1 
ATOM   1217 N N     . ASP A 1 161 ? -7.897  8.663   11.231  1.00 17.25 ? 161 ASP A N     1 
ATOM   1218 C CA    . ASP A 1 161 ? -6.971  9.357   12.150  1.00 19.94 ? 161 ASP A CA    1 
ATOM   1219 C C     . ASP A 1 161 ? -5.722  8.486   12.380  1.00 17.79 ? 161 ASP A C     1 
ATOM   1220 O O     . ASP A 1 161 ? -5.838  7.383   12.892  1.00 18.64 ? 161 ASP A O     1 
ATOM   1221 C CB    . ASP A 1 161 ? -7.730  9.545   13.460  1.00 22.03 ? 161 ASP A CB    1 
ATOM   1222 C CG    . ASP A 1 161 ? -6.919  10.237  14.536  1.00 25.79 ? 161 ASP A CG    1 
ATOM   1223 O OD1   . ASP A 1 161 ? -5.718  10.481  14.377  1.00 26.45 ? 161 ASP A OD1   1 
ATOM   1224 O OD2   . ASP A 1 161 ? -7.579  10.579  15.555  1.00 30.33 ? 161 ASP A OD2   1 
ATOM   1225 N N     . PRO A 1 162 ? -4.580  8.921   11.856  1.00 18.87 ? 162 PRO A N     1 
ATOM   1226 C CA    . PRO A 1 162 ? -3.354  8.140   11.901  1.00 18.85 ? 162 PRO A CA    1 
ATOM   1227 C C     . PRO A 1 162 ? -2.871  7.850   13.319  1.00 20.58 ? 162 PRO A C     1 
ATOM   1228 O O     . PRO A 1 162 ? -2.343  6.758   13.561  1.00 18.70 ? 162 PRO A O     1 
ATOM   1229 C CB    . PRO A 1 162 ? -2.319  8.938   11.121  1.00 22.40 ? 162 PRO A CB    1 
ATOM   1230 C CG    . PRO A 1 162 ? -3.021  10.110  10.540  1.00 22.79 ? 162 PRO A CG    1 
ATOM   1231 C CD    . PRO A 1 162 ? -4.399  10.199  11.137  1.00 20.09 ? 162 PRO A CD    1 
ATOM   1232 N N     . GLU A 1 163 ? -3.129  8.780   14.251  1.00 20.36 ? 163 GLU A N     1 
ATOM   1233 C CA    . GLU A 1 163 ? -2.703  8.509   15.649  1.00 21.99 ? 163 GLU A CA    1 
ATOM   1234 C C     . GLU A 1 163 ? -3.468  7.342   16.222  1.00 20.62 ? 163 GLU A C     1 
ATOM   1235 O O     . GLU A 1 163 ? -2.881  6.476   16.906  1.00 20.20 ? 163 GLU A O     1 
ATOM   1236 C CB    . GLU A 1 163 ? -2.950  9.816   16.440  1.00 26.21 ? 163 GLU A CB    1 
ATOM   1237 C CG    . GLU A 1 163 ? -2.572  9.737   17.911  1.00 30.76 ? 163 GLU A CG    1 
ATOM   1238 C CD    . GLU A 1 163 ? -2.915  11.014  18.671  1.00 33.80 ? 163 GLU A CD    1 
ATOM   1239 O OE1   . GLU A 1 163 ? -2.378  12.095  18.327  1.00 34.54 ? 163 GLU A OE1   1 
ATOM   1240 O OE2   . GLU A 1 163 ? -3.737  10.943  19.609  1.00 35.06 ? 163 GLU A OE2   1 
ATOM   1241 N N     . ARG A 1 164 ? -4.795  7.263   15.965  1.00 19.63 ? 164 ARG A N     1 
ATOM   1242 C CA    . ARG A 1 164 ? -5.568  6.125   16.437  1.00 20.72 ? 164 ARG A CA    1 
ATOM   1243 C C     . ARG A 1 164 ? -5.149  4.814   15.802  1.00 19.14 ? 164 ARG A C     1 
ATOM   1244 O O     . ARG A 1 164 ? -5.047  3.759   16.415  1.00 18.77 ? 164 ARG A O     1 
ATOM   1245 C CB    . ARG A 1 164 ? -7.086  6.342   16.293  1.00 24.13 ? 164 ARG A CB    1 
ATOM   1246 C CG    . ARG A 1 164 ? -7.590  7.331   17.352  1.00 33.12 ? 164 ARG A CG    1 
ATOM   1247 C CD    . ARG A 1 164 ? -9.067  7.662   17.119  1.00 36.33 ? 164 ARG A CD    1 
ATOM   1248 N NE    . ARG A 1 164 ? -9.219  9.032   16.665  1.00 40.97 ? 164 ARG A NE    1 
ATOM   1249 C CZ    . ARG A 1 164 ? -10.289 9.575   16.091  1.00 43.06 ? 164 ARG A CZ    1 
ATOM   1250 N NH1   . ARG A 1 164 ? -11.372 8.838   15.864  1.00 43.59 ? 164 ARG A NH1   1 
ATOM   1251 N NH2   . ARG A 1 164 ? -10.231 10.865  15.749  1.00 42.95 ? 164 ARG A NH2   1 
ATOM   1252 N N     . VAL A 1 165 ? -4.874  4.830   14.471  1.00 18.10 ? 165 VAL A N     1 
ATOM   1253 C CA    . VAL A 1 165 ? -4.408  3.596   13.821  1.00 17.69 ? 165 VAL A CA    1 
ATOM   1254 C C     . VAL A 1 165 ? -3.076  3.131   14.376  1.00 17.15 ? 165 VAL A C     1 
ATOM   1255 O O     . VAL A 1 165 ? -2.964  1.918   14.647  1.00 18.70 ? 165 VAL A O     1 
ATOM   1256 C CB    . VAL A 1 165 ? -4.356  3.807   12.278  1.00 17.12 ? 165 VAL A CB    1 
ATOM   1257 C CG1   . VAL A 1 165 ? -3.823  2.525   11.617  1.00 19.09 ? 165 VAL A CG1   1 
ATOM   1258 C CG2   . VAL A 1 165 ? -5.737  4.125   11.722  1.00 20.12 ? 165 VAL A CG2   1 
ATOM   1259 N N     . ARG A 1 166 ? -2.120  4.006   14.646  1.00 18.24 ? 166 ARG A N     1 
ATOM   1260 C CA    . ARG A 1 166 ? -0.821  3.664   15.202  1.00 20.00 ? 166 ARG A CA    1 
ATOM   1261 C C     . ARG A 1 166 ? -1.015  3.022   16.587  1.00 20.23 ? 166 ARG A C     1 
ATOM   1262 O O     . ARG A 1 166 ? -0.461  1.969   16.866  1.00 20.20 ? 166 ARG A O     1 
ATOM   1263 C CB    . ARG A 1 166 ? 0.136   4.841   15.324  1.00 21.38 ? 166 ARG A CB    1 
ATOM   1264 C CG    . ARG A 1 166 ? 0.622   5.411   13.987  1.00 24.13 ? 166 ARG A CG    1 
ATOM   1265 C CD    . ARG A 1 166 ? 1.798   6.366   14.155  1.00 27.00 ? 166 ARG A CD    1 
ATOM   1266 N NE    . ARG A 1 166 ? 1.568   7.398   15.150  1.00 30.52 ? 166 ARG A NE    1 
ATOM   1267 C CZ    . ARG A 1 166 ? 1.097   8.633   15.059  1.00 32.41 ? 166 ARG A CZ    1 
ATOM   1268 N NH1   . ARG A 1 166 ? 0.749   9.138   13.881  1.00 31.65 ? 166 ARG A NH1   1 
ATOM   1269 N NH2   . ARG A 1 166 ? 0.955   9.386   16.169  1.00 32.58 ? 166 ARG A NH2   1 
ATOM   1270 N N     . ALA A 1 167 ? -1.949  3.628   17.363  1.00 18.68 ? 167 ALA A N     1 
ATOM   1271 C CA    . ALA A 1 167 ? -2.157  3.034   18.695  1.00 19.07 ? 167 ALA A CA    1 
ATOM   1272 C C     . ALA A 1 167 ? -2.764  1.665   18.694  1.00 18.17 ? 167 ALA A C     1 
ATOM   1273 O O     . ALA A 1 167 ? -2.413  0.780   19.491  1.00 22.04 ? 167 ALA A O     1 
ATOM   1274 C CB    . ALA A 1 167 ? -3.072  3.995   19.494  1.00 20.77 ? 167 ALA A CB    1 
ATOM   1275 N N     . ILE A 1 168 ? -3.767  1.367   17.849  1.00 18.57 ? 168 ILE A N     1 
ATOM   1276 C CA    . ILE A 1 168 ? -4.472  0.103   17.789  1.00 19.60 ? 168 ILE A CA    1 
ATOM   1277 C C     . ILE A 1 168 ? -3.535  -1.020  17.388  1.00 21.59 ? 168 ILE A C     1 
ATOM   1278 O O     . ILE A 1 168 ? -3.532  -2.129  17.944  1.00 22.62 ? 168 ILE A O     1 
ATOM   1279 C CB    . ILE A 1 168 ? -5.647  0.227   16.772  1.00 20.52 ? 168 ILE A CB    1 
ATOM   1280 C CG1   . ILE A 1 168 ? -6.734  1.148   17.363  1.00 22.34 ? 168 ILE A CG1   1 
ATOM   1281 C CG2   . ILE A 1 168 ? -6.273  -1.126  16.447  1.00 22.30 ? 168 ILE A CG2   1 
ATOM   1282 C CD1   . ILE A 1 168 ? -7.748  1.598   16.301  1.00 24.68 ? 168 ILE A CD1   1 
ATOM   1283 N N     . LEU A 1 169 ? -2.647  -0.728  16.413  1.00 20.62 ? 169 LEU A N     1 
ATOM   1284 C CA    . LEU A 1 169 ? -1.714  -1.750  15.939  1.00 22.71 ? 169 LEU A CA    1 
ATOM   1285 C C     . LEU A 1 169 ? -0.341  -1.742  16.579  1.00 23.75 ? 169 LEU A C     1 
ATOM   1286 O O     . LEU A 1 169 ? 0.476   -2.645  16.288  1.00 26.59 ? 169 LEU A O     1 
ATOM   1287 C CB    . LEU A 1 169 ? -1.585  -1.543  14.403  1.00 23.13 ? 169 LEU A CB    1 
ATOM   1288 C CG    . LEU A 1 169 ? -2.893  -1.829  13.658  1.00 25.13 ? 169 LEU A CG    1 
ATOM   1289 C CD1   . LEU A 1 169 ? -2.679  -1.520  12.173  1.00 25.13 ? 169 LEU A CD1   1 
ATOM   1290 C CD2   . LEU A 1 169 ? -3.389  -3.252  13.834  1.00 24.53 ? 169 LEU A CD2   1 
ATOM   1291 N N     . GLY A 1 170 ? -0.002  -0.755  17.398  1.00 23.27 ? 170 GLY A N     1 
ATOM   1292 C CA    . GLY A 1 170 ? 1.326   -0.705  18.010  1.00 25.53 ? 170 GLY A CA    1 
ATOM   1293 C C     . GLY A 1 170 ? 2.405   -0.269  17.025  1.00 26.94 ? 170 GLY A C     1 
ATOM   1294 O O     . GLY A 1 170 ? 3.545   -0.734  17.149  1.00 29.21 ? 170 GLY A O     1 
ATOM   1295 N N     . LEU A 1 171 ? 2.088   0.608   16.095  1.00 26.11 ? 171 LEU A N     1 
ATOM   1296 C CA    . LEU A 1 171 ? 3.123   1.072   15.162  1.00 26.65 ? 171 LEU A CA    1 
ATOM   1297 C C     . LEU A 1 171 ? 3.990   2.159   15.759  1.00 28.58 ? 171 LEU A C     1 
ATOM   1298 O O     . LEU A 1 171 ? 3.612   2.984   16.583  1.00 30.40 ? 171 LEU A O     1 
ATOM   1299 C CB    . LEU A 1 171 ? 2.489   1.606   13.871  1.00 25.04 ? 171 LEU A CB    1 
ATOM   1300 C CG    . LEU A 1 171 ? 1.426   0.754   13.202  1.00 25.92 ? 171 LEU A CG    1 
ATOM   1301 C CD1   . LEU A 1 171 ? 0.878   1.456   11.952  1.00 28.08 ? 171 LEU A CD1   1 
ATOM   1302 C CD2   . LEU A 1 171 ? 1.909   -0.635  12.815  1.00 27.46 ? 171 LEU A CD2   1 
ATOM   1303 N N     . PRO A 1 172 ? 5.221   2.252   15.248  1.00 30.43 ? 172 PRO A N     1 
ATOM   1304 C CA    . PRO A 1 172 ? 6.145   3.283   15.648  1.00 30.63 ? 172 PRO A CA    1 
ATOM   1305 C C     . PRO A 1 172 ? 5.603   4.677   15.399  1.00 30.65 ? 172 PRO A C     1 
ATOM   1306 O O     . PRO A 1 172 ? 4.957   4.955   14.372  1.00 26.12 ? 172 PRO A O     1 
ATOM   1307 C CB    . PRO A 1 172 ? 7.372   3.026   14.762  1.00 30.72 ? 172 PRO A CB    1 
ATOM   1308 C CG    . PRO A 1 172 ? 7.250   1.633   14.300  1.00 32.18 ? 172 PRO A CG    1 
ATOM   1309 C CD    . PRO A 1 172 ? 5.770   1.348   14.204  1.00 31.90 ? 172 PRO A CD    1 
ATOM   1310 N N     . SER A 1 173 ? 5.972   5.653   16.238  1.00 31.73 ? 173 SER A N     1 
ATOM   1311 C CA    . SER A 1 173 ? 5.578   7.030   16.043  1.00 32.85 ? 173 SER A CA    1 
ATOM   1312 C C     . SER A 1 173 ? 6.079   7.666   14.761  1.00 33.07 ? 173 SER A C     1 
ATOM   1313 O O     . SER A 1 173 ? 5.426   8.547   14.193  1.00 35.16 ? 173 SER A O     1 
ATOM   1314 C CB    . SER A 1 173 ? 6.070   7.928   17.212  1.00 36.56 ? 173 SER A CB    1 
ATOM   1315 O OG    . SER A 1 173 ? 5.560   9.234   16.895  1.00 39.40 ? 173 SER A OG    1 
ATOM   1316 N N     . ARG A 1 174 ? 7.235   7.272   14.240  1.00 29.45 ? 174 ARG A N     1 
ATOM   1317 C CA    . ARG A 1 174 ? 7.802   7.762   13.012  1.00 27.92 ? 174 ARG A CA    1 
ATOM   1318 C C     . ARG A 1 174 ? 7.098   7.186   11.764  1.00 25.79 ? 174 ARG A C     1 
ATOM   1319 O O     . ARG A 1 174 ? 7.421   7.676   10.683  1.00 27.89 ? 174 ARG A O     1 
ATOM   1320 C CB    . ARG A 1 174 ? 9.261   7.266   12.873  1.00 29.23 ? 174 ARG A CB    1 
ATOM   1321 C CG    . ARG A 1 174 ? 9.349   5.742   12.813  1.00 31.69 ? 174 ARG A CG    1 
ATOM   1322 C CD    . ARG A 1 174 ? 10.724  5.183   13.149  1.00 32.77 ? 174 ARG A CD    1 
ATOM   1323 N NE    . ARG A 1 174 ? 10.833  3.769   12.867  1.00 34.07 ? 174 ARG A NE    1 
ATOM   1324 C CZ    . ARG A 1 174 ? 10.998  2.768   13.715  1.00 35.33 ? 174 ARG A CZ    1 
ATOM   1325 N NH1   . ARG A 1 174 ? 11.096  3.065   15.016  1.00 37.37 ? 174 ARG A NH1   1 
ATOM   1326 N NH2   . ARG A 1 174 ? 11.076  1.500   13.325  1.00 34.88 ? 174 ARG A NH2   1 
ATOM   1327 N N     . ALA A 1 175 ? 6.257   6.191   11.934  1.00 22.98 ? 175 ALA A N     1 
ATOM   1328 C CA    . ALA A 1 175 ? 5.663   5.632   10.687  1.00 21.59 ? 175 ALA A CA    1 
ATOM   1329 C C     . ALA A 1 175 ? 4.582   6.503   10.086  1.00 21.10 ? 175 ALA A C     1 
ATOM   1330 O O     . ALA A 1 175 ? 3.705   7.008   10.773  1.00 23.08 ? 175 ALA A O     1 
ATOM   1331 C CB    . ALA A 1 175 ? 5.085   4.271   11.011  1.00 22.71 ? 175 ALA A CB    1 
ATOM   1332 N N     . ALA A 1 176 ? 4.556   6.577   8.739   1.00 16.99 ? 176 ALA A N     1 
ATOM   1333 C CA    . ALA A 1 176 ? 3.496   7.273   8.019   1.00 16.89 ? 176 ALA A CA    1 
ATOM   1334 C C     . ALA A 1 176 ? 2.502   6.182   7.590   1.00 14.74 ? 176 ALA A C     1 
ATOM   1335 O O     . ALA A 1 176 ? 2.940   5.025   7.471   1.00 15.57 ? 176 ALA A O     1 
ATOM   1336 C CB    . ALA A 1 176 ? 4.034   7.913   6.751   1.00 19.11 ? 176 ALA A CB    1 
ATOM   1337 N N     . ILE A 1 177 ? 1.244   6.488   7.429   1.00 13.85 ? 177 ILE A N     1 
ATOM   1338 C CA    . ILE A 1 177 ? 0.267   5.483   6.975   1.00 13.68 ? 177 ILE A CA    1 
ATOM   1339 C C     . ILE A 1 177 ? -0.360  5.993   5.694   1.00 13.25 ? 177 ILE A C     1 
ATOM   1340 O O     . ILE A 1 177 ? -1.389  6.651   5.670   1.00 14.99 ? 177 ILE A O     1 
ATOM   1341 C CB    . ILE A 1 177 ? -0.805  5.197   8.048   1.00 16.38 ? 177 ILE A CB    1 
ATOM   1342 C CG1   . ILE A 1 177 ? -0.095  4.856   9.381   1.00 19.07 ? 177 ILE A CG1   1 
ATOM   1343 C CG2   . ILE A 1 177 ? -1.710  4.050   7.606   1.00 16.37 ? 177 ILE A CG2   1 
ATOM   1344 C CD1   . ILE A 1 177 ? -1.053  4.994   10.559  1.00 23.64 ? 177 ILE A CD1   1 
ATOM   1345 N N     . PRO A 1 178 ? 0.169   5.638   4.508   1.00 13.31 ? 178 PRO A N     1 
ATOM   1346 C CA    . PRO A 1 178 ? -0.355  6.117   3.248   1.00 12.96 ? 178 PRO A CA    1 
ATOM   1347 C C     . PRO A 1 178 ? -1.741  5.641   2.883   1.00 14.39 ? 178 PRO A C     1 
ATOM   1348 O O     . PRO A 1 178 ? -2.475  6.339   2.153   1.00 13.20 ? 178 PRO A O     1 
ATOM   1349 C CB    . PRO A 1 178 ? 0.644   5.615   2.195   1.00 14.64 ? 178 PRO A CB    1 
ATOM   1350 C CG    . PRO A 1 178 ? 1.817   5.098   2.916   1.00 17.35 ? 178 PRO A CG    1 
ATOM   1351 C CD    . PRO A 1 178 ? 1.527   5.004   4.403   1.00 13.54 ? 178 PRO A CD    1 
ATOM   1352 N N     . ALA A 1 179 ? -2.184  4.443   3.373   1.00 11.91 ? 179 ALA A N     1 
ATOM   1353 C CA    . ALA A 1 179 ? -3.547  4.059   3.105   1.00 11.01 ? 179 ALA A CA    1 
ATOM   1354 C C     . ALA A 1 179 ? -4.001  2.871   3.947   1.00 11.14 ? 179 ALA A C     1 
ATOM   1355 O O     . ALA A 1 179 ? -3.182  2.041   4.340   1.00 13.38 ? 179 ALA A O     1 
ATOM   1356 C CB    . ALA A 1 179 ? -3.659  3.474   1.635   1.00 13.19 ? 179 ALA A CB    1 
ATOM   1357 N N     . LEU A 1 180 ? -5.291  2.759   4.181   1.00 10.29 ? 180 LEU A N     1 
ATOM   1358 C CA    . LEU A 1 180 ? -5.920  1.502   4.581   1.00 10.74 ? 180 LEU A CA    1 
ATOM   1359 C C     . LEU A 1 180 ? -6.593  0.988   3.305   1.00 11.24 ? 180 LEU A C     1 
ATOM   1360 O O     . LEU A 1 180 ? -7.083  1.793   2.472   1.00 14.76 ? 180 LEU A O     1 
ATOM   1361 C CB    . LEU A 1 180 ? -7.054  1.700   5.588   1.00 14.08 ? 180 LEU A CB    1 
ATOM   1362 C CG    . LEU A 1 180 ? -6.701  2.479   6.842   1.00 18.79 ? 180 LEU A CG    1 
ATOM   1363 C CD1   . LEU A 1 180 ? -7.920  2.523   7.783   1.00 20.95 ? 180 LEU A CD1   1 
ATOM   1364 C CD2   . LEU A 1 180 ? -5.442  2.010   7.520   1.00 19.28 ? 180 LEU A CD2   1 
ATOM   1365 N N     . VAL A 1 181 ? -6.658  -0.318  3.088   1.00 9.65  ? 181 VAL A N     1 
ATOM   1366 C CA    . VAL A 1 181 ? -7.351  -0.884  1.926   1.00 10.32 ? 181 VAL A CA    1 
ATOM   1367 C C     . VAL A 1 181 ? -8.318  -1.976  2.380   1.00 12.12 ? 181 VAL A C     1 
ATOM   1368 O O     . VAL A 1 181 ? -7.865  -3.058  2.816   1.00 14.21 ? 181 VAL A O     1 
ATOM   1369 C CB    . VAL A 1 181 ? -6.374  -1.501  0.898   1.00 11.88 ? 181 VAL A CB    1 
ATOM   1370 C CG1   . VAL A 1 181 ? -7.154  -1.945  -0.346  1.00 13.85 ? 181 VAL A CG1   1 
ATOM   1371 C CG2   . VAL A 1 181 ? -5.242  -0.518  0.532   1.00 13.99 ? 181 VAL A CG2   1 
ATOM   1372 N N     . ALA A 1 182 ? -9.624  -1.741  2.192   1.00 9.88  ? 182 ALA A N     1 
ATOM   1373 C CA    . ALA A 1 182 ? -10.595 -2.821  2.504   1.00 11.32 ? 182 ALA A CA    1 
ATOM   1374 C C     . ALA A 1 182 ? -10.795 -3.660  1.274   1.00 12.78 ? 182 ALA A C     1 
ATOM   1375 O O     . ALA A 1 182 ? -10.742 -3.106  0.160   1.00 13.39 ? 182 ALA A O     1 
ATOM   1376 C CB    . ALA A 1 182 ? -11.933 -2.218  2.926   1.00 13.18 ? 182 ALA A CB    1 
ATOM   1377 N N     . LEU A 1 183 ? -10.859 -4.985  1.332   1.00 10.20 ? 183 LEU A N     1 
ATOM   1378 C CA    . LEU A 1 183 ? -11.027 -5.836  0.154   1.00 11.03 ? 183 LEU A CA    1 
ATOM   1379 C C     . LEU A 1 183 ? -11.850 -7.101  0.451   1.00 13.03 ? 183 LEU A C     1 
ATOM   1380 O O     . LEU A 1 183 ? -11.941 -7.516  1.615   1.00 13.49 ? 183 LEU A O     1 
ATOM   1381 C CB    . LEU A 1 183 ? -9.659  -6.132  -0.505  1.00 11.67 ? 183 LEU A CB    1 
ATOM   1382 C CG    . LEU A 1 183 ? -8.732  -6.998  0.385   1.00 13.51 ? 183 LEU A CG    1 
ATOM   1383 C CD1   . LEU A 1 183 ? -8.860  -8.457  -0.021  1.00 16.15 ? 183 LEU A CD1   1 
ATOM   1384 C CD2   . LEU A 1 183 ? -7.271  -6.592  0.242   1.00 16.96 ? 183 LEU A CD2   1 
ATOM   1385 N N     . GLY A 1 184 ? -12.373 -7.660  -0.624  1.00 13.28 ? 184 GLY A N     1 
ATOM   1386 C CA    . GLY A 1 184 ? -13.184 -8.916  -0.484  1.00 11.88 ? 184 GLY A CA    1 
ATOM   1387 C C     . GLY A 1 184 ? -13.871 -9.197  -1.802  1.00 12.56 ? 184 GLY A C     1 
ATOM   1388 O O     . GLY A 1 184 ? -13.582 -8.552  -2.842  1.00 13.78 ? 184 GLY A O     1 
ATOM   1389 N N     . TYR A 1 185 ? -14.700 -10.254 -1.861  1.00 11.31 ? 185 TYR A N     1 
ATOM   1390 C CA    . TYR A 1 185 ? -15.412 -10.533 -3.127  1.00 12.42 ? 185 TYR A CA    1 
ATOM   1391 C C     . TYR A 1 185 ? -16.570 -9.572  -3.205  1.00 12.56 ? 185 TYR A C     1 
ATOM   1392 O O     . TYR A 1 185 ? -17.274 -9.214  -2.253  1.00 12.84 ? 185 TYR A O     1 
ATOM   1393 C CB    . TYR A 1 185 ? -15.923 -12.009 -3.056  1.00 13.37 ? 185 TYR A CB    1 
ATOM   1394 C CG    . TYR A 1 185 ? -14.769 -12.983 -3.148  1.00 15.01 ? 185 TYR A CG    1 
ATOM   1395 C CD1   . TYR A 1 185 ? -14.227 -13.335 -4.378  1.00 19.34 ? 185 TYR A CD1   1 
ATOM   1396 C CD2   . TYR A 1 185 ? -14.281 -13.591 -1.992  1.00 16.68 ? 185 TYR A CD2   1 
ATOM   1397 C CE1   . TYR A 1 185 ? -13.170 -14.234 -4.477  1.00 20.63 ? 185 TYR A CE1   1 
ATOM   1398 C CE2   . TYR A 1 185 ? -13.214 -14.484 -2.076  1.00 18.63 ? 185 TYR A CE2   1 
ATOM   1399 C CZ    . TYR A 1 185 ? -12.693 -14.785 -3.304  1.00 21.56 ? 185 TYR A CZ    1 
ATOM   1400 O OH    . TYR A 1 185 ? -11.647 -15.709 -3.379  1.00 27.09 ? 185 TYR A OH    1 
ATOM   1401 N N     . PRO A 1 186 ? -16.807 -8.912  -4.386  1.00 12.59 ? 186 PRO A N     1 
ATOM   1402 C CA    . PRO A 1 186 ? -17.770 -7.856  -4.507  1.00 15.01 ? 186 PRO A CA    1 
ATOM   1403 C C     . PRO A 1 186 ? -19.241 -8.254  -4.348  1.00 16.61 ? 186 PRO A C     1 
ATOM   1404 O O     . PRO A 1 186 ? -19.576 -9.288  -4.940  1.00 18.72 ? 186 PRO A O     1 
ATOM   1405 C CB    . PRO A 1 186 ? -17.511 -7.273  -5.905  1.00 17.66 ? 186 PRO A CB    1 
ATOM   1406 C CG    . PRO A 1 186 ? -16.621 -8.225  -6.599  1.00 18.84 ? 186 PRO A CG    1 
ATOM   1407 C CD    . PRO A 1 186 ? -16.018 -9.188  -5.606  1.00 15.27 ? 186 PRO A CD    1 
ATOM   1408 N N     . ALA A 1 187 ? -19.989 -7.360  -3.740  1.00 16.49 ? 187 ALA A N     1 
ATOM   1409 C CA    . ALA A 1 187 ? -21.431 -7.573  -3.629  1.00 18.85 ? 187 ALA A CA    1 
ATOM   1410 C C     . ALA A 1 187 ? -22.182 -6.416  -4.294  1.00 21.13 ? 187 ALA A C     1 
ATOM   1411 O O     . ALA A 1 187 ? -23.375 -6.214  -4.027  1.00 23.62 ? 187 ALA A O     1 
ATOM   1412 C CB    . ALA A 1 187 ? -21.871 -7.658  -2.164  1.00 19.27 ? 187 ALA A CB    1 
ATOM   1413 N N     . GLU A 1 188 ? -21.473 -5.598  -5.060  1.00 20.44 ? 188 GLU A N     1 
ATOM   1414 C CA    . GLU A 1 188 ? -22.077 -4.442  -5.751  1.00 21.38 ? 188 GLU A CA    1 
ATOM   1415 C C     . GLU A 1 188 ? -21.242 -4.189  -7.012  1.00 22.96 ? 188 GLU A C     1 
ATOM   1416 O O     . GLU A 1 188 ? -20.124 -4.700  -7.094  1.00 21.24 ? 188 GLU A O     1 
ATOM   1417 C CB    . GLU A 1 188 ? -22.168 -3.185  -4.876  1.00 21.26 ? 188 GLU A CB    1 
ATOM   1418 C CG    . GLU A 1 188 ? -20.797 -2.587  -4.523  1.00 20.43 ? 188 GLU A CG    1 
ATOM   1419 C CD    . GLU A 1 188 ? -20.823 -1.234  -3.894  1.00 22.48 ? 188 GLU A CD    1 
ATOM   1420 O OE1   . GLU A 1 188 ? -21.921 -0.664  -3.590  1.00 23.61 ? 188 GLU A OE1   1 
ATOM   1421 O OE2   . GLU A 1 188 ? -19.762 -0.629  -3.632  1.00 20.40 ? 188 GLU A OE2   1 
ATOM   1422 N N     . GLU A 1 189 ? -21.777 -3.467  -7.992  1.00 24.34 ? 189 GLU A N     1 
ATOM   1423 C CA    . GLU A 1 189 ? -21.041 -3.081  -9.190  1.00 26.46 ? 189 GLU A CA    1 
ATOM   1424 C C     . GLU A 1 189 ? -20.079 -1.901  -9.000  1.00 24.81 ? 189 GLU A C     1 
ATOM   1425 O O     . GLU A 1 189 ? -19.027 -1.856  -9.666  1.00 26.62 ? 189 GLU A O     1 
ATOM   1426 C CB    . GLU A 1 189 ? -22.038 -2.631  -10.293 1.00 30.76 ? 189 GLU A CB    1 
ATOM   1427 C CG    . GLU A 1 189 ? -22.510 -3.758  -11.176 1.00 36.86 ? 189 GLU A CG    1 
ATOM   1428 C CD    . GLU A 1 189 ? -23.633 -3.405  -12.130 1.00 40.41 ? 189 GLU A CD    1 
ATOM   1429 O OE1   . GLU A 1 189 ? -23.861 -2.205  -12.410 1.00 42.63 ? 189 GLU A OE1   1 
ATOM   1430 O OE2   . GLU A 1 189 ? -24.295 -4.351  -12.622 1.00 43.09 ? 189 GLU A OE2   1 
ATOM   1431 N N     . GLY A 1 190 ? -20.370 -0.997  -8.082  1.00 22.87 ? 190 GLY A N     1 
ATOM   1432 C CA    . GLY A 1 190 ? -19.533 0.205   -7.893  1.00 22.33 ? 190 GLY A CA    1 
ATOM   1433 C C     . GLY A 1 190 ? -20.132 1.343   -8.754  1.00 21.96 ? 190 GLY A C     1 
ATOM   1434 O O     . GLY A 1 190 ? -20.733 1.000   -9.753  1.00 25.03 ? 190 GLY A O     1 
ATOM   1435 N N     . TYR A 1 191 ? -19.893 2.561   -8.374  1.00 23.12 ? 191 TYR A N     1 
ATOM   1436 C CA    . TYR A 1 191 ? -20.414 3.729   -9.098  1.00 26.27 ? 191 TYR A CA    1 
ATOM   1437 C C     . TYR A 1 191 ? -19.543 4.114   -10.272 1.00 24.69 ? 191 TYR A C     1 
ATOM   1438 O O     . TYR A 1 191 ? -18.330 3.956   -10.196 1.00 25.00 ? 191 TYR A O     1 
ATOM   1439 C CB    . TYR A 1 191 ? -20.456 4.880   -8.071  1.00 32.12 ? 191 TYR A CB    1 
ATOM   1440 C CG    . TYR A 1 191 ? -21.261 4.472   -6.851  1.00 38.81 ? 191 TYR A CG    1 
ATOM   1441 C CD1   . TYR A 1 191 ? -22.465 3.790   -7.011  1.00 40.81 ? 191 TYR A CD1   1 
ATOM   1442 C CD2   . TYR A 1 191 ? -20.796 4.711   -5.569  1.00 41.46 ? 191 TYR A CD2   1 
ATOM   1443 C CE1   . TYR A 1 191 ? -23.199 3.380   -5.910  1.00 43.57 ? 191 TYR A CE1   1 
ATOM   1444 C CE2   . TYR A 1 191 ? -21.539 4.315   -4.466  1.00 43.06 ? 191 TYR A CE2   1 
ATOM   1445 C CZ    . TYR A 1 191 ? -22.731 3.655   -4.646  1.00 43.97 ? 191 TYR A CZ    1 
ATOM   1446 O OH    . TYR A 1 191 ? -23.473 3.245   -3.558  1.00 46.10 ? 191 TYR A OH    1 
ATOM   1447 N N     . PRO A 1 192 ? -20.128 4.594   -11.358 1.00 22.62 ? 192 PRO A N     1 
ATOM   1448 C CA    . PRO A 1 192 ? -19.377 5.002   -12.540 1.00 23.36 ? 192 PRO A CA    1 
ATOM   1449 C C     . PRO A 1 192 ? -18.648 6.277   -12.188 1.00 24.27 ? 192 PRO A C     1 
ATOM   1450 O O     . PRO A 1 192 ? -19.221 7.113   -11.457 1.00 27.34 ? 192 PRO A O     1 
ATOM   1451 C CB    . PRO A 1 192 ? -20.475 5.186   -13.607 1.00 24.28 ? 192 PRO A CB    1 
ATOM   1452 C CG    . PRO A 1 192 ? -21.650 5.641   -12.790 1.00 25.94 ? 192 PRO A CG    1 
ATOM   1453 C CD    . PRO A 1 192 ? -21.603 4.800   -11.533 1.00 24.41 ? 192 PRO A CD    1 
ATOM   1454 N N     . SER A 1 193 ? -17.362 6.425   -12.513 1.00 23.43 ? 193 SER A N     1 
ATOM   1455 C CA    . SER A 1 193 ? -16.687 7.679   -12.232 1.00 20.00 ? 193 SER A CA    1 
ATOM   1456 C C     . SER A 1 193 ? -15.890 8.048   -13.517 1.00 17.49 ? 193 SER A C     1 
ATOM   1457 O O     . SER A 1 193 ? -15.637 7.207   -14.349 1.00 19.35 ? 193 SER A O     1 
ATOM   1458 C CB    . SER A 1 193 ? -15.727 7.760   -11.056 1.00 21.52 ? 193 SER A CB    1 
ATOM   1459 O OG    . SER A 1 193 ? -14.758 6.758   -11.189 1.00 19.98 ? 193 SER A OG    1 
ATOM   1460 N N     . HIS A 1 194 ? -15.761 9.361   -13.655 1.00 18.64 ? 194 HIS A N     1 
ATOM   1461 C CA    . HIS A 1 194 ? -15.110 9.888   -14.843 1.00 16.89 ? 194 HIS A CA    1 
ATOM   1462 C C     . HIS A 1 194 ? -13.657 10.232  -14.523 1.00 15.08 ? 194 HIS A C     1 
ATOM   1463 O O     . HIS A 1 194 ? -13.236 10.354  -13.356 1.00 16.03 ? 194 HIS A O     1 
ATOM   1464 C CB    . HIS A 1 194 ? -15.869 11.181  -15.225 1.00 20.88 ? 194 HIS A CB    1 
ATOM   1465 C CG    . HIS A 1 194 ? -17.178 10.786  -15.883 1.00 26.87 ? 194 HIS A CG    1 
ATOM   1466 N ND1   . HIS A 1 194 ? -17.970 11.694  -16.539 1.00 30.83 ? 194 HIS A ND1   1 
ATOM   1467 C CD2   . HIS A 1 194 ? -17.786 9.583   -16.022 1.00 28.57 ? 194 HIS A CD2   1 
ATOM   1468 C CE1   . HIS A 1 194 ? -19.039 11.067  -17.012 1.00 29.83 ? 194 HIS A CE1   1 
ATOM   1469 N NE2   . HIS A 1 194 ? -18.949 9.768   -16.704 1.00 30.02 ? 194 HIS A NE2   1 
ATOM   1470 N N     . ARG A 1 195 ? -12.892 10.436  -15.603 1.00 12.00 ? 195 ARG A N     1 
ATOM   1471 C CA    . ARG A 1 195 ? -11.521 10.953  -15.505 1.00 11.55 ? 195 ARG A CA    1 
ATOM   1472 C C     . ARG A 1 195 ? -11.417 12.153  -16.462 1.00 14.92 ? 195 ARG A C     1 
ATOM   1473 O O     . ARG A 1 195 ? -12.237 12.254  -17.401 1.00 15.43 ? 195 ARG A O     1 
ATOM   1474 C CB    . ARG A 1 195 ? -10.455 9.905   -15.827 1.00 10.68 ? 195 ARG A CB    1 
ATOM   1475 C CG    . ARG A 1 195 ? -10.452 8.681   -14.875 1.00 11.15 ? 195 ARG A CG    1 
ATOM   1476 C CD    . ARG A 1 195 ? -9.918  9.099   -13.467 1.00 9.45  ? 195 ARG A CD    1 
ATOM   1477 N NE    . ARG A 1 195 ? -9.776  7.811   -12.672 1.00 9.16  ? 195 ARG A NE    1 
ATOM   1478 C CZ    . ARG A 1 195 ? -10.834 7.287   -12.073 1.00 11.01 ? 195 ARG A CZ    1 
ATOM   1479 N NH1   . ARG A 1 195 ? -12.082 7.758   -12.050 1.00 11.37 ? 195 ARG A NH1   1 
ATOM   1480 N NH2   . ARG A 1 195 ? -10.611 6.099   -11.448 1.00 12.27 ? 195 ARG A NH2   1 
ATOM   1481 N N     . LEU A 1 196 ? -10.442 13.001  -16.224 1.00 13.56 ? 196 LEU A N     1 
ATOM   1482 C CA    . LEU A 1 196 ? -10.272 14.157  -17.146 1.00 14.49 ? 196 LEU A CA    1 
ATOM   1483 C C     . LEU A 1 196 ? -9.985  13.649  -18.531 1.00 15.15 ? 196 LEU A C     1 
ATOM   1484 O O     . LEU A 1 196 ? -9.331  12.622  -18.747 1.00 15.85 ? 196 LEU A O     1 
ATOM   1485 C CB    . LEU A 1 196 ? -9.050  14.941  -16.640 1.00 15.61 ? 196 LEU A CB    1 
ATOM   1486 C CG    . LEU A 1 196 ? -9.227  15.662  -15.289 1.00 17.79 ? 196 LEU A CG    1 
ATOM   1487 C CD1   . LEU A 1 196 ? -7.870  16.205  -14.846 1.00 21.78 ? 196 LEU A CD1   1 
ATOM   1488 C CD2   . LEU A 1 196 ? -10.292 16.742  -15.377 1.00 21.29 ? 196 LEU A CD2   1 
ATOM   1489 N N     . PRO A 1 197 ? -10.345 14.441  -19.569 1.00 17.72 ? 197 PRO A N     1 
ATOM   1490 C CA    . PRO A 1 197 ? -9.995  14.090  -20.927 1.00 18.85 ? 197 PRO A CA    1 
ATOM   1491 C C     . PRO A 1 197 ? -8.485  14.008  -21.118 1.00 17.52 ? 197 PRO A C     1 
ATOM   1492 O O     . PRO A 1 197 ? -7.768  14.855  -20.537 1.00 18.55 ? 197 PRO A O     1 
ATOM   1493 C CB    . PRO A 1 197 ? -10.619 15.218  -21.752 1.00 20.75 ? 197 PRO A CB    1 
ATOM   1494 C CG    . PRO A 1 197 ? -11.567 15.934  -20.876 1.00 21.31 ? 197 PRO A CG    1 
ATOM   1495 C CD    . PRO A 1 197 ? -11.116 15.696  -19.428 1.00 19.73 ? 197 PRO A CD    1 
ATOM   1496 N N     . LEU A 1 198 ? -8.030  13.102  -21.951 1.00 17.82 ? 198 LEU A N     1 
ATOM   1497 C CA    . LEU A 1 198 ? -6.624  12.939  -22.217 1.00 19.70 ? 198 LEU A CA    1 
ATOM   1498 C C     . LEU A 1 198 ? -5.933  14.245  -22.602 1.00 20.87 ? 198 LEU A C     1 
ATOM   1499 O O     . LEU A 1 198 ? -4.860  14.603  -22.109 1.00 20.09 ? 198 LEU A O     1 
ATOM   1500 C CB    . LEU A 1 198 ? -6.391  11.890  -23.325 1.00 24.00 ? 198 LEU A CB    1 
ATOM   1501 C CG    . LEU A 1 198 ? -4.901  11.496  -23.302 1.00 28.04 ? 198 LEU A CG    1 
ATOM   1502 C CD1   . LEU A 1 198 ? -4.678  10.009  -23.337 1.00 29.59 ? 198 LEU A CD1   1 
ATOM   1503 C CD2   . LEU A 1 198 ? -4.235  12.212  -24.464 1.00 28.44 ? 198 LEU A CD2   1 
ATOM   1504 N N     . GLU A 1 199 ? -6.595  15.056  -23.439 1.00 20.97 ? 199 GLU A N     1 
ATOM   1505 C CA    . GLU A 1 199 ? -6.001  16.300  -23.933 1.00 23.40 ? 199 GLU A CA    1 
ATOM   1506 C C     . GLU A 1 199 ? -5.909  17.393  -22.929 1.00 21.41 ? 199 GLU A C     1 
ATOM   1507 O O     . GLU A 1 199 ? -5.173  18.400  -23.112 1.00 24.28 ? 199 GLU A O     1 
ATOM   1508 C CB    . GLU A 1 199 ? -6.761  16.677  -25.230 1.00 26.87 ? 199 GLU A CB    1 
ATOM   1509 C CG    . GLU A 1 199 ? -8.161  17.148  -24.920 1.00 31.02 ? 199 GLU A CG    1 
ATOM   1510 C CD    . GLU A 1 199 ? -9.217  16.068  -25.055 1.00 32.39 ? 199 GLU A CD    1 
ATOM   1511 O OE1   . GLU A 1 199 ? -8.928  14.855  -25.047 1.00 32.24 ? 199 GLU A OE1   1 
ATOM   1512 O OE2   . GLU A 1 199 ? -10.392 16.487  -25.190 1.00 34.80 ? 199 GLU A OE2   1 
ATOM   1513 N N     . ARG A 1 200 ? -6.523  17.299  -21.759 1.00 18.56 ? 200 ARG A N     1 
ATOM   1514 C CA    . ARG A 1 200 ? -6.424  18.176  -20.652 1.00 19.33 ? 200 ARG A CA    1 
ATOM   1515 C C     . ARG A 1 200 ? -5.213  17.861  -19.767 1.00 19.99 ? 200 ARG A C     1 
ATOM   1516 O O     . ARG A 1 200 ? -4.772  18.739  -19.006 1.00 22.98 ? 200 ARG A O     1 
ATOM   1517 C CB    . ARG A 1 200 ? -7.695  18.005  -19.815 1.00 24.73 ? 200 ARG A CB    1 
ATOM   1518 C CG    . ARG A 1 200 ? -7.775  18.704  -18.497 1.00 25.97 ? 200 ARG A CG    1 
ATOM   1519 C CD    . ARG A 1 200 ? -8.059  20.206  -18.698 1.00 30.54 ? 200 ARG A CD    1 
ATOM   1520 N NE    . ARG A 1 200 ? -8.212  20.826  -17.381 1.00 31.11 ? 200 ARG A NE    1 
ATOM   1521 C CZ    . ARG A 1 200 ? -7.207  21.245  -16.616 1.00 32.32 ? 200 ARG A CZ    1 
ATOM   1522 N NH1   . ARG A 1 200 ? -5.945  21.100  -16.978 1.00 32.79 ? 200 ARG A NH1   1 
ATOM   1523 N NH2   . ARG A 1 200 ? -7.462  21.811  -15.438 1.00 33.88 ? 200 ARG A NH2   1 
ATOM   1524 N N     . VAL A 1 201 ? -4.757  16.608  -19.828 1.00 16.00 ? 201 VAL A N     1 
ATOM   1525 C CA    . VAL A 1 201 ? -3.707  16.159  -18.882 1.00 17.03 ? 201 VAL A CA    1 
ATOM   1526 C C     . VAL A 1 201 ? -2.386  15.984  -19.599 1.00 15.40 ? 201 VAL A C     1 
ATOM   1527 O O     . VAL A 1 201 ? -1.341  16.074  -18.929 1.00 17.80 ? 201 VAL A O     1 
ATOM   1528 C CB    . VAL A 1 201 ? -4.190  14.779  -18.293 1.00 20.22 ? 201 VAL A CB    1 
ATOM   1529 C CG1   . VAL A 1 201 ? -3.089  13.975  -17.627 1.00 23.16 ? 201 VAL A CG1   1 
ATOM   1530 C CG2   . VAL A 1 201 ? -5.308  15.080  -17.283 1.00 25.69 ? 201 VAL A CG2   1 
ATOM   1531 N N     . VAL A 1 202 ? -2.413  15.615  -20.878 1.00 14.31 ? 202 VAL A N     1 
ATOM   1532 C CA    . VAL A 1 202 ? -1.180  15.260  -21.601 1.00 16.65 ? 202 VAL A CA    1 
ATOM   1533 C C     . VAL A 1 202 ? -0.779  16.319  -22.646 1.00 18.38 ? 202 VAL A C     1 
ATOM   1534 O O     . VAL A 1 202 ? -1.612  16.672  -23.501 1.00 21.45 ? 202 VAL A O     1 
ATOM   1535 C CB    . VAL A 1 202 ? -1.367  13.912  -22.299 1.00 17.54 ? 202 VAL A CB    1 
ATOM   1536 C CG1   . VAL A 1 202 ? -0.119  13.460  -23.086 1.00 19.13 ? 202 VAL A CG1   1 
ATOM   1537 C CG2   . VAL A 1 202 ? -1.692  12.830  -21.261 1.00 19.65 ? 202 VAL A CG2   1 
ATOM   1538 N N     . LEU A 1 203 ? 0.483   16.717  -22.595 1.00 18.52 ? 203 LEU A N     1 
ATOM   1539 C CA    . LEU A 1 203 ? 1.006   17.666  -23.622 1.00 22.78 ? 203 LEU A CA    1 
ATOM   1540 C C     . LEU A 1 203 ? 2.048   16.961  -24.460 1.00 22.57 ? 203 LEU A C     1 
ATOM   1541 O O     . LEU A 1 203 ? 2.889   16.208  -23.957 1.00 22.30 ? 203 LEU A O     1 
ATOM   1542 C CB    . LEU A 1 203 ? 1.426   18.904  -22.919 1.00 27.72 ? 203 LEU A CB    1 
ATOM   1543 C CG    . LEU A 1 203 ? 2.698   19.451  -22.387 1.00 33.60 ? 203 LEU A CG    1 
ATOM   1544 C CD1   . LEU A 1 203 ? 3.621   19.975  -23.480 1.00 34.94 ? 203 LEU A CD1   1 
ATOM   1545 C CD2   . LEU A 1 203 ? 2.406   20.624  -21.425 1.00 35.83 ? 203 LEU A CD2   1 
ATOM   1546 N N     . TRP A 1 204 ? 1.924   17.041  -25.795 1.00 23.23 ? 204 TRP A N     1 
ATOM   1547 C CA    . TRP A 1 204 ? 2.817   16.311  -26.703 1.00 25.70 ? 204 TRP A CA    1 
ATOM   1548 C C     . TRP A 1 204 ? 3.945   17.172  -27.239 1.00 29.33 ? 204 TRP A C     1 
ATOM   1549 O O     . TRP A 1 204 ? 3.693   18.237  -27.841 1.00 31.64 ? 204 TRP A O     1 
ATOM   1550 C CB    . TRP A 1 204 ? 1.969   15.731  -27.837 1.00 26.17 ? 204 TRP A CB    1 
ATOM   1551 C CG    . TRP A 1 204 ? 0.932   14.746  -27.393 1.00 27.05 ? 204 TRP A CG    1 
ATOM   1552 C CD1   . TRP A 1 204 ? -0.319  15.028  -26.900 1.00 28.10 ? 204 TRP A CD1   1 
ATOM   1553 C CD2   . TRP A 1 204 ? 1.051   13.325  -27.388 1.00 28.18 ? 204 TRP A CD2   1 
ATOM   1554 N NE1   . TRP A 1 204 ? -0.973  13.855  -26.598 1.00 28.42 ? 204 TRP A NE1   1 
ATOM   1555 C CE2   . TRP A 1 204 ? -0.159  12.801  -26.905 1.00 28.67 ? 204 TRP A CE2   1 
ATOM   1556 C CE3   . TRP A 1 204 ? 2.074   12.451  -27.768 1.00 29.02 ? 204 TRP A CE3   1 
ATOM   1557 C CZ2   . TRP A 1 204 ? -0.388  11.441  -26.759 1.00 29.37 ? 204 TRP A CZ2   1 
ATOM   1558 C CZ3   . TRP A 1 204 ? 1.839   11.089  -27.644 1.00 29.40 ? 204 TRP A CZ3   1 
ATOM   1559 C CH2   . TRP A 1 204 ? 0.626   10.607  -27.148 1.00 29.88 ? 204 TRP A CH2   1 
ATOM   1560 N N     . ARG A 1 205 ? 5.196   16.774  -27.010 1.00 27.92 ? 205 ARG A N     1 
ATOM   1561 C CA    . ARG A 1 205 ? 6.365   17.529  -27.477 1.00 30.54 ? 205 ARG A CA    1 
ATOM   1562 C C     . ARG A 1 205 ? 7.386   16.516  -28.026 1.00 28.64 ? 205 ARG A C     1 
ATOM   1563 O O     . ARG A 1 205 ? 8.601   16.656  -27.822 1.00 27.41 ? 205 ARG A O     1 
ATOM   1564 C CB    . ARG A 1 205 ? 6.987   18.365  -26.381 1.00 32.71 ? 205 ARG A CB    1 
ATOM   1565 C CG    . ARG A 1 205 ? 6.233   19.534  -25.784 1.00 37.20 ? 205 ARG A CG    1 
ATOM   1566 C CD    . ARG A 1 205 ? 5.536   20.412  -26.812 1.00 41.13 ? 205 ARG A CD    1 
ATOM   1567 N NE    . ARG A 1 205 ? 4.636   21.378  -26.185 1.00 43.93 ? 205 ARG A NE    1 
ATOM   1568 C CZ    . ARG A 1 205 ? 3.334   21.521  -26.350 1.00 45.53 ? 205 ARG A CZ    1 
ATOM   1569 N NH1   . ARG A 1 205 ? 2.607   20.754  -27.150 1.00 46.67 ? 205 ARG A NH1   1 
ATOM   1570 N NH2   . ARG A 1 205 ? 2.703   22.470  -25.658 1.00 47.42 ? 205 ARG A NH2   1 
ATOM   1571 O OXT   . ARG A 1 205 ? 6.915   15.523  -28.610 1.00 31.25 ? 205 ARG A OXT   1 
HETATM 1572 N N1    . FMN B 2 .   ? -12.991 6.284   -0.738  1.00 12.45 ? 300 FMN A N1    1 
HETATM 1573 C C2    . FMN B 2 .   ? -13.745 6.181   0.436   1.00 14.36 ? 300 FMN A C2    1 
HETATM 1574 O O2    . FMN B 2 .   ? -14.832 5.738   0.478   1.00 15.36 ? 300 FMN A O2    1 
HETATM 1575 N N3    . FMN B 2 .   ? -13.062 6.601   1.654   1.00 13.73 ? 300 FMN A N3    1 
HETATM 1576 C C4    . FMN B 2 .   ? -11.802 7.112   1.760   1.00 12.41 ? 300 FMN A C4    1 
HETATM 1577 O O4    . FMN B 2 .   ? -11.246 7.468   2.805   1.00 12.81 ? 300 FMN A O4    1 
HETATM 1578 C C4A   . FMN B 2 .   ? -11.028 7.300   0.529   1.00 10.43 ? 300 FMN A C4A   1 
HETATM 1579 N N5    . FMN B 2 .   ? -9.774  7.646   0.407   1.00 12.14 ? 300 FMN A N5    1 
HETATM 1580 C C5A   . FMN B 2 .   ? -9.011  7.484   -0.711  1.00 9.21  ? 300 FMN A C5A   1 
HETATM 1581 C C6    . FMN B 2 .   ? -7.568  7.582   -0.615  1.00 10.95 ? 300 FMN A C6    1 
HETATM 1582 C C7    . FMN B 2 .   ? -6.761  7.271   -1.720  1.00 11.04 ? 300 FMN A C7    1 
HETATM 1583 C C7M   . FMN B 2 .   ? -5.256  7.406   -1.642  1.00 12.49 ? 300 FMN A C7M   1 
HETATM 1584 C C8    . FMN B 2 .   ? -7.355  6.798   -2.952  1.00 9.87  ? 300 FMN A C8    1 
HETATM 1585 C C8M   . FMN B 2 .   ? -6.574  6.492   -4.206  1.00 11.34 ? 300 FMN A C8M   1 
HETATM 1586 C C9    . FMN B 2 .   ? -8.756  6.689   -3.057  1.00 10.75 ? 300 FMN A C9    1 
HETATM 1587 C C9A   . FMN B 2 .   ? -9.659  6.996   -1.971  1.00 9.58  ? 300 FMN A C9A   1 
HETATM 1588 N N10   . FMN B 2 .   ? -11.056 6.761   -1.883  1.00 11.83 ? 300 FMN A N10   1 
HETATM 1589 C C10   . FMN B 2 .   ? -11.789 6.840   -0.645  1.00 11.99 ? 300 FMN A C10   1 
HETATM 1590 C "C1'" . FMN B 2 .   ? -11.753 6.229   -3.161  1.00 10.62 ? 300 FMN A "C1'" 1 
HETATM 1591 C "C2'" . FMN B 2 .   ? -11.667 7.406   -4.123  1.00 12.62 ? 300 FMN A "C2'" 1 
HETATM 1592 O "O2'" . FMN B 2 .   ? -12.736 8.417   -3.942  1.00 16.45 ? 300 FMN A "O2'" 1 
HETATM 1593 C "C3'" . FMN B 2 .   ? -11.940 7.023   -5.653  1.00 10.99 ? 300 FMN A "C3'" 1 
HETATM 1594 O "O3'" . FMN B 2 .   ? -10.775 6.133   -5.919  1.00 10.49 ? 300 FMN A "O3'" 1 
HETATM 1595 C "C4'" . FMN B 2 .   ? -12.124 7.883   -6.908  1.00 11.78 ? 300 FMN A "C4'" 1 
HETATM 1596 O "O4'" . FMN B 2 .   ? -13.328 8.681   -6.518  1.00 13.99 ? 300 FMN A "O4'" 1 
HETATM 1597 C "C5'" . FMN B 2 .   ? -12.298 7.278   -8.321  1.00 11.86 ? 300 FMN A "C5'" 1 
HETATM 1598 O "O5'" . FMN B 2 .   ? -13.243 6.205   -8.085  1.00 11.20 ? 300 FMN A "O5'" 1 
HETATM 1599 P P     . FMN B 2 .   ? -12.901 4.677   -8.413  1.00 9.95  ? 300 FMN A P     1 
HETATM 1600 O O1P   . FMN B 2 .   ? -12.391 4.579   -9.820  1.00 12.30 ? 300 FMN A O1P   1 
HETATM 1601 O O2P   . FMN B 2 .   ? -14.267 4.012   -8.264  1.00 10.98 ? 300 FMN A O2P   1 
HETATM 1602 O O3P   . FMN B 2 .   ? -11.831 4.224   -7.391  1.00 10.29 ? 300 FMN A O3P   1 
HETATM 1603 O O     . HOH C 3 .   ? -8.566  1.765   -12.643 1.00 9.84  ? 301 HOH A O     1 
HETATM 1604 O O     . HOH C 3 .   ? -13.581 3.769   -12.199 1.00 17.82 ? 302 HOH A O     1 
HETATM 1605 O O     . HOH C 3 .   ? -10.319 2.817   -10.449 1.00 12.47 ? 303 HOH A O     1 
HETATM 1606 O O     . HOH C 3 .   ? -19.039 1.954   -3.823  1.00 27.66 ? 304 HOH A O     1 
HETATM 1607 O O     . HOH C 3 .   ? 8.046   -11.184 -4.099  1.00 23.70 ? 305 HOH A O     1 
HETATM 1608 O O     . HOH C 3 .   ? 9.110   -5.451  -1.690  1.00 11.82 ? 306 HOH A O     1 
HETATM 1609 O O     . HOH C 3 .   ? -10.708 -13.605 4.965   1.00 22.80 ? 307 HOH A O     1 
HETATM 1610 O O     . HOH C 3 .   ? -10.811 -4.397  -7.886  1.00 13.84 ? 308 HOH A O     1 
HETATM 1611 O O     . HOH C 3 .   ? -12.864 13.718  -13.878 1.00 21.82 ? 309 HOH A O     1 
HETATM 1612 O O     . HOH C 3 .   ? -8.094  10.037  -20.045 1.00 35.76 ? 310 HOH A O     1 
HETATM 1613 O O     . HOH C 3 .   ? -11.915 9.919   -1.549  1.00 14.95 ? 311 HOH A O     1 
HETATM 1614 O O     . HOH C 3 .   ? -14.111 -3.255  -9.861  1.00 18.93 ? 312 HOH A O     1 
HETATM 1615 O O     . HOH C 3 .   ? 8.791   -14.069 -3.457  1.00 20.75 ? 313 HOH A O     1 
HETATM 1616 O O     . HOH C 3 .   ? 13.352  -1.800  3.568   1.00 19.18 ? 314 HOH A O     1 
HETATM 1617 O O     . HOH C 3 .   ? -20.450 -5.316  2.981   1.00 26.18 ? 315 HOH A O     1 
HETATM 1618 O O     . HOH C 3 .   ? -15.884 -11.437 0.592   1.00 14.94 ? 316 HOH A O     1 
HETATM 1619 O O     . HOH C 3 .   ? 8.608   6.611   7.060   1.00 27.03 ? 317 HOH A O     1 
HETATM 1620 O O     . HOH C 3 .   ? 8.802   9.571   -2.780  1.00 17.17 ? 318 HOH A O     1 
HETATM 1621 O O     . HOH C 3 .   ? -18.098 -5.718  -9.302  1.00 43.45 ? 319 HOH A O     1 
HETATM 1622 O O     . HOH C 3 .   ? 2.954   -14.512 -6.967  1.00 28.10 ? 320 HOH A O     1 
HETATM 1623 O O     . HOH C 3 .   ? 8.451   -1.411  10.719  1.00 41.64 ? 321 HOH A O     1 
HETATM 1624 O O     . HOH C 3 .   ? -24.603 3.602   -13.759 1.00 38.20 ? 322 HOH A O     1 
HETATM 1625 O O     . HOH C 3 .   ? -11.579 2.289   -14.452 1.00 19.19 ? 323 HOH A O     1 
HETATM 1626 O O     . HOH C 3 .   ? -14.645 2.252   -15.581 1.00 41.15 ? 324 HOH A O     1 
HETATM 1627 O O     . HOH C 3 .   ? 16.847  8.923   -5.595  1.00 44.37 ? 325 HOH A O     1 
HETATM 1628 O O     . HOH C 3 .   ? 1.183   9.338   4.681   1.00 35.10 ? 326 HOH A O     1 
HETATM 1629 O O     . HOH C 3 .   ? -12.470 -8.421  -12.125 1.00 31.43 ? 327 HOH A O     1 
HETATM 1630 O O     . HOH C 3 .   ? -21.456 -15.812 -1.201  1.00 22.90 ? 328 HOH A O     1 
HETATM 1631 O O     . HOH C 3 .   ? 1.376   10.767  10.179  1.00 52.30 ? 329 HOH A O     1 
HETATM 1632 O O     . HOH C 3 .   ? -16.418 -1.259  -14.802 1.00 44.04 ? 330 HOH A O     1 
HETATM 1633 O O     . HOH C 3 .   ? -8.657  -3.025  -6.862  1.00 11.94 ? 331 HOH A O     1 
HETATM 1634 O O     . HOH C 3 .   ? -5.087  9.905   7.048   1.00 24.42 ? 332 HOH A O     1 
HETATM 1635 O O     . HOH C 3 .   ? -11.108 -16.813 -5.704  1.00 42.16 ? 333 HOH A O     1 
HETATM 1636 O O     . HOH C 3 .   ? 11.819  -1.856  -5.097  1.00 13.19 ? 334 HOH A O     1 
HETATM 1637 O O     . HOH C 3 .   ? -12.330 -2.531  -6.684  1.00 17.09 ? 335 HOH A O     1 
HETATM 1638 O O     . HOH C 3 .   ? -22.681 -0.192  -6.895  1.00 37.26 ? 336 HOH A O     1 
HETATM 1639 O O     . HOH C 3 .   ? 8.482   15.796  -31.056 1.00 46.61 ? 337 HOH A O     1 
HETATM 1640 O O     . HOH C 3 .   ? -5.343  -20.917 1.060   1.00 38.78 ? 338 HOH A O     1 
HETATM 1641 O O     . HOH C 3 .   ? -17.809 -10.298 15.108  1.00 52.86 ? 339 HOH A O     1 
HETATM 1642 O O     . HOH C 3 .   ? -10.992 -14.624 -7.215  1.00 44.22 ? 340 HOH A O     1 
HETATM 1643 O O     . HOH C 3 .   ? -15.474 5.346   -5.720  1.00 22.17 ? 341 HOH A O     1 
HETATM 1644 O O     . HOH C 3 .   ? 10.749  18.055  7.507   1.00 44.99 ? 342 HOH A O     1 
HETATM 1645 O O     . HOH C 3 .   ? 4.777   14.314  6.010   1.00 38.85 ? 343 HOH A O     1 
HETATM 1646 O O     . HOH C 3 .   ? 0.336   9.242   8.273   1.00 29.44 ? 344 HOH A O     1 
HETATM 1647 O O     . HOH C 3 .   ? -20.226 4.140   5.744   1.00 42.19 ? 345 HOH A O     1 
HETATM 1648 O O     . HOH C 3 .   ? -10.964 2.944   17.759  1.00 33.04 ? 346 HOH A O     1 
HETATM 1649 O O     . HOH C 3 .   ? -1.049  7.168   18.913  1.00 38.06 ? 347 HOH A O     1 
HETATM 1650 O O     . HOH C 3 .   ? 17.523  4.086   10.998  1.00 38.60 ? 348 HOH A O     1 
HETATM 1651 O O     . HOH C 3 .   ? -16.111 3.985   -13.409 1.00 23.95 ? 349 HOH A O     1 
HETATM 1652 O O     . HOH C 3 .   ? -0.104  18.876  -27.163 1.00 37.70 ? 350 HOH A O     1 
HETATM 1653 O O     . HOH C 3 .   ? -3.023  17.893  -25.441 1.00 43.36 ? 351 HOH A O     1 
HETATM 1654 O O     . HOH C 3 .   ? -2.311  9.202   6.802   1.00 27.06 ? 352 HOH A O     1 
HETATM 1655 O O     . HOH C 3 .   ? -16.979 6.107   1.884   1.00 35.59 ? 353 HOH A O     1 
HETATM 1656 O O     . HOH C 3 .   ? 15.749  -3.086  4.613   1.00 41.70 ? 354 HOH A O     1 
HETATM 1657 O O     . HOH C 3 .   ? -9.972  10.723  -22.390 1.00 34.24 ? 355 HOH A O     1 
HETATM 1658 O O     . HOH C 3 .   ? 2.652   -16.991 -7.834  1.00 44.75 ? 356 HOH A O     1 
HETATM 1659 O O     . HOH C 3 .   ? 10.134  14.783  0.982   1.00 37.29 ? 357 HOH A O     1 
HETATM 1660 O O     . HOH C 3 .   ? 1.436   8.386   11.485  1.00 36.90 ? 358 HOH A O     1 
HETATM 1661 O O     . HOH C 3 .   ? -5.215  13.194  20.387  1.00 29.04 ? 359 HOH A O     1 
HETATM 1662 O O     . HOH C 3 .   ? 22.729  0.595   10.187  1.00 57.68 ? 360 HOH A O     1 
HETATM 1663 O O     . HOH C 3 .   ? 9.421   8.371   9.114   1.00 35.97 ? 361 HOH A O     1 
HETATM 1664 O O     . HOH C 3 .   ? -17.693 2.873   -6.693  1.00 24.87 ? 362 HOH A O     1 
HETATM 1665 O O     . HOH C 3 .   ? -14.886 -5.646  -12.199 1.00 50.34 ? 363 HOH A O     1 
HETATM 1666 O O     . HOH C 3 .   ? -19.692 2.090   3.306   1.00 37.41 ? 364 HOH A O     1 
HETATM 1667 O O     . HOH C 3 .   ? 22.496  -3.493  6.808   1.00 43.16 ? 365 HOH A O     1 
HETATM 1668 O O     . HOH C 3 .   ? 15.307  11.050  -3.902  1.00 45.01 ? 366 HOH A O     1 
HETATM 1669 O O     . HOH C 3 .   ? -23.181 -8.522  1.457   1.00 35.52 ? 367 HOH A O     1 
HETATM 1670 O O     . HOH C 3 .   ? 10.553  -11.250 -5.159  1.00 24.74 ? 368 HOH A O     1 
HETATM 1671 O O     . HOH C 3 .   ? 8.854   -8.276  -0.501  1.00 32.62 ? 369 HOH A O     1 
HETATM 1672 O O     . HOH C 3 .   ? 16.662  11.870  -1.869  1.00 49.94 ? 370 HOH A O     1 
HETATM 1673 O O     . HOH C 3 .   ? -13.499 -7.214  -9.339  1.00 47.71 ? 371 HOH A O     1 
HETATM 1674 O O     . HOH C 3 .   ? -15.351 10.811  -3.753  1.00 49.53 ? 372 HOH A O     1 
HETATM 1675 O O     . HOH C 3 .   ? -16.099 5.296   -9.564  1.00 33.07 ? 373 HOH A O     1 
HETATM 1676 O O     . HOH C 3 .   ? 13.254  18.801  5.718   1.00 45.65 ? 374 HOH A O     1 
HETATM 1677 O O     . HOH C 3 .   ? -0.985  10.958  1.803   1.00 38.58 ? 375 HOH A O     1 
HETATM 1678 O O     . HOH C 3 .   ? -18.262 -12.897 8.261   1.00 45.85 ? 376 HOH A O     1 
HETATM 1679 O O     . HOH C 3 .   ? -17.803 3.548   14.292  1.00 48.00 ? 377 HOH A O     1 
HETATM 1680 O O     . HOH C 3 .   ? -22.324 1.526   -1.841  1.00 41.58 ? 378 HOH A O     1 
HETATM 1681 O O     . HOH C 3 .   ? -8.178  -10.380 -19.931 1.00 36.03 ? 379 HOH A O     1 
HETATM 1682 O O     . HOH C 3 .   ? -13.163 2.368   -18.727 1.00 45.49 ? 380 HOH A O     1 
HETATM 1683 O O     . HOH C 3 .   ? -20.102 -8.138  4.224   1.00 34.62 ? 381 HOH A O     1 
HETATM 1684 O O     . HOH C 3 .   ? 0.383   -18.679 -2.385  1.00 40.16 ? 382 HOH A O     1 
HETATM 1685 O O     . HOH C 3 .   ? -7.370  -15.583 9.893   1.00 62.10 ? 383 HOH A O     1 
HETATM 1686 O O     . HOH C 3 .   ? -9.819  -13.984 12.242  1.00 53.14 ? 384 HOH A O     1 
HETATM 1687 O O     . HOH C 3 .   ? -12.262 -11.132 8.707   1.00 45.75 ? 385 HOH A O     1 
HETATM 1688 O O     . HOH C 3 .   ? -19.294 -1.988  15.066  1.00 51.20 ? 386 HOH A O     1 
HETATM 1689 O O     . HOH C 3 .   ? 20.563  8.327   7.799   1.00 37.89 ? 387 HOH A O     1 
HETATM 1690 O O     . HOH C 3 .   ? 19.867  13.518  10.940  1.00 45.60 ? 388 HOH A O     1 
HETATM 1691 O O     . HOH C 3 .   ? 4.088   16.524  4.622   1.00 43.45 ? 389 HOH A O     1 
HETATM 1692 O O     . HOH C 3 .   ? -10.121 -4.292  -22.858 1.00 48.16 ? 390 HOH A O     1 
HETATM 1693 O O     . HOH C 3 .   ? -6.768  -6.351  -23.621 1.00 47.06 ? 391 HOH A O     1 
HETATM 1694 O O     . HOH C 3 .   ? 1.058   -17.155 4.516   1.00 48.74 ? 392 HOH A O     1 
HETATM 1695 O O     . HOH C 3 .   ? -12.156 -10.522 17.385  1.00 45.93 ? 393 HOH A O     1 
# 
